data_7GAO
# 
_entry.id   7GAO 
# 
_audit_conform.dict_name       mmcif_pdbx.dic 
_audit_conform.dict_version    5.396 
_audit_conform.dict_location   http://mmcif.pdb.org/dictionaries/ascii/mmcif_pdbx.dic 
# 
loop_
_database_2.database_id 
_database_2.database_code 
_database_2.pdbx_database_accession 
_database_2.pdbx_DOI 
PDB   7GAO         pdb_00007gao 10.2210/pdb7gao/pdb 
WWPDB D_1001405945 ?            ?                   
# 
_pdbx_audit_revision_history.ordinal             1 
_pdbx_audit_revision_history.data_content_type   'Structure model' 
_pdbx_audit_revision_history.major_revision      1 
_pdbx_audit_revision_history.minor_revision      0 
_pdbx_audit_revision_history.revision_date       2024-09-04 
# 
_pdbx_audit_revision_details.ordinal             1 
_pdbx_audit_revision_details.revision_ordinal    1 
_pdbx_audit_revision_details.data_content_type   'Structure model' 
_pdbx_audit_revision_details.provider            repository 
_pdbx_audit_revision_details.type                'Initial release' 
_pdbx_audit_revision_details.description         ? 
_pdbx_audit_revision_details.details             ? 
# 
_pdbx_database_status.entry_id                        7GAO 
_pdbx_database_status.status_code                     REL 
_pdbx_database_status.status_code_sf                  REL 
_pdbx_database_status.status_code_mr                  ? 
_pdbx_database_status.status_code_cs                  ? 
_pdbx_database_status.recvd_initial_deposition_date   2023-08-10 
_pdbx_database_status.status_code_nmr_data            ? 
_pdbx_database_status.deposit_site                    RCSB 
_pdbx_database_status.process_site                    RCSB 
_pdbx_database_status.SG_entry                        ? 
_pdbx_database_status.pdb_format_compatible           Y 
_pdbx_database_status.methods_development_category    ? 
# 
_pdbx_contact_author.id                 1 
_pdbx_contact_author.email              knapp@pharmchem.uni-frankfurt.de 
_pdbx_contact_author.name_first         Stefan 
_pdbx_contact_author.name_last          Knapp 
_pdbx_contact_author.role               'principal investigator/group leader' 
_pdbx_contact_author.identifier_ORCID   0000-0001-5995-6494 
_pdbx_contact_author.name_mi            ? 
# 
loop_
_audit_author.name 
_audit_author.pdbx_ordinal 
_audit_author.identifier_ORCID 
'Kumar, A.'                            1 ? 
'Marples, P.G.'                        2 ? 
'Tomlinson, C.W.E.'                    3 ? 
'Fearon, D.'                           4 ? 
'von-Delft, F.'                        5 ? 
'Knapp, S.'                            6 ? 
'Structural Genomics Consortium (SGC)' 7 ? 
# 
_citation.id                        primary 
_citation.title                     'PanDDA analysis group deposition' 
_citation.journal_abbrev            'To Be Published' 
_citation.journal_volume            ? 
_citation.page_first                ? 
_citation.page_last                 ? 
_citation.year                      ? 
_citation.journal_id_ASTM           ? 
_citation.country                   ? 
_citation.journal_id_ISSN           ? 
_citation.journal_id_CSD            0353 
_citation.book_publisher            ? 
_citation.pdbx_database_id_PubMed   ? 
_citation.pdbx_database_id_DOI      ? 
# 
loop_
_citation_author.citation_id 
_citation_author.name 
_citation_author.identifier_ORCID 
_citation_author.ordinal 
primary 'Kumar, A.'                            ? 1 
primary 'Knapp, S.'                            ? 2 
primary 'Structural Genomics Consortium (SGC)' ? 3 
# 
loop_
_entity.id 
_entity.type 
_entity.src_method 
_entity.pdbx_description 
_entity.formula_weight 
_entity.pdbx_number_of_molecules 
_entity.pdbx_ec 
_entity.pdbx_mutation 
_entity.pdbx_fragment 
_entity.details 
1 polymer     man 'Microtubule-associated proteins 1A/1B light chain 3B' 14237.361 1  ? TruncationafterGly120 ? ? 
2 non-polymer syn 'N-{4-[(morpholin-4-yl)methyl]phenyl}acetamide'        234.294   1  ? ?                     ? ? 
3 non-polymer syn 1,2-ETHANEDIOL                                         62.068    9  ? ?                     ? ? 
4 non-polymer syn 'CHLORIDE ION'                                         35.453    1  ? ?                     ? ? 
5 water       nat water                                                  18.015    92 ? ?                     ? ? 
# 
_entity_name_com.entity_id   1 
_entity_name_com.name        
;Autophagy-related protein LC3 B,Autophagy-related ubiquitin-like modifier LC3 B,MAP1 light chain 3-like protein 2,MAP1A/MAP1B light chain 3 B,MAP1A/MAP1B LC3 B,Microtubule-associated protein 1 light chain 3 beta
;
# 
_entity_poly.entity_id                      1 
_entity_poly.type                           'polypeptide(L)' 
_entity_poly.nstd_linkage                   no 
_entity_poly.nstd_monomer                   no 
_entity_poly.pdbx_seq_one_letter_code       
;SMPSEKTFKQRRTFEQRVEDVRLIREQHPTKIPVIIERYKGEKQLPVLDKTKFLVPDHVNMSELIKIIRRRLQLNANQAF
FLLVNGHSMVSVSTPISEVYESEKDEDGFLYMVYASQETFG
;
_entity_poly.pdbx_seq_one_letter_code_can   
;SMPSEKTFKQRRTFEQRVEDVRLIREQHPTKIPVIIERYKGEKQLPVLDKTKFLVPDHVNMSELIKIIRRRLQLNANQAF
FLLVNGHSMVSVSTPISEVYESEKDEDGFLYMVYASQETFG
;
_entity_poly.pdbx_strand_id                 A 
_entity_poly.pdbx_target_identifier         ? 
# 
loop_
_pdbx_entity_nonpoly.entity_id 
_pdbx_entity_nonpoly.name 
_pdbx_entity_nonpoly.comp_id 
2 'N-{4-[(morpholin-4-yl)methyl]phenyl}acetamide' RV4 
3 1,2-ETHANEDIOL                                  EDO 
4 'CHLORIDE ION'                                  CL  
5 water                                           HOH 
# 
loop_
_entity_poly_seq.entity_id 
_entity_poly_seq.num 
_entity_poly_seq.mon_id 
_entity_poly_seq.hetero 
1 1   SER n 
1 2   MET n 
1 3   PRO n 
1 4   SER n 
1 5   GLU n 
1 6   LYS n 
1 7   THR n 
1 8   PHE n 
1 9   LYS n 
1 10  GLN n 
1 11  ARG n 
1 12  ARG n 
1 13  THR n 
1 14  PHE n 
1 15  GLU n 
1 16  GLN n 
1 17  ARG n 
1 18  VAL n 
1 19  GLU n 
1 20  ASP n 
1 21  VAL n 
1 22  ARG n 
1 23  LEU n 
1 24  ILE n 
1 25  ARG n 
1 26  GLU n 
1 27  GLN n 
1 28  HIS n 
1 29  PRO n 
1 30  THR n 
1 31  LYS n 
1 32  ILE n 
1 33  PRO n 
1 34  VAL n 
1 35  ILE n 
1 36  ILE n 
1 37  GLU n 
1 38  ARG n 
1 39  TYR n 
1 40  LYS n 
1 41  GLY n 
1 42  GLU n 
1 43  LYS n 
1 44  GLN n 
1 45  LEU n 
1 46  PRO n 
1 47  VAL n 
1 48  LEU n 
1 49  ASP n 
1 50  LYS n 
1 51  THR n 
1 52  LYS n 
1 53  PHE n 
1 54  LEU n 
1 55  VAL n 
1 56  PRO n 
1 57  ASP n 
1 58  HIS n 
1 59  VAL n 
1 60  ASN n 
1 61  MET n 
1 62  SER n 
1 63  GLU n 
1 64  LEU n 
1 65  ILE n 
1 66  LYS n 
1 67  ILE n 
1 68  ILE n 
1 69  ARG n 
1 70  ARG n 
1 71  ARG n 
1 72  LEU n 
1 73  GLN n 
1 74  LEU n 
1 75  ASN n 
1 76  ALA n 
1 77  ASN n 
1 78  GLN n 
1 79  ALA n 
1 80  PHE n 
1 81  PHE n 
1 82  LEU n 
1 83  LEU n 
1 84  VAL n 
1 85  ASN n 
1 86  GLY n 
1 87  HIS n 
1 88  SER n 
1 89  MET n 
1 90  VAL n 
1 91  SER n 
1 92  VAL n 
1 93  SER n 
1 94  THR n 
1 95  PRO n 
1 96  ILE n 
1 97  SER n 
1 98  GLU n 
1 99  VAL n 
1 100 TYR n 
1 101 GLU n 
1 102 SER n 
1 103 GLU n 
1 104 LYS n 
1 105 ASP n 
1 106 GLU n 
1 107 ASP n 
1 108 GLY n 
1 109 PHE n 
1 110 LEU n 
1 111 TYR n 
1 112 MET n 
1 113 VAL n 
1 114 TYR n 
1 115 ALA n 
1 116 SER n 
1 117 GLN n 
1 118 GLU n 
1 119 THR n 
1 120 PHE n 
1 121 GLY n 
# 
_entity_src_gen.entity_id                          1 
_entity_src_gen.pdbx_src_id                        1 
_entity_src_gen.pdbx_alt_source_flag               sample 
_entity_src_gen.pdbx_seq_type                      'Biological sequence' 
_entity_src_gen.pdbx_beg_seq_num                   1 
_entity_src_gen.pdbx_end_seq_num                   121 
_entity_src_gen.gene_src_common_name               human 
_entity_src_gen.gene_src_genus                     ? 
_entity_src_gen.pdbx_gene_src_gene                 'MAP1LC3B, MAP1ALC3' 
_entity_src_gen.gene_src_species                   ? 
_entity_src_gen.gene_src_strain                    ? 
_entity_src_gen.gene_src_tissue                    ? 
_entity_src_gen.gene_src_tissue_fraction           ? 
_entity_src_gen.gene_src_details                   ? 
_entity_src_gen.pdbx_gene_src_fragment             ? 
_entity_src_gen.pdbx_gene_src_scientific_name      'Homo sapiens' 
_entity_src_gen.pdbx_gene_src_ncbi_taxonomy_id     9606 
_entity_src_gen.pdbx_gene_src_variant              ? 
_entity_src_gen.pdbx_gene_src_cell_line            ? 
_entity_src_gen.pdbx_gene_src_atcc                 ? 
_entity_src_gen.pdbx_gene_src_organ                ? 
_entity_src_gen.pdbx_gene_src_organelle            ? 
_entity_src_gen.pdbx_gene_src_cell                 ? 
_entity_src_gen.pdbx_gene_src_cellular_location    ? 
_entity_src_gen.host_org_common_name               ? 
_entity_src_gen.pdbx_host_org_scientific_name      'Escherichia coli' 
_entity_src_gen.pdbx_host_org_ncbi_taxonomy_id     562 
_entity_src_gen.host_org_genus                     ? 
_entity_src_gen.pdbx_host_org_gene                 ? 
_entity_src_gen.pdbx_host_org_organ                ? 
_entity_src_gen.host_org_species                   ? 
_entity_src_gen.pdbx_host_org_tissue               ? 
_entity_src_gen.pdbx_host_org_tissue_fraction      ? 
_entity_src_gen.pdbx_host_org_strain               ? 
_entity_src_gen.pdbx_host_org_variant              ? 
_entity_src_gen.pdbx_host_org_cell_line            ? 
_entity_src_gen.pdbx_host_org_atcc                 ? 
_entity_src_gen.pdbx_host_org_culture_collection   ? 
_entity_src_gen.pdbx_host_org_cell                 ? 
_entity_src_gen.pdbx_host_org_organelle            ? 
_entity_src_gen.pdbx_host_org_cellular_location    ? 
_entity_src_gen.pdbx_host_org_vector_type          ? 
_entity_src_gen.pdbx_host_org_vector               ? 
_entity_src_gen.host_org_details                   ? 
_entity_src_gen.expression_system_id               ? 
_entity_src_gen.plasmid_name                       ? 
_entity_src_gen.plasmid_details                    ? 
_entity_src_gen.pdbx_description                   ? 
# 
loop_
_chem_comp.id 
_chem_comp.type 
_chem_comp.mon_nstd_flag 
_chem_comp.name 
_chem_comp.pdbx_synonyms 
_chem_comp.formula 
_chem_comp.formula_weight 
ALA 'L-peptide linking' y ALANINE                                         ?                 'C3 H7 N O2'     89.093  
ARG 'L-peptide linking' y ARGININE                                        ?                 'C6 H15 N4 O2 1' 175.209 
ASN 'L-peptide linking' y ASPARAGINE                                      ?                 'C4 H8 N2 O3'    132.118 
ASP 'L-peptide linking' y 'ASPARTIC ACID'                                 ?                 'C4 H7 N O4'     133.103 
CL  non-polymer         . 'CHLORIDE ION'                                  ?                 'Cl -1'          35.453  
EDO non-polymer         . 1,2-ETHANEDIOL                                  'ETHYLENE GLYCOL' 'C2 H6 O2'       62.068  
GLN 'L-peptide linking' y GLUTAMINE                                       ?                 'C5 H10 N2 O3'   146.144 
GLU 'L-peptide linking' y 'GLUTAMIC ACID'                                 ?                 'C5 H9 N O4'     147.129 
GLY 'peptide linking'   y GLYCINE                                         ?                 'C2 H5 N O2'     75.067  
HIS 'L-peptide linking' y HISTIDINE                                       ?                 'C6 H10 N3 O2 1' 156.162 
HOH non-polymer         . WATER                                           ?                 'H2 O'           18.015  
ILE 'L-peptide linking' y ISOLEUCINE                                      ?                 'C6 H13 N O2'    131.173 
LEU 'L-peptide linking' y LEUCINE                                         ?                 'C6 H13 N O2'    131.173 
LYS 'L-peptide linking' y LYSINE                                          ?                 'C6 H15 N2 O2 1' 147.195 
MET 'L-peptide linking' y METHIONINE                                      ?                 'C5 H11 N O2 S'  149.211 
PHE 'L-peptide linking' y PHENYLALANINE                                   ?                 'C9 H11 N O2'    165.189 
PRO 'L-peptide linking' y PROLINE                                         ?                 'C5 H9 N O2'     115.130 
RV4 non-polymer         . 'N-{4-[(morpholin-4-yl)methyl]phenyl}acetamide' ?                 'C13 H18 N2 O2'  234.294 
SER 'L-peptide linking' y SERINE                                          ?                 'C3 H7 N O3'     105.093 
THR 'L-peptide linking' y THREONINE                                       ?                 'C4 H9 N O3'     119.119 
TYR 'L-peptide linking' y TYROSINE                                        ?                 'C9 H11 N O3'    181.189 
VAL 'L-peptide linking' y VALINE                                          ?                 'C5 H11 N O2'    117.146 
# 
loop_
_pdbx_poly_seq_scheme.asym_id 
_pdbx_poly_seq_scheme.entity_id 
_pdbx_poly_seq_scheme.seq_id 
_pdbx_poly_seq_scheme.mon_id 
_pdbx_poly_seq_scheme.ndb_seq_num 
_pdbx_poly_seq_scheme.pdb_seq_num 
_pdbx_poly_seq_scheme.auth_seq_num 
_pdbx_poly_seq_scheme.pdb_mon_id 
_pdbx_poly_seq_scheme.auth_mon_id 
_pdbx_poly_seq_scheme.pdb_strand_id 
_pdbx_poly_seq_scheme.pdb_ins_code 
_pdbx_poly_seq_scheme.hetero 
A 1 1   SER 1   0   ?   ?   ?   A . n 
A 1 2   MET 2   1   ?   ?   ?   A . n 
A 1 3   PRO 3   2   ?   ?   ?   A . n 
A 1 4   SER 4   3   ?   ?   ?   A . n 
A 1 5   GLU 5   4   ?   ?   ?   A . n 
A 1 6   LYS 6   5   5   LYS LYS A . n 
A 1 7   THR 7   6   6   THR THR A . n 
A 1 8   PHE 8   7   7   PHE PHE A . n 
A 1 9   LYS 9   8   8   LYS LYS A . n 
A 1 10  GLN 10  9   9   GLN GLN A . n 
A 1 11  ARG 11  10  10  ARG ARG A . n 
A 1 12  ARG 12  11  11  ARG ARG A . n 
A 1 13  THR 13  12  12  THR THR A . n 
A 1 14  PHE 14  13  13  PHE PHE A . n 
A 1 15  GLU 15  14  14  GLU GLU A . n 
A 1 16  GLN 16  15  15  GLN GLN A . n 
A 1 17  ARG 17  16  16  ARG ARG A . n 
A 1 18  VAL 18  17  17  VAL VAL A . n 
A 1 19  GLU 19  18  18  GLU GLU A . n 
A 1 20  ASP 20  19  19  ASP ASP A . n 
A 1 21  VAL 21  20  20  VAL VAL A . n 
A 1 22  ARG 22  21  21  ARG ARG A . n 
A 1 23  LEU 23  22  22  LEU LEU A . n 
A 1 24  ILE 24  23  23  ILE ILE A . n 
A 1 25  ARG 25  24  24  ARG ARG A . n 
A 1 26  GLU 26  25  25  GLU GLU A . n 
A 1 27  GLN 27  26  26  GLN GLN A . n 
A 1 28  HIS 28  27  27  HIS HIS A . n 
A 1 29  PRO 29  28  28  PRO PRO A . n 
A 1 30  THR 30  29  29  THR THR A . n 
A 1 31  LYS 31  30  30  LYS LYS A . n 
A 1 32  ILE 32  31  31  ILE ILE A . n 
A 1 33  PRO 33  32  32  PRO PRO A . n 
A 1 34  VAL 34  33  33  VAL VAL A . n 
A 1 35  ILE 35  34  34  ILE ILE A . n 
A 1 36  ILE 36  35  35  ILE ILE A . n 
A 1 37  GLU 37  36  36  GLU GLU A . n 
A 1 38  ARG 38  37  37  ARG ARG A . n 
A 1 39  TYR 39  38  38  TYR TYR A . n 
A 1 40  LYS 40  39  39  LYS LYS A . n 
A 1 41  GLY 41  40  40  GLY GLY A . n 
A 1 42  GLU 42  41  41  GLU GLU A . n 
A 1 43  LYS 43  42  42  LYS LYS A . n 
A 1 44  GLN 44  43  43  GLN GLN A . n 
A 1 45  LEU 45  44  44  LEU LEU A . n 
A 1 46  PRO 46  45  45  PRO PRO A . n 
A 1 47  VAL 47  46  46  VAL VAL A . n 
A 1 48  LEU 48  47  47  LEU LEU A . n 
A 1 49  ASP 49  48  48  ASP ASP A . n 
A 1 50  LYS 50  49  49  LYS LYS A . n 
A 1 51  THR 51  50  50  THR THR A . n 
A 1 52  LYS 52  51  51  LYS LYS A . n 
A 1 53  PHE 53  52  52  PHE PHE A . n 
A 1 54  LEU 54  53  53  LEU LEU A . n 
A 1 55  VAL 55  54  54  VAL VAL A . n 
A 1 56  PRO 56  55  55  PRO PRO A . n 
A 1 57  ASP 57  56  56  ASP ASP A . n 
A 1 58  HIS 58  57  57  HIS HIS A . n 
A 1 59  VAL 59  58  58  VAL VAL A . n 
A 1 60  ASN 60  59  59  ASN ASN A . n 
A 1 61  MET 61  60  60  MET MET A . n 
A 1 62  SER 62  61  61  SER SER A . n 
A 1 63  GLU 63  62  62  GLU GLU A . n 
A 1 64  LEU 64  63  63  LEU LEU A . n 
A 1 65  ILE 65  64  64  ILE ILE A . n 
A 1 66  LYS 66  65  65  LYS LYS A . n 
A 1 67  ILE 67  66  66  ILE ILE A . n 
A 1 68  ILE 68  67  67  ILE ILE A . n 
A 1 69  ARG 69  68  68  ARG ARG A . n 
A 1 70  ARG 70  69  69  ARG ARG A . n 
A 1 71  ARG 71  70  70  ARG ARG A . n 
A 1 72  LEU 72  71  71  LEU LEU A . n 
A 1 73  GLN 73  72  72  GLN GLN A . n 
A 1 74  LEU 74  73  73  LEU LEU A . n 
A 1 75  ASN 75  74  74  ASN ASN A . n 
A 1 76  ALA 76  75  75  ALA ALA A . n 
A 1 77  ASN 77  76  76  ASN ASN A . n 
A 1 78  GLN 78  77  77  GLN GLN A . n 
A 1 79  ALA 79  78  78  ALA ALA A . n 
A 1 80  PHE 80  79  79  PHE PHE A . n 
A 1 81  PHE 81  80  80  PHE PHE A . n 
A 1 82  LEU 82  81  81  LEU LEU A . n 
A 1 83  LEU 83  82  82  LEU LEU A . n 
A 1 84  VAL 84  83  83  VAL VAL A . n 
A 1 85  ASN 85  84  84  ASN ASN A . n 
A 1 86  GLY 86  85  85  GLY GLY A . n 
A 1 87  HIS 87  86  86  HIS HIS A . n 
A 1 88  SER 88  87  87  SER SER A . n 
A 1 89  MET 89  88  88  MET MET A . n 
A 1 90  VAL 90  89  89  VAL VAL A . n 
A 1 91  SER 91  90  90  SER SER A . n 
A 1 92  VAL 92  91  91  VAL VAL A . n 
A 1 93  SER 93  92  92  SER SER A . n 
A 1 94  THR 94  93  93  THR THR A . n 
A 1 95  PRO 95  94  94  PRO PRO A . n 
A 1 96  ILE 96  95  95  ILE ILE A . n 
A 1 97  SER 97  96  96  SER SER A . n 
A 1 98  GLU 98  97  97  GLU GLU A . n 
A 1 99  VAL 99  98  98  VAL VAL A . n 
A 1 100 TYR 100 99  99  TYR TYR A . n 
A 1 101 GLU 101 100 100 GLU GLU A . n 
A 1 102 SER 102 101 101 SER SER A . n 
A 1 103 GLU 103 102 102 GLU GLU A . n 
A 1 104 LYS 104 103 103 LYS LYS A . n 
A 1 105 ASP 105 104 104 ASP ASP A . n 
A 1 106 GLU 106 105 105 GLU GLU A . n 
A 1 107 ASP 107 106 106 ASP ASP A . n 
A 1 108 GLY 108 107 107 GLY GLY A . n 
A 1 109 PHE 109 108 108 PHE PHE A . n 
A 1 110 LEU 110 109 109 LEU LEU A . n 
A 1 111 TYR 111 110 110 TYR TYR A . n 
A 1 112 MET 112 111 111 MET MET A . n 
A 1 113 VAL 113 112 112 VAL VAL A . n 
A 1 114 TYR 114 113 113 TYR TYR A . n 
A 1 115 ALA 115 114 114 ALA ALA A . n 
A 1 116 SER 116 115 115 SER SER A . n 
A 1 117 GLN 117 116 116 GLN GLN A . n 
A 1 118 GLU 118 117 117 GLU GLU A . n 
A 1 119 THR 119 118 118 THR THR A . n 
A 1 120 PHE 120 119 119 PHE PHE A . n 
A 1 121 GLY 121 120 ?   ?   ?   A . n 
# 
_pdbx_entity_instance_feature.ordinal        1 
_pdbx_entity_instance_feature.comp_id        RV4 
_pdbx_entity_instance_feature.asym_id        ? 
_pdbx_entity_instance_feature.seq_num        ? 
_pdbx_entity_instance_feature.auth_comp_id   RV4 
_pdbx_entity_instance_feature.auth_asym_id   ? 
_pdbx_entity_instance_feature.auth_seq_num   ? 
_pdbx_entity_instance_feature.feature_type   'SUBJECT OF INVESTIGATION' 
_pdbx_entity_instance_feature.details        ? 
# 
loop_
_pdbx_nonpoly_scheme.asym_id 
_pdbx_nonpoly_scheme.entity_id 
_pdbx_nonpoly_scheme.mon_id 
_pdbx_nonpoly_scheme.ndb_seq_num 
_pdbx_nonpoly_scheme.pdb_seq_num 
_pdbx_nonpoly_scheme.auth_seq_num 
_pdbx_nonpoly_scheme.pdb_mon_id 
_pdbx_nonpoly_scheme.auth_mon_id 
_pdbx_nonpoly_scheme.pdb_strand_id 
_pdbx_nonpoly_scheme.pdb_ins_code 
B 2 RV4 1  201 201 RV4 LIG A . 
C 3 EDO 1  202 105 EDO EDO A . 
D 3 EDO 1  203 106 EDO EDO A . 
E 3 EDO 1  204 107 EDO EDO A . 
F 3 EDO 1  205 108 EDO EDO A . 
G 3 EDO 1  206 109 EDO EDO A . 
H 3 EDO 1  207 110 EDO EDO A . 
I 3 EDO 1  208 111 EDO EDO A . 
J 3 EDO 1  209 112 EDO EDO A . 
K 3 EDO 1  210 113 EDO EDO A . 
L 4 CL  1  211 114 CL  CL  A . 
M 5 HOH 1  301 55  HOH HOH A . 
M 5 HOH 2  302 40  HOH HOH A . 
M 5 HOH 3  303 86  HOH HOH A . 
M 5 HOH 4  304 62  HOH HOH A . 
M 5 HOH 5  305 21  HOH HOH A . 
M 5 HOH 6  306 82  HOH HOH A . 
M 5 HOH 7  307 52  HOH HOH A . 
M 5 HOH 8  308 56  HOH HOH A . 
M 5 HOH 9  309 22  HOH HOH A . 
M 5 HOH 10 310 81  HOH HOH A . 
M 5 HOH 11 311 42  HOH HOH A . 
M 5 HOH 12 312 34  HOH HOH A . 
M 5 HOH 13 313 10  HOH HOH A . 
M 5 HOH 14 314 91  HOH HOH A . 
M 5 HOH 15 315 33  HOH HOH A . 
M 5 HOH 16 316 27  HOH HOH A . 
M 5 HOH 17 317 89  HOH HOH A . 
M 5 HOH 18 318 9   HOH HOH A . 
M 5 HOH 19 319 77  HOH HOH A . 
M 5 HOH 20 320 87  HOH HOH A . 
M 5 HOH 21 321 38  HOH HOH A . 
M 5 HOH 22 322 19  HOH HOH A . 
M 5 HOH 23 323 16  HOH HOH A . 
M 5 HOH 24 324 44  HOH HOH A . 
M 5 HOH 25 325 17  HOH HOH A . 
M 5 HOH 26 326 7   HOH HOH A . 
M 5 HOH 27 327 53  HOH HOH A . 
M 5 HOH 28 328 8   HOH HOH A . 
M 5 HOH 29 329 12  HOH HOH A . 
M 5 HOH 30 330 49  HOH HOH A . 
M 5 HOH 31 331 41  HOH HOH A . 
M 5 HOH 32 332 4   HOH HOH A . 
M 5 HOH 33 333 2   HOH HOH A . 
M 5 HOH 34 334 23  HOH HOH A . 
M 5 HOH 35 335 64  HOH HOH A . 
M 5 HOH 36 336 13  HOH HOH A . 
M 5 HOH 37 337 25  HOH HOH A . 
M 5 HOH 38 338 83  HOH HOH A . 
M 5 HOH 39 339 32  HOH HOH A . 
M 5 HOH 40 340 71  HOH HOH A . 
M 5 HOH 41 341 45  HOH HOH A . 
M 5 HOH 42 342 5   HOH HOH A . 
M 5 HOH 43 343 15  HOH HOH A . 
M 5 HOH 44 344 72  HOH HOH A . 
M 5 HOH 45 345 43  HOH HOH A . 
M 5 HOH 46 346 3   HOH HOH A . 
M 5 HOH 47 347 47  HOH HOH A . 
M 5 HOH 48 348 63  HOH HOH A . 
M 5 HOH 49 349 1   HOH HOH A . 
M 5 HOH 50 350 48  HOH HOH A . 
M 5 HOH 51 351 18  HOH HOH A . 
M 5 HOH 52 352 37  HOH HOH A . 
M 5 HOH 53 353 80  HOH HOH A . 
M 5 HOH 54 354 57  HOH HOH A . 
M 5 HOH 55 355 36  HOH HOH A . 
M 5 HOH 56 356 31  HOH HOH A . 
M 5 HOH 57 357 6   HOH HOH A . 
M 5 HOH 58 358 11  HOH HOH A . 
M 5 HOH 59 359 60  HOH HOH A . 
M 5 HOH 60 360 75  HOH HOH A . 
M 5 HOH 61 361 69  HOH HOH A . 
M 5 HOH 62 362 24  HOH HOH A . 
M 5 HOH 63 363 84  HOH HOH A . 
M 5 HOH 64 364 30  HOH HOH A . 
M 5 HOH 65 365 14  HOH HOH A . 
M 5 HOH 66 366 59  HOH HOH A . 
M 5 HOH 67 367 35  HOH HOH A . 
M 5 HOH 68 368 92  HOH HOH A . 
M 5 HOH 69 369 66  HOH HOH A . 
M 5 HOH 70 370 76  HOH HOH A . 
M 5 HOH 71 371 20  HOH HOH A . 
M 5 HOH 72 372 68  HOH HOH A . 
M 5 HOH 73 373 79  HOH HOH A . 
M 5 HOH 74 374 93  HOH HOH A . 
M 5 HOH 75 375 46  HOH HOH A . 
M 5 HOH 76 376 90  HOH HOH A . 
M 5 HOH 77 377 58  HOH HOH A . 
M 5 HOH 78 378 39  HOH HOH A . 
M 5 HOH 79 379 78  HOH HOH A . 
M 5 HOH 80 380 67  HOH HOH A . 
M 5 HOH 81 381 26  HOH HOH A . 
M 5 HOH 82 382 88  HOH HOH A . 
M 5 HOH 83 383 28  HOH HOH A . 
M 5 HOH 84 384 51  HOH HOH A . 
M 5 HOH 85 385 61  HOH HOH A . 
M 5 HOH 86 386 65  HOH HOH A . 
M 5 HOH 87 387 29  HOH HOH A . 
M 5 HOH 88 388 54  HOH HOH A . 
M 5 HOH 89 389 70  HOH HOH A . 
M 5 HOH 90 390 85  HOH HOH A . 
M 5 HOH 91 391 50  HOH HOH A . 
M 5 HOH 92 392 94  HOH HOH A . 
# 
loop_
_pdbx_unobs_or_zero_occ_atoms.id 
_pdbx_unobs_or_zero_occ_atoms.PDB_model_num 
_pdbx_unobs_or_zero_occ_atoms.polymer_flag 
_pdbx_unobs_or_zero_occ_atoms.occupancy_flag 
_pdbx_unobs_or_zero_occ_atoms.auth_asym_id 
_pdbx_unobs_or_zero_occ_atoms.auth_comp_id 
_pdbx_unobs_or_zero_occ_atoms.auth_seq_id 
_pdbx_unobs_or_zero_occ_atoms.PDB_ins_code 
_pdbx_unobs_or_zero_occ_atoms.auth_atom_id 
_pdbx_unobs_or_zero_occ_atoms.label_alt_id 
_pdbx_unobs_or_zero_occ_atoms.label_asym_id 
_pdbx_unobs_or_zero_occ_atoms.label_comp_id 
_pdbx_unobs_or_zero_occ_atoms.label_seq_id 
_pdbx_unobs_or_zero_occ_atoms.label_atom_id 
1 1 Y 1 A GLN 116 ? CG  ? A GLN 117 CG  
2 1 Y 1 A GLN 116 ? CD  ? A GLN 117 CD  
3 1 Y 1 A GLN 116 ? OE1 ? A GLN 117 OE1 
4 1 Y 1 A GLN 116 ? NE2 ? A GLN 117 NE2 
5 1 Y 1 A THR 118 ? OG1 ? A THR 119 OG1 
6 1 Y 1 A THR 118 ? CG2 ? A THR 119 CG2 
# 
loop_
_software.pdbx_ordinal 
_software.name 
_software.version 
_software.date 
_software.type 
_software.contact_author 
_software.contact_author_email 
_software.classification 
_software.location 
_software.language 
_software.citation_id 
1 REFMAC      5.8.0267 ?               program 'Garib N. Murshudov' garib@ysbl.york.ac.uk    refinement        
http://www.ccp4.ac.uk/dist/html/refmac5.html        Fortran_77 ? 
2 Aimless     0.7.7    23/04/21        program 'Phil Evans'         ?                        'data scaling'    
http://www.mrc-lmb.cam.ac.uk/harry/pre/aimless.html ?          ? 
3 PDB_EXTRACT 3.23     'SEP. 23, 2016' package PDB                  deposit@deposit.rcsb.org 'data extraction' 
http://sw-tools.pdb.org/apps/PDB_EXTRACT/           C++        ? 
4 XDS         .        ?               program ?                    ?                        'data reduction'  ? ?          ? 
5 REFMAC      .        ?               program ?                    ?                        phasing           ? ?          ? 
# 
_cell.entry_id           7GAO 
_cell.length_a           61.070 
_cell.length_b           61.070 
_cell.length_c           35.296 
_cell.angle_alpha        90.000 
_cell.angle_beta         90.000 
_cell.angle_gamma        90.000 
_cell.Z_PDB              4 
_cell.pdbx_unique_axis   ? 
# 
_symmetry.entry_id                         7GAO 
_symmetry.space_group_name_H-M             'P 43' 
_symmetry.pdbx_full_space_group_name_H-M   ? 
_symmetry.cell_setting                     ? 
_symmetry.Int_Tables_number                78 
# 
_exptl.crystals_number   1 
_exptl.entry_id          7GAO 
_exptl.method            'X-RAY DIFFRACTION' 
# 
_exptl_crystal.id                    1 
_exptl_crystal.pdbx_mosaicity        0.000 
_exptl_crystal.pdbx_mosaicity_esd    ? 
_exptl_crystal.density_Matthews      2.22 
_exptl_crystal.density_diffrn        ? 
_exptl_crystal.density_meas          ? 
_exptl_crystal.density_meas_temp     ? 
_exptl_crystal.density_percent_sol   44.70 
_exptl_crystal.size_max              ? 
_exptl_crystal.size_mid              ? 
_exptl_crystal.size_min              ? 
_exptl_crystal.size_rad              ? 
_exptl_crystal.description           ? 
# 
_exptl_crystal_grow.crystal_id      1 
_exptl_crystal_grow.method          'VAPOR DIFFUSION, SITTING DROP' 
_exptl_crystal_grow.pH              4.7 
_exptl_crystal_grow.temp            293 
_exptl_crystal_grow.pdbx_details    '36% PEG 8000, 0.1M acetate pH 4.7' 
_exptl_crystal_grow.temp_details    ? 
_exptl_crystal_grow.pdbx_pH_range   ? 
# 
_diffrn.id                     1 
_diffrn.ambient_temp           100 
_diffrn.crystal_id             1 
_diffrn.ambient_temp_details   ? 
# 
_diffrn_detector.detector               PIXEL 
_diffrn_detector.type                   'DECTRIS PILATUS 6M' 
_diffrn_detector.pdbx_collection_date   2023-02-10 
_diffrn_detector.diffrn_id              1 
_diffrn_detector.details                ? 
# 
_diffrn_radiation.diffrn_id                        1 
_diffrn_radiation.wavelength_id                    1 
_diffrn_radiation.pdbx_diffrn_protocol             'SINGLE WAVELENGTH' 
_diffrn_radiation.pdbx_monochromatic_or_laue_m_l   ? 
_diffrn_radiation.monochromator                    ? 
_diffrn_radiation.pdbx_scattering_type             x-ray 
# 
_diffrn_radiation_wavelength.id           1 
_diffrn_radiation_wavelength.wavelength   0.92124 
_diffrn_radiation_wavelength.wt           1.0 
# 
_diffrn_source.diffrn_id                   1 
_diffrn_source.source                      SYNCHROTRON 
_diffrn_source.type                        'DIAMOND BEAMLINE I04-1' 
_diffrn_source.pdbx_wavelength_list        0.92124 
_diffrn_source.pdbx_synchrotron_site       Diamond 
_diffrn_source.pdbx_synchrotron_beamline   I04-1 
_diffrn_source.pdbx_wavelength             ? 
# 
_reflns.entry_id                     7GAO 
_reflns.pdbx_diffrn_id               1 
_reflns.pdbx_ordinal                 1 
_reflns.observed_criterion_sigma_I   ? 
_reflns.observed_criterion_sigma_F   ? 
_reflns.d_resolution_low             30.560 
_reflns.d_resolution_high            1.690 
_reflns.number_obs                   14738 
_reflns.number_all                   ? 
_reflns.percent_possible_obs         99.900 
_reflns.pdbx_Rmerge_I_obs            0.262 
_reflns.pdbx_Rsym_value              ? 
_reflns.pdbx_netI_over_sigmaI        10.200 
_reflns.B_iso_Wilson_estimate        ? 
_reflns.pdbx_redundancy              13.700 
_reflns.pdbx_Rrim_I_all              0.273 
_reflns.pdbx_Rpim_I_all              0.074 
_reflns.pdbx_CC_half                 0.997 
_reflns.pdbx_netI_over_av_sigmaI     ? 
_reflns.pdbx_number_measured_all     201357 
_reflns.pdbx_scaling_rejects         0 
_reflns.pdbx_chi_squared             ? 
_reflns.Rmerge_F_all                 ? 
_reflns.Rmerge_F_obs                 ? 
_reflns.observed_criterion_F_max     ? 
_reflns.observed_criterion_F_min     ? 
_reflns.observed_criterion_I_max     ? 
_reflns.observed_criterion_I_min     ? 
_reflns.pdbx_d_res_high_opt          ? 
_reflns.pdbx_d_res_low_opt           ? 
_reflns.details                      ? 
_reflns.pdbx_CC_star                 ? 
# 
loop_
_reflns_shell.pdbx_diffrn_id 
_reflns_shell.pdbx_ordinal 
_reflns_shell.d_res_high 
_reflns_shell.d_res_low 
_reflns_shell.number_measured_obs 
_reflns_shell.number_measured_all 
_reflns_shell.number_unique_obs 
_reflns_shell.pdbx_rejects 
_reflns_shell.Rmerge_I_obs 
_reflns_shell.meanI_over_sigI_obs 
_reflns_shell.pdbx_Rsym_value 
_reflns_shell.pdbx_chi_squared 
_reflns_shell.pdbx_redundancy 
_reflns_shell.percent_possible_obs 
_reflns_shell.pdbx_netI_over_sigmaI_obs 
_reflns_shell.number_possible 
_reflns_shell.number_unique_all 
_reflns_shell.Rmerge_F_all 
_reflns_shell.Rmerge_F_obs 
_reflns_shell.Rmerge_I_all 
_reflns_shell.meanI_over_sigI_all 
_reflns_shell.percent_possible_all 
_reflns_shell.pdbx_Rrim_I_all 
_reflns_shell.pdbx_Rpim_I_all 
_reflns_shell.pdbx_CC_half 
_reflns_shell.pdbx_CC_star 
1 1 1.690 1.720  ? 10272 749 ? ? ? ? ? 13.700 ? 0.500  ? ? ? ? ? ? 99.100 13.865 3.716 0.345 ? 
1 2 9.110 30.560 ? 1157  107 ? ? ? ? ? 10.800 ? 42.900 ? ? ? ? ? ? 98.600 0.154  0.047 0.996 ? 
# 
_refine.entry_id                                 7GAO 
_refine.pdbx_refine_id                           'X-RAY DIFFRACTION' 
_refine.ls_d_res_high                            1.6900 
_refine.ls_d_res_low                             30.5800 
_refine.pdbx_ls_sigma_F                          0.000 
_refine.pdbx_data_cutoff_high_absF               ? 
_refine.pdbx_data_cutoff_low_absF                ? 
_refine.ls_percent_reflns_obs                    99.8300 
_refine.ls_number_reflns_obs                     14048 
_refine.ls_number_reflns_all                     ? 
_refine.pdbx_ls_cross_valid_method               THROUGHOUT 
_refine.ls_matrix_type                           ? 
_refine.pdbx_R_Free_selection_details            RANDOM 
_refine.details                                  
'HYDROGENS HAVE BEEN ADDED IN THE RIDING POSITIONS U VALUES      : REFINED INDIVIDUALLY' 
_refine.ls_R_factor_all                          ? 
_refine.ls_R_factor_obs                          0.1933 
_refine.ls_R_factor_R_work                       0.1922 
_refine.ls_wR_factor_R_work                      ? 
_refine.ls_R_factor_R_free                       0.2181 
_refine.ls_wR_factor_R_free                      ? 
_refine.ls_percent_reflns_R_free                 4.5000 
_refine.ls_number_reflns_R_free                  660 
_refine.ls_number_reflns_R_work                  ? 
_refine.ls_R_factor_R_free_error                 ? 
_refine.B_iso_mean                               35.0800 
_refine.solvent_model_param_bsol                 ? 
_refine.solvent_model_param_ksol                 ? 
_refine.pdbx_isotropic_thermal_model             ? 
_refine.aniso_B[1][1]                            -0.4300 
_refine.aniso_B[2][2]                            -0.4300 
_refine.aniso_B[3][3]                            0.8600 
_refine.aniso_B[1][2]                            0.0000 
_refine.aniso_B[1][3]                            0.0000 
_refine.aniso_B[2][3]                            0.0000 
_refine.correlation_coeff_Fo_to_Fc               0.9660 
_refine.correlation_coeff_Fo_to_Fc_free          0.9650 
_refine.overall_SU_R_Cruickshank_DPI             ? 
_refine.pdbx_overall_SU_R_free_Cruickshank_DPI   ? 
_refine.pdbx_overall_SU_R_Blow_DPI               ? 
_refine.pdbx_overall_SU_R_free_Blow_DPI          ? 
_refine.overall_SU_R_free                        ? 
_refine.pdbx_overall_ESU_R                       0.1260 
_refine.pdbx_overall_ESU_R_Free                  0.1140 
_refine.overall_SU_ML                            0.1290 
_refine.overall_SU_B                             4.3990 
_refine.solvent_model_details                    MASK 
_refine.pdbx_solvent_vdw_probe_radii             1.2000 
_refine.pdbx_solvent_ion_probe_radii             0.8000 
_refine.pdbx_solvent_shrinkage_radii             0.8000 
_refine.ls_number_parameters                     ? 
_refine.ls_number_restraints                     ? 
_refine.pdbx_starting_model                      8Q53 
_refine.pdbx_method_to_determine_struct          'FOURIER SYNTHESIS' 
_refine.pdbx_stereochemistry_target_values       'MAXIMUM LIKELIHOOD' 
_refine.pdbx_stereochem_target_val_spec_case     ? 
_refine.overall_FOM_work_R_set                   ? 
_refine.B_iso_max                                115.970 
_refine.B_iso_min                                20.290 
_refine.pdbx_overall_phase_error                 ? 
_refine.occupancy_max                            ? 
_refine.occupancy_min                            ? 
_refine.pdbx_diffrn_id                           1 
_refine.pdbx_TLS_residual_ADP_flag               ? 
_refine.pdbx_ls_sigma_I                          ? 
_refine.pdbx_data_cutoff_high_rms_absF           ? 
_refine.ls_R_factor_R_free_error_details         ? 
# 
_refine_hist.cycle_id                         final 
_refine_hist.pdbx_refine_id                   'X-RAY DIFFRACTION' 
_refine_hist.d_res_high                       1.6900 
_refine_hist.d_res_low                        30.5800 
_refine_hist.pdbx_number_atoms_ligand         54 
_refine_hist.number_atoms_solvent             92 
_refine_hist.number_atoms_total               1100 
_refine_hist.pdbx_number_residues_total       113 
_refine_hist.pdbx_B_iso_mean_ligand           56.25 
_refine_hist.pdbx_B_iso_mean_solvent          45.40 
_refine_hist.pdbx_number_atoms_protein        954 
_refine_hist.pdbx_number_atoms_nucleic_acid   0 
# 
loop_
_refine_ls_restr.pdbx_refine_id 
_refine_ls_restr.type 
_refine_ls_restr.number 
_refine_ls_restr.dev_ideal 
_refine_ls_restr.dev_ideal_target 
_refine_ls_restr.weight 
_refine_ls_restr.pdbx_restraint_function 
'X-RAY DIFFRACTION' r_bond_refined_d       1355 0.007  0.014  ? ? 
'X-RAY DIFFRACTION' r_bond_other_d         1232 0.001  0.014  ? ? 
'X-RAY DIFFRACTION' r_angle_refined_deg    1660 1.459  1.667  ? ? 
'X-RAY DIFFRACTION' r_angle_other_deg      2799 1.279  1.580  ? ? 
'X-RAY DIFFRACTION' r_dihedral_angle_1_deg 156  5.885  5.000  ? ? 
'X-RAY DIFFRACTION' r_dihedral_angle_2_deg 70   28.386 19.429 ? ? 
'X-RAY DIFFRACTION' r_dihedral_angle_3_deg 224  14.418 15.000 ? ? 
'X-RAY DIFFRACTION' r_dihedral_angle_4_deg 15   25.065 15.000 ? ? 
'X-RAY DIFFRACTION' r_chiral_restr         154  0.078  0.200  ? ? 
'X-RAY DIFFRACTION' r_gen_planes_refined   1425 0.006  0.020  ? ? 
'X-RAY DIFFRACTION' r_gen_planes_other     313  0.001  0.020  ? ? 
'X-RAY DIFFRACTION' r_mcbond_it            622  2.586  3.246  ? ? 
'X-RAY DIFFRACTION' r_mcbond_other         619  2.578  3.244  ? ? 
'X-RAY DIFFRACTION' r_mcangle_it           740  3.765  4.875  ? ? 
# 
_refine_ls_shell.d_res_high                       1.6920 
_refine_ls_shell.d_res_low                        1.7360 
_refine_ls_shell.pdbx_total_number_of_bins_used   20 
_refine_ls_shell.percent_reflns_obs               98.7700 
_refine_ls_shell.number_reflns_R_work             991 
_refine_ls_shell.R_factor_all                     ? 
_refine_ls_shell.R_factor_R_work                  0.3920 
_refine_ls_shell.R_factor_R_free                  0.4130 
_refine_ls_shell.percent_reflns_R_free            ? 
_refine_ls_shell.number_reflns_R_free             49 
_refine_ls_shell.R_factor_R_free_error            ? 
_refine_ls_shell.number_reflns_all                1040 
_refine_ls_shell.number_reflns_obs                ? 
_refine_ls_shell.pdbx_refine_id                   'X-RAY DIFFRACTION' 
_refine_ls_shell.R_factor_obs                     ? 
# 
_struct.entry_id                  7GAO 
_struct.title                     'PanDDA analysis group deposition -- Crystal Structure of MAP1LC3B in complex with Z57450788' 
_struct.pdbx_model_details        ? 
_struct.pdbx_CASP_flag            ? 
_struct.pdbx_model_type_details   ? 
# 
_struct_keywords.entry_id        7GAO 
_struct_keywords.text            'SGC - Diamond I04-1 fragment screening, PanDDA, XChemExplorer, STRUCTURAL PROTEIN' 
_struct_keywords.pdbx_keywords   'STRUCTURAL PROTEIN' 
# 
loop_
_struct_asym.id 
_struct_asym.pdbx_blank_PDB_chainid_flag 
_struct_asym.pdbx_modified 
_struct_asym.entity_id 
_struct_asym.details 
A N N 1 ? 
B N N 2 ? 
C N N 3 ? 
D N N 3 ? 
E N N 3 ? 
F N N 3 ? 
G N N 3 ? 
H N N 3 ? 
I N N 3 ? 
J N N 3 ? 
K N N 3 ? 
L N N 4 ? 
M N N 5 ? 
# 
_struct_ref.id                         1 
_struct_ref.db_name                    UNP 
_struct_ref.db_code                    MLP3B_HUMAN 
_struct_ref.pdbx_db_accession          Q9GZQ8 
_struct_ref.pdbx_db_isoform            ? 
_struct_ref.entity_id                  1 
_struct_ref.pdbx_seq_one_letter_code   
;MPSEKTFKQRRTFEQRVEDVRLIREQHPTKIPVIIERYKGEKQLPVLDKTKFLVPDHVNMSELIKIIRRRLQLNANQAFF
LLVNGHSMVSVSTPISEVYESEKDEDGFLYMVYASQETFG
;
_struct_ref.pdbx_align_begin           1 
# 
_struct_ref_seq.align_id                      1 
_struct_ref_seq.ref_id                        1 
_struct_ref_seq.pdbx_PDB_id_code              7GAO 
_struct_ref_seq.pdbx_strand_id                A 
_struct_ref_seq.seq_align_beg                 2 
_struct_ref_seq.pdbx_seq_align_beg_ins_code   ? 
_struct_ref_seq.seq_align_end                 121 
_struct_ref_seq.pdbx_seq_align_end_ins_code   ? 
_struct_ref_seq.pdbx_db_accession             Q9GZQ8 
_struct_ref_seq.db_align_beg                  1 
_struct_ref_seq.pdbx_db_align_beg_ins_code    ? 
_struct_ref_seq.db_align_end                  120 
_struct_ref_seq.pdbx_db_align_end_ins_code    ? 
_struct_ref_seq.pdbx_auth_seq_align_beg       1 
_struct_ref_seq.pdbx_auth_seq_align_end       120 
# 
_struct_ref_seq_dif.align_id                     1 
_struct_ref_seq_dif.pdbx_pdb_id_code             7GAO 
_struct_ref_seq_dif.mon_id                       SER 
_struct_ref_seq_dif.pdbx_pdb_strand_id           A 
_struct_ref_seq_dif.seq_num                      1 
_struct_ref_seq_dif.pdbx_pdb_ins_code            ? 
_struct_ref_seq_dif.pdbx_seq_db_name             UNP 
_struct_ref_seq_dif.pdbx_seq_db_accession_code   Q9GZQ8 
_struct_ref_seq_dif.db_mon_id                    ? 
_struct_ref_seq_dif.pdbx_seq_db_seq_num          ? 
_struct_ref_seq_dif.details                      'expression tag' 
_struct_ref_seq_dif.pdbx_auth_seq_num            0 
_struct_ref_seq_dif.pdbx_ordinal                 1 
# 
_pdbx_struct_assembly.id                   1 
_pdbx_struct_assembly.details              author_and_software_defined_assembly 
_pdbx_struct_assembly.method_details       PISA 
_pdbx_struct_assembly.oligomeric_details   monomeric 
_pdbx_struct_assembly.oligomeric_count     1 
# 
_pdbx_struct_assembly_gen.assembly_id       1 
_pdbx_struct_assembly_gen.oper_expression   1 
_pdbx_struct_assembly_gen.asym_id_list      A,B,C,D,E,F,G,H,I,J,K,L,M 
# 
_pdbx_struct_oper_list.id                   1 
_pdbx_struct_oper_list.type                 'identity operation' 
_pdbx_struct_oper_list.name                 1_555 
_pdbx_struct_oper_list.symmetry_operation   x,y,z 
_pdbx_struct_oper_list.matrix[1][1]         1.0000000000 
_pdbx_struct_oper_list.matrix[1][2]         0.0000000000 
_pdbx_struct_oper_list.matrix[1][3]         0.0000000000 
_pdbx_struct_oper_list.vector[1]            0.0000000000 
_pdbx_struct_oper_list.matrix[2][1]         0.0000000000 
_pdbx_struct_oper_list.matrix[2][2]         1.0000000000 
_pdbx_struct_oper_list.matrix[2][3]         0.0000000000 
_pdbx_struct_oper_list.vector[2]            0.0000000000 
_pdbx_struct_oper_list.matrix[3][1]         0.0000000000 
_pdbx_struct_oper_list.matrix[3][2]         0.0000000000 
_pdbx_struct_oper_list.matrix[3][3]         1.0000000000 
_pdbx_struct_oper_list.vector[3]            0.0000000000 
# 
loop_
_struct_conf.conf_type_id 
_struct_conf.id 
_struct_conf.pdbx_PDB_helix_id 
_struct_conf.beg_label_comp_id 
_struct_conf.beg_label_asym_id 
_struct_conf.beg_label_seq_id 
_struct_conf.pdbx_beg_PDB_ins_code 
_struct_conf.end_label_comp_id 
_struct_conf.end_label_asym_id 
_struct_conf.end_label_seq_id 
_struct_conf.pdbx_end_PDB_ins_code 
_struct_conf.beg_auth_comp_id 
_struct_conf.beg_auth_asym_id 
_struct_conf.beg_auth_seq_id 
_struct_conf.end_auth_comp_id 
_struct_conf.end_auth_asym_id 
_struct_conf.end_auth_seq_id 
_struct_conf.pdbx_PDB_helix_class 
_struct_conf.details 
_struct_conf.pdbx_PDB_helix_length 
HELX_P HELX_P1 AA1 THR A 7  ? ARG A 12  ? THR A 6  ARG A 11  1 ? 6  
HELX_P HELX_P2 AA2 THR A 13 ? HIS A 28  ? THR A 12 HIS A 27  1 ? 16 
HELX_P HELX_P3 AA3 ASN A 60 ? LEU A 72  ? ASN A 59 LEU A 71  1 ? 13 
HELX_P HELX_P4 AA4 PRO A 95 ? LYS A 104 ? PRO A 94 LYS A 103 1 ? 10 
# 
_struct_conf_type.id          HELX_P 
_struct_conf_type.criteria    ? 
_struct_conf_type.reference   ? 
# 
_struct_sheet.id               AA1 
_struct_sheet.type             ? 
_struct_sheet.number_strands   5 
_struct_sheet.details          ? 
# 
loop_
_struct_sheet_order.sheet_id 
_struct_sheet_order.range_id_1 
_struct_sheet_order.range_id_2 
_struct_sheet_order.offset 
_struct_sheet_order.sense 
AA1 1 2 ? anti-parallel 
AA1 2 3 ? parallel      
AA1 3 4 ? anti-parallel 
AA1 4 5 ? anti-parallel 
# 
loop_
_struct_sheet_range.sheet_id 
_struct_sheet_range.id 
_struct_sheet_range.beg_label_comp_id 
_struct_sheet_range.beg_label_asym_id 
_struct_sheet_range.beg_label_seq_id 
_struct_sheet_range.pdbx_beg_PDB_ins_code 
_struct_sheet_range.end_label_comp_id 
_struct_sheet_range.end_label_asym_id 
_struct_sheet_range.end_label_seq_id 
_struct_sheet_range.pdbx_end_PDB_ins_code 
_struct_sheet_range.beg_auth_comp_id 
_struct_sheet_range.beg_auth_asym_id 
_struct_sheet_range.beg_auth_seq_id 
_struct_sheet_range.end_auth_comp_id 
_struct_sheet_range.end_auth_asym_id 
_struct_sheet_range.end_auth_seq_id 
AA1 1 LYS A 52  ? PRO A 56  ? LYS A 51  PRO A 55  
AA1 2 LYS A 31  ? ARG A 38  ? LYS A 30  ARG A 37  
AA1 3 LEU A 110 ? ALA A 115 ? LEU A 109 ALA A 114 
AA1 4 PHE A 81  ? VAL A 84  ? PHE A 80  VAL A 83  
AA1 5 HIS A 87  ? SER A 88  ? HIS A 86  SER A 87  
# 
loop_
_pdbx_struct_sheet_hbond.sheet_id 
_pdbx_struct_sheet_hbond.range_id_1 
_pdbx_struct_sheet_hbond.range_id_2 
_pdbx_struct_sheet_hbond.range_1_label_atom_id 
_pdbx_struct_sheet_hbond.range_1_label_comp_id 
_pdbx_struct_sheet_hbond.range_1_label_asym_id 
_pdbx_struct_sheet_hbond.range_1_label_seq_id 
_pdbx_struct_sheet_hbond.range_1_PDB_ins_code 
_pdbx_struct_sheet_hbond.range_1_auth_atom_id 
_pdbx_struct_sheet_hbond.range_1_auth_comp_id 
_pdbx_struct_sheet_hbond.range_1_auth_asym_id 
_pdbx_struct_sheet_hbond.range_1_auth_seq_id 
_pdbx_struct_sheet_hbond.range_2_label_atom_id 
_pdbx_struct_sheet_hbond.range_2_label_comp_id 
_pdbx_struct_sheet_hbond.range_2_label_asym_id 
_pdbx_struct_sheet_hbond.range_2_label_seq_id 
_pdbx_struct_sheet_hbond.range_2_PDB_ins_code 
_pdbx_struct_sheet_hbond.range_2_auth_atom_id 
_pdbx_struct_sheet_hbond.range_2_auth_comp_id 
_pdbx_struct_sheet_hbond.range_2_auth_asym_id 
_pdbx_struct_sheet_hbond.range_2_auth_seq_id 
AA1 1 2 O PHE A 53  ? O PHE A 52  N VAL A 34  ? N VAL A 33  
AA1 2 3 N ILE A 35  ? N ILE A 34  O LEU A 110 ? O LEU A 109 
AA1 3 4 O VAL A 113 ? O VAL A 112 N LEU A 83  ? N LEU A 82  
AA1 4 5 N VAL A 84  ? N VAL A 83  O HIS A 87  ? O HIS A 86  
# 
_pdbx_entry_details.entry_id                   7GAO 
_pdbx_entry_details.compound_details           ? 
_pdbx_entry_details.source_details             ? 
_pdbx_entry_details.nonpolymer_details         ? 
_pdbx_entry_details.sequence_details           ? 
_pdbx_entry_details.has_ligand_of_interest     Y 
_pdbx_entry_details.has_protein_modification   ? 
# 
loop_
_pdbx_validate_close_contact.id 
_pdbx_validate_close_contact.PDB_model_num 
_pdbx_validate_close_contact.auth_atom_id_1 
_pdbx_validate_close_contact.auth_asym_id_1 
_pdbx_validate_close_contact.auth_comp_id_1 
_pdbx_validate_close_contact.auth_seq_id_1 
_pdbx_validate_close_contact.PDB_ins_code_1 
_pdbx_validate_close_contact.label_alt_id_1 
_pdbx_validate_close_contact.auth_atom_id_2 
_pdbx_validate_close_contact.auth_asym_id_2 
_pdbx_validate_close_contact.auth_comp_id_2 
_pdbx_validate_close_contact.auth_seq_id_2 
_pdbx_validate_close_contact.PDB_ins_code_2 
_pdbx_validate_close_contact.label_alt_id_2 
_pdbx_validate_close_contact.dist 
1 1 O   A ASP 56  ? ? O A HOH 301 ? ? 1.97 
2 1 OE1 A GLN 72  ? ? O A HOH 302 ? ? 2.10 
3 1 CB  A GLN 116 ? ? O A HOH 353 ? ? 2.18 
4 1 O   A HOH 355 ? ? O A HOH 364 ? ? 2.19 
# 
_phasing.method   MR 
# 
loop_
_pdbx_unobs_or_zero_occ_residues.id 
_pdbx_unobs_or_zero_occ_residues.PDB_model_num 
_pdbx_unobs_or_zero_occ_residues.polymer_flag 
_pdbx_unobs_or_zero_occ_residues.occupancy_flag 
_pdbx_unobs_or_zero_occ_residues.auth_asym_id 
_pdbx_unobs_or_zero_occ_residues.auth_comp_id 
_pdbx_unobs_or_zero_occ_residues.auth_seq_id 
_pdbx_unobs_or_zero_occ_residues.PDB_ins_code 
_pdbx_unobs_or_zero_occ_residues.label_asym_id 
_pdbx_unobs_or_zero_occ_residues.label_comp_id 
_pdbx_unobs_or_zero_occ_residues.label_seq_id 
1 1 Y 1 A SER 0   ? A SER 1   
2 1 Y 1 A MET 1   ? A MET 2   
3 1 Y 1 A PRO 2   ? A PRO 3   
4 1 Y 1 A SER 3   ? A SER 4   
5 1 Y 1 A GLU 4   ? A GLU 5   
6 1 Y 1 A GLY 120 ? A GLY 121 
# 
loop_
_chem_comp_atom.comp_id 
_chem_comp_atom.atom_id 
_chem_comp_atom.type_symbol 
_chem_comp_atom.pdbx_aromatic_flag 
_chem_comp_atom.pdbx_stereo_config 
_chem_comp_atom.pdbx_ordinal 
ALA N    N  N N 1   
ALA CA   C  N S 2   
ALA C    C  N N 3   
ALA O    O  N N 4   
ALA CB   C  N N 5   
ALA OXT  O  N N 6   
ALA H    H  N N 7   
ALA H2   H  N N 8   
ALA HA   H  N N 9   
ALA HB1  H  N N 10  
ALA HB2  H  N N 11  
ALA HB3  H  N N 12  
ALA HXT  H  N N 13  
ARG N    N  N N 14  
ARG CA   C  N S 15  
ARG C    C  N N 16  
ARG O    O  N N 17  
ARG CB   C  N N 18  
ARG CG   C  N N 19  
ARG CD   C  N N 20  
ARG NE   N  N N 21  
ARG CZ   C  N N 22  
ARG NH1  N  N N 23  
ARG NH2  N  N N 24  
ARG OXT  O  N N 25  
ARG H    H  N N 26  
ARG H2   H  N N 27  
ARG HA   H  N N 28  
ARG HB2  H  N N 29  
ARG HB3  H  N N 30  
ARG HG2  H  N N 31  
ARG HG3  H  N N 32  
ARG HD2  H  N N 33  
ARG HD3  H  N N 34  
ARG HE   H  N N 35  
ARG HH11 H  N N 36  
ARG HH12 H  N N 37  
ARG HH21 H  N N 38  
ARG HH22 H  N N 39  
ARG HXT  H  N N 40  
ASN N    N  N N 41  
ASN CA   C  N S 42  
ASN C    C  N N 43  
ASN O    O  N N 44  
ASN CB   C  N N 45  
ASN CG   C  N N 46  
ASN OD1  O  N N 47  
ASN ND2  N  N N 48  
ASN OXT  O  N N 49  
ASN H    H  N N 50  
ASN H2   H  N N 51  
ASN HA   H  N N 52  
ASN HB2  H  N N 53  
ASN HB3  H  N N 54  
ASN HD21 H  N N 55  
ASN HD22 H  N N 56  
ASN HXT  H  N N 57  
ASP N    N  N N 58  
ASP CA   C  N S 59  
ASP C    C  N N 60  
ASP O    O  N N 61  
ASP CB   C  N N 62  
ASP CG   C  N N 63  
ASP OD1  O  N N 64  
ASP OD2  O  N N 65  
ASP OXT  O  N N 66  
ASP H    H  N N 67  
ASP H2   H  N N 68  
ASP HA   H  N N 69  
ASP HB2  H  N N 70  
ASP HB3  H  N N 71  
ASP HD2  H  N N 72  
ASP HXT  H  N N 73  
CL  CL   CL N N 74  
EDO C1   C  N N 75  
EDO O1   O  N N 76  
EDO C2   C  N N 77  
EDO O2   O  N N 78  
EDO H11  H  N N 79  
EDO H12  H  N N 80  
EDO HO1  H  N N 81  
EDO H21  H  N N 82  
EDO H22  H  N N 83  
EDO HO2  H  N N 84  
GLN N    N  N N 85  
GLN CA   C  N S 86  
GLN C    C  N N 87  
GLN O    O  N N 88  
GLN CB   C  N N 89  
GLN CG   C  N N 90  
GLN CD   C  N N 91  
GLN OE1  O  N N 92  
GLN NE2  N  N N 93  
GLN OXT  O  N N 94  
GLN H    H  N N 95  
GLN H2   H  N N 96  
GLN HA   H  N N 97  
GLN HB2  H  N N 98  
GLN HB3  H  N N 99  
GLN HG2  H  N N 100 
GLN HG3  H  N N 101 
GLN HE21 H  N N 102 
GLN HE22 H  N N 103 
GLN HXT  H  N N 104 
GLU N    N  N N 105 
GLU CA   C  N S 106 
GLU C    C  N N 107 
GLU O    O  N N 108 
GLU CB   C  N N 109 
GLU CG   C  N N 110 
GLU CD   C  N N 111 
GLU OE1  O  N N 112 
GLU OE2  O  N N 113 
GLU OXT  O  N N 114 
GLU H    H  N N 115 
GLU H2   H  N N 116 
GLU HA   H  N N 117 
GLU HB2  H  N N 118 
GLU HB3  H  N N 119 
GLU HG2  H  N N 120 
GLU HG3  H  N N 121 
GLU HE2  H  N N 122 
GLU HXT  H  N N 123 
GLY N    N  N N 124 
GLY CA   C  N N 125 
GLY C    C  N N 126 
GLY O    O  N N 127 
GLY OXT  O  N N 128 
GLY H    H  N N 129 
GLY H2   H  N N 130 
GLY HA2  H  N N 131 
GLY HA3  H  N N 132 
GLY HXT  H  N N 133 
HIS N    N  N N 134 
HIS CA   C  N S 135 
HIS C    C  N N 136 
HIS O    O  N N 137 
HIS CB   C  N N 138 
HIS CG   C  Y N 139 
HIS ND1  N  Y N 140 
HIS CD2  C  Y N 141 
HIS CE1  C  Y N 142 
HIS NE2  N  Y N 143 
HIS OXT  O  N N 144 
HIS H    H  N N 145 
HIS H2   H  N N 146 
HIS HA   H  N N 147 
HIS HB2  H  N N 148 
HIS HB3  H  N N 149 
HIS HD1  H  N N 150 
HIS HD2  H  N N 151 
HIS HE1  H  N N 152 
HIS HE2  H  N N 153 
HIS HXT  H  N N 154 
HOH O    O  N N 155 
HOH H1   H  N N 156 
HOH H2   H  N N 157 
ILE N    N  N N 158 
ILE CA   C  N S 159 
ILE C    C  N N 160 
ILE O    O  N N 161 
ILE CB   C  N S 162 
ILE CG1  C  N N 163 
ILE CG2  C  N N 164 
ILE CD1  C  N N 165 
ILE OXT  O  N N 166 
ILE H    H  N N 167 
ILE H2   H  N N 168 
ILE HA   H  N N 169 
ILE HB   H  N N 170 
ILE HG12 H  N N 171 
ILE HG13 H  N N 172 
ILE HG21 H  N N 173 
ILE HG22 H  N N 174 
ILE HG23 H  N N 175 
ILE HD11 H  N N 176 
ILE HD12 H  N N 177 
ILE HD13 H  N N 178 
ILE HXT  H  N N 179 
LEU N    N  N N 180 
LEU CA   C  N S 181 
LEU C    C  N N 182 
LEU O    O  N N 183 
LEU CB   C  N N 184 
LEU CG   C  N N 185 
LEU CD1  C  N N 186 
LEU CD2  C  N N 187 
LEU OXT  O  N N 188 
LEU H    H  N N 189 
LEU H2   H  N N 190 
LEU HA   H  N N 191 
LEU HB2  H  N N 192 
LEU HB3  H  N N 193 
LEU HG   H  N N 194 
LEU HD11 H  N N 195 
LEU HD12 H  N N 196 
LEU HD13 H  N N 197 
LEU HD21 H  N N 198 
LEU HD22 H  N N 199 
LEU HD23 H  N N 200 
LEU HXT  H  N N 201 
LYS N    N  N N 202 
LYS CA   C  N S 203 
LYS C    C  N N 204 
LYS O    O  N N 205 
LYS CB   C  N N 206 
LYS CG   C  N N 207 
LYS CD   C  N N 208 
LYS CE   C  N N 209 
LYS NZ   N  N N 210 
LYS OXT  O  N N 211 
LYS H    H  N N 212 
LYS H2   H  N N 213 
LYS HA   H  N N 214 
LYS HB2  H  N N 215 
LYS HB3  H  N N 216 
LYS HG2  H  N N 217 
LYS HG3  H  N N 218 
LYS HD2  H  N N 219 
LYS HD3  H  N N 220 
LYS HE2  H  N N 221 
LYS HE3  H  N N 222 
LYS HZ1  H  N N 223 
LYS HZ2  H  N N 224 
LYS HZ3  H  N N 225 
LYS HXT  H  N N 226 
MET N    N  N N 227 
MET CA   C  N S 228 
MET C    C  N N 229 
MET O    O  N N 230 
MET CB   C  N N 231 
MET CG   C  N N 232 
MET SD   S  N N 233 
MET CE   C  N N 234 
MET OXT  O  N N 235 
MET H    H  N N 236 
MET H2   H  N N 237 
MET HA   H  N N 238 
MET HB2  H  N N 239 
MET HB3  H  N N 240 
MET HG2  H  N N 241 
MET HG3  H  N N 242 
MET HE1  H  N N 243 
MET HE2  H  N N 244 
MET HE3  H  N N 245 
MET HXT  H  N N 246 
PHE N    N  N N 247 
PHE CA   C  N S 248 
PHE C    C  N N 249 
PHE O    O  N N 250 
PHE CB   C  N N 251 
PHE CG   C  Y N 252 
PHE CD1  C  Y N 253 
PHE CD2  C  Y N 254 
PHE CE1  C  Y N 255 
PHE CE2  C  Y N 256 
PHE CZ   C  Y N 257 
PHE OXT  O  N N 258 
PHE H    H  N N 259 
PHE H2   H  N N 260 
PHE HA   H  N N 261 
PHE HB2  H  N N 262 
PHE HB3  H  N N 263 
PHE HD1  H  N N 264 
PHE HD2  H  N N 265 
PHE HE1  H  N N 266 
PHE HE2  H  N N 267 
PHE HZ   H  N N 268 
PHE HXT  H  N N 269 
PRO N    N  N N 270 
PRO CA   C  N S 271 
PRO C    C  N N 272 
PRO O    O  N N 273 
PRO CB   C  N N 274 
PRO CG   C  N N 275 
PRO CD   C  N N 276 
PRO OXT  O  N N 277 
PRO H    H  N N 278 
PRO HA   H  N N 279 
PRO HB2  H  N N 280 
PRO HB3  H  N N 281 
PRO HG2  H  N N 282 
PRO HG3  H  N N 283 
PRO HD2  H  N N 284 
PRO HD3  H  N N 285 
PRO HXT  H  N N 286 
RV4 N1   N  N N 287 
RV4 C4   C  Y N 288 
RV4 C5   C  Y N 289 
RV4 C6   C  Y N 290 
RV4 C7   C  Y N 291 
RV4 C8   C  Y N 292 
RV4 C10  C  N N 293 
RV4 C13  C  N N 294 
RV4 C1   C  N N 295 
RV4 C11  C  N N 296 
RV4 C12  C  N N 297 
RV4 C2   C  N N 298 
RV4 C3   C  Y N 299 
RV4 C9   C  N N 300 
RV4 N2   N  N N 301 
RV4 O1   O  N N 302 
RV4 O2   O  N N 303 
RV4 H1   H  N N 304 
RV4 H2   H  N N 305 
RV4 H3   H  N N 306 
RV4 H4   H  N N 307 
RV4 H5   H  N N 308 
RV4 H6   H  N N 309 
RV4 H7   H  N N 310 
RV4 H8   H  N N 311 
RV4 H9   H  N N 312 
RV4 H10  H  N N 313 
RV4 H11  H  N N 314 
RV4 H12  H  N N 315 
RV4 H13  H  N N 316 
RV4 H14  H  N N 317 
RV4 H15  H  N N 318 
RV4 H16  H  N N 319 
RV4 H17  H  N N 320 
RV4 H18  H  N N 321 
SER N    N  N N 322 
SER CA   C  N S 323 
SER C    C  N N 324 
SER O    O  N N 325 
SER CB   C  N N 326 
SER OG   O  N N 327 
SER OXT  O  N N 328 
SER H    H  N N 329 
SER H2   H  N N 330 
SER HA   H  N N 331 
SER HB2  H  N N 332 
SER HB3  H  N N 333 
SER HG   H  N N 334 
SER HXT  H  N N 335 
THR N    N  N N 336 
THR CA   C  N S 337 
THR C    C  N N 338 
THR O    O  N N 339 
THR CB   C  N R 340 
THR OG1  O  N N 341 
THR CG2  C  N N 342 
THR OXT  O  N N 343 
THR H    H  N N 344 
THR H2   H  N N 345 
THR HA   H  N N 346 
THR HB   H  N N 347 
THR HG1  H  N N 348 
THR HG21 H  N N 349 
THR HG22 H  N N 350 
THR HG23 H  N N 351 
THR HXT  H  N N 352 
TYR N    N  N N 353 
TYR CA   C  N S 354 
TYR C    C  N N 355 
TYR O    O  N N 356 
TYR CB   C  N N 357 
TYR CG   C  Y N 358 
TYR CD1  C  Y N 359 
TYR CD2  C  Y N 360 
TYR CE1  C  Y N 361 
TYR CE2  C  Y N 362 
TYR CZ   C  Y N 363 
TYR OH   O  N N 364 
TYR OXT  O  N N 365 
TYR H    H  N N 366 
TYR H2   H  N N 367 
TYR HA   H  N N 368 
TYR HB2  H  N N 369 
TYR HB3  H  N N 370 
TYR HD1  H  N N 371 
TYR HD2  H  N N 372 
TYR HE1  H  N N 373 
TYR HE2  H  N N 374 
TYR HH   H  N N 375 
TYR HXT  H  N N 376 
VAL N    N  N N 377 
VAL CA   C  N S 378 
VAL C    C  N N 379 
VAL O    O  N N 380 
VAL CB   C  N N 381 
VAL CG1  C  N N 382 
VAL CG2  C  N N 383 
VAL OXT  O  N N 384 
VAL H    H  N N 385 
VAL H2   H  N N 386 
VAL HA   H  N N 387 
VAL HB   H  N N 388 
VAL HG11 H  N N 389 
VAL HG12 H  N N 390 
VAL HG13 H  N N 391 
VAL HG21 H  N N 392 
VAL HG22 H  N N 393 
VAL HG23 H  N N 394 
VAL HXT  H  N N 395 
# 
loop_
_chem_comp_bond.comp_id 
_chem_comp_bond.atom_id_1 
_chem_comp_bond.atom_id_2 
_chem_comp_bond.value_order 
_chem_comp_bond.pdbx_aromatic_flag 
_chem_comp_bond.pdbx_stereo_config 
_chem_comp_bond.pdbx_ordinal 
ALA N   CA   sing N N 1   
ALA N   H    sing N N 2   
ALA N   H2   sing N N 3   
ALA CA  C    sing N N 4   
ALA CA  CB   sing N N 5   
ALA CA  HA   sing N N 6   
ALA C   O    doub N N 7   
ALA C   OXT  sing N N 8   
ALA CB  HB1  sing N N 9   
ALA CB  HB2  sing N N 10  
ALA CB  HB3  sing N N 11  
ALA OXT HXT  sing N N 12  
ARG N   CA   sing N N 13  
ARG N   H    sing N N 14  
ARG N   H2   sing N N 15  
ARG CA  C    sing N N 16  
ARG CA  CB   sing N N 17  
ARG CA  HA   sing N N 18  
ARG C   O    doub N N 19  
ARG C   OXT  sing N N 20  
ARG CB  CG   sing N N 21  
ARG CB  HB2  sing N N 22  
ARG CB  HB3  sing N N 23  
ARG CG  CD   sing N N 24  
ARG CG  HG2  sing N N 25  
ARG CG  HG3  sing N N 26  
ARG CD  NE   sing N N 27  
ARG CD  HD2  sing N N 28  
ARG CD  HD3  sing N N 29  
ARG NE  CZ   sing N N 30  
ARG NE  HE   sing N N 31  
ARG CZ  NH1  sing N N 32  
ARG CZ  NH2  doub N N 33  
ARG NH1 HH11 sing N N 34  
ARG NH1 HH12 sing N N 35  
ARG NH2 HH21 sing N N 36  
ARG NH2 HH22 sing N N 37  
ARG OXT HXT  sing N N 38  
ASN N   CA   sing N N 39  
ASN N   H    sing N N 40  
ASN N   H2   sing N N 41  
ASN CA  C    sing N N 42  
ASN CA  CB   sing N N 43  
ASN CA  HA   sing N N 44  
ASN C   O    doub N N 45  
ASN C   OXT  sing N N 46  
ASN CB  CG   sing N N 47  
ASN CB  HB2  sing N N 48  
ASN CB  HB3  sing N N 49  
ASN CG  OD1  doub N N 50  
ASN CG  ND2  sing N N 51  
ASN ND2 HD21 sing N N 52  
ASN ND2 HD22 sing N N 53  
ASN OXT HXT  sing N N 54  
ASP N   CA   sing N N 55  
ASP N   H    sing N N 56  
ASP N   H2   sing N N 57  
ASP CA  C    sing N N 58  
ASP CA  CB   sing N N 59  
ASP CA  HA   sing N N 60  
ASP C   O    doub N N 61  
ASP C   OXT  sing N N 62  
ASP CB  CG   sing N N 63  
ASP CB  HB2  sing N N 64  
ASP CB  HB3  sing N N 65  
ASP CG  OD1  doub N N 66  
ASP CG  OD2  sing N N 67  
ASP OD2 HD2  sing N N 68  
ASP OXT HXT  sing N N 69  
EDO C1  O1   sing N N 70  
EDO C1  C2   sing N N 71  
EDO C1  H11  sing N N 72  
EDO C1  H12  sing N N 73  
EDO O1  HO1  sing N N 74  
EDO C2  O2   sing N N 75  
EDO C2  H21  sing N N 76  
EDO C2  H22  sing N N 77  
EDO O2  HO2  sing N N 78  
GLN N   CA   sing N N 79  
GLN N   H    sing N N 80  
GLN N   H2   sing N N 81  
GLN CA  C    sing N N 82  
GLN CA  CB   sing N N 83  
GLN CA  HA   sing N N 84  
GLN C   O    doub N N 85  
GLN C   OXT  sing N N 86  
GLN CB  CG   sing N N 87  
GLN CB  HB2  sing N N 88  
GLN CB  HB3  sing N N 89  
GLN CG  CD   sing N N 90  
GLN CG  HG2  sing N N 91  
GLN CG  HG3  sing N N 92  
GLN CD  OE1  doub N N 93  
GLN CD  NE2  sing N N 94  
GLN NE2 HE21 sing N N 95  
GLN NE2 HE22 sing N N 96  
GLN OXT HXT  sing N N 97  
GLU N   CA   sing N N 98  
GLU N   H    sing N N 99  
GLU N   H2   sing N N 100 
GLU CA  C    sing N N 101 
GLU CA  CB   sing N N 102 
GLU CA  HA   sing N N 103 
GLU C   O    doub N N 104 
GLU C   OXT  sing N N 105 
GLU CB  CG   sing N N 106 
GLU CB  HB2  sing N N 107 
GLU CB  HB3  sing N N 108 
GLU CG  CD   sing N N 109 
GLU CG  HG2  sing N N 110 
GLU CG  HG3  sing N N 111 
GLU CD  OE1  doub N N 112 
GLU CD  OE2  sing N N 113 
GLU OE2 HE2  sing N N 114 
GLU OXT HXT  sing N N 115 
GLY N   CA   sing N N 116 
GLY N   H    sing N N 117 
GLY N   H2   sing N N 118 
GLY CA  C    sing N N 119 
GLY CA  HA2  sing N N 120 
GLY CA  HA3  sing N N 121 
GLY C   O    doub N N 122 
GLY C   OXT  sing N N 123 
GLY OXT HXT  sing N N 124 
HIS N   CA   sing N N 125 
HIS N   H    sing N N 126 
HIS N   H2   sing N N 127 
HIS CA  C    sing N N 128 
HIS CA  CB   sing N N 129 
HIS CA  HA   sing N N 130 
HIS C   O    doub N N 131 
HIS C   OXT  sing N N 132 
HIS CB  CG   sing N N 133 
HIS CB  HB2  sing N N 134 
HIS CB  HB3  sing N N 135 
HIS CG  ND1  sing Y N 136 
HIS CG  CD2  doub Y N 137 
HIS ND1 CE1  doub Y N 138 
HIS ND1 HD1  sing N N 139 
HIS CD2 NE2  sing Y N 140 
HIS CD2 HD2  sing N N 141 
HIS CE1 NE2  sing Y N 142 
HIS CE1 HE1  sing N N 143 
HIS NE2 HE2  sing N N 144 
HIS OXT HXT  sing N N 145 
HOH O   H1   sing N N 146 
HOH O   H2   sing N N 147 
ILE N   CA   sing N N 148 
ILE N   H    sing N N 149 
ILE N   H2   sing N N 150 
ILE CA  C    sing N N 151 
ILE CA  CB   sing N N 152 
ILE CA  HA   sing N N 153 
ILE C   O    doub N N 154 
ILE C   OXT  sing N N 155 
ILE CB  CG1  sing N N 156 
ILE CB  CG2  sing N N 157 
ILE CB  HB   sing N N 158 
ILE CG1 CD1  sing N N 159 
ILE CG1 HG12 sing N N 160 
ILE CG1 HG13 sing N N 161 
ILE CG2 HG21 sing N N 162 
ILE CG2 HG22 sing N N 163 
ILE CG2 HG23 sing N N 164 
ILE CD1 HD11 sing N N 165 
ILE CD1 HD12 sing N N 166 
ILE CD1 HD13 sing N N 167 
ILE OXT HXT  sing N N 168 
LEU N   CA   sing N N 169 
LEU N   H    sing N N 170 
LEU N   H2   sing N N 171 
LEU CA  C    sing N N 172 
LEU CA  CB   sing N N 173 
LEU CA  HA   sing N N 174 
LEU C   O    doub N N 175 
LEU C   OXT  sing N N 176 
LEU CB  CG   sing N N 177 
LEU CB  HB2  sing N N 178 
LEU CB  HB3  sing N N 179 
LEU CG  CD1  sing N N 180 
LEU CG  CD2  sing N N 181 
LEU CG  HG   sing N N 182 
LEU CD1 HD11 sing N N 183 
LEU CD1 HD12 sing N N 184 
LEU CD1 HD13 sing N N 185 
LEU CD2 HD21 sing N N 186 
LEU CD2 HD22 sing N N 187 
LEU CD2 HD23 sing N N 188 
LEU OXT HXT  sing N N 189 
LYS N   CA   sing N N 190 
LYS N   H    sing N N 191 
LYS N   H2   sing N N 192 
LYS CA  C    sing N N 193 
LYS CA  CB   sing N N 194 
LYS CA  HA   sing N N 195 
LYS C   O    doub N N 196 
LYS C   OXT  sing N N 197 
LYS CB  CG   sing N N 198 
LYS CB  HB2  sing N N 199 
LYS CB  HB3  sing N N 200 
LYS CG  CD   sing N N 201 
LYS CG  HG2  sing N N 202 
LYS CG  HG3  sing N N 203 
LYS CD  CE   sing N N 204 
LYS CD  HD2  sing N N 205 
LYS CD  HD3  sing N N 206 
LYS CE  NZ   sing N N 207 
LYS CE  HE2  sing N N 208 
LYS CE  HE3  sing N N 209 
LYS NZ  HZ1  sing N N 210 
LYS NZ  HZ2  sing N N 211 
LYS NZ  HZ3  sing N N 212 
LYS OXT HXT  sing N N 213 
MET N   CA   sing N N 214 
MET N   H    sing N N 215 
MET N   H2   sing N N 216 
MET CA  C    sing N N 217 
MET CA  CB   sing N N 218 
MET CA  HA   sing N N 219 
MET C   O    doub N N 220 
MET C   OXT  sing N N 221 
MET CB  CG   sing N N 222 
MET CB  HB2  sing N N 223 
MET CB  HB3  sing N N 224 
MET CG  SD   sing N N 225 
MET CG  HG2  sing N N 226 
MET CG  HG3  sing N N 227 
MET SD  CE   sing N N 228 
MET CE  HE1  sing N N 229 
MET CE  HE2  sing N N 230 
MET CE  HE3  sing N N 231 
MET OXT HXT  sing N N 232 
PHE N   CA   sing N N 233 
PHE N   H    sing N N 234 
PHE N   H2   sing N N 235 
PHE CA  C    sing N N 236 
PHE CA  CB   sing N N 237 
PHE CA  HA   sing N N 238 
PHE C   O    doub N N 239 
PHE C   OXT  sing N N 240 
PHE CB  CG   sing N N 241 
PHE CB  HB2  sing N N 242 
PHE CB  HB3  sing N N 243 
PHE CG  CD1  doub Y N 244 
PHE CG  CD2  sing Y N 245 
PHE CD1 CE1  sing Y N 246 
PHE CD1 HD1  sing N N 247 
PHE CD2 CE2  doub Y N 248 
PHE CD2 HD2  sing N N 249 
PHE CE1 CZ   doub Y N 250 
PHE CE1 HE1  sing N N 251 
PHE CE2 CZ   sing Y N 252 
PHE CE2 HE2  sing N N 253 
PHE CZ  HZ   sing N N 254 
PHE OXT HXT  sing N N 255 
PRO N   CA   sing N N 256 
PRO N   CD   sing N N 257 
PRO N   H    sing N N 258 
PRO CA  C    sing N N 259 
PRO CA  CB   sing N N 260 
PRO CA  HA   sing N N 261 
PRO C   O    doub N N 262 
PRO C   OXT  sing N N 263 
PRO CB  CG   sing N N 264 
PRO CB  HB2  sing N N 265 
PRO CB  HB3  sing N N 266 
PRO CG  CD   sing N N 267 
PRO CG  HG2  sing N N 268 
PRO CG  HG3  sing N N 269 
PRO CD  HD2  sing N N 270 
PRO CD  HD3  sing N N 271 
PRO OXT HXT  sing N N 272 
RV4 C12 O2   sing N N 273 
RV4 C12 C13  sing N N 274 
RV4 O2  C11  sing N N 275 
RV4 C13 N2   sing N N 276 
RV4 C11 C10  sing N N 277 
RV4 N2  C10  sing N N 278 
RV4 N2  C9   sing N N 279 
RV4 C9  C6   sing N N 280 
RV4 C5  C6   doub Y N 281 
RV4 C5  C4   sing Y N 282 
RV4 C6  C7   sing Y N 283 
RV4 C4  C3   doub Y N 284 
RV4 C7  C8   doub Y N 285 
RV4 C3  C8   sing Y N 286 
RV4 C3  N1   sing N N 287 
RV4 N1  C2   sing N N 288 
RV4 C2  O1   doub N N 289 
RV4 C2  C1   sing N N 290 
RV4 N1  H1   sing N N 291 
RV4 C4  H2   sing N N 292 
RV4 C5  H3   sing N N 293 
RV4 C7  H4   sing N N 294 
RV4 C8  H5   sing N N 295 
RV4 C10 H6   sing N N 296 
RV4 C10 H7   sing N N 297 
RV4 C13 H8   sing N N 298 
RV4 C13 H9   sing N N 299 
RV4 C1  H10  sing N N 300 
RV4 C1  H11  sing N N 301 
RV4 C1  H12  sing N N 302 
RV4 C11 H13  sing N N 303 
RV4 C11 H14  sing N N 304 
RV4 C12 H15  sing N N 305 
RV4 C12 H16  sing N N 306 
RV4 C9  H17  sing N N 307 
RV4 C9  H18  sing N N 308 
SER N   CA   sing N N 309 
SER N   H    sing N N 310 
SER N   H2   sing N N 311 
SER CA  C    sing N N 312 
SER CA  CB   sing N N 313 
SER CA  HA   sing N N 314 
SER C   O    doub N N 315 
SER C   OXT  sing N N 316 
SER CB  OG   sing N N 317 
SER CB  HB2  sing N N 318 
SER CB  HB3  sing N N 319 
SER OG  HG   sing N N 320 
SER OXT HXT  sing N N 321 
THR N   CA   sing N N 322 
THR N   H    sing N N 323 
THR N   H2   sing N N 324 
THR CA  C    sing N N 325 
THR CA  CB   sing N N 326 
THR CA  HA   sing N N 327 
THR C   O    doub N N 328 
THR C   OXT  sing N N 329 
THR CB  OG1  sing N N 330 
THR CB  CG2  sing N N 331 
THR CB  HB   sing N N 332 
THR OG1 HG1  sing N N 333 
THR CG2 HG21 sing N N 334 
THR CG2 HG22 sing N N 335 
THR CG2 HG23 sing N N 336 
THR OXT HXT  sing N N 337 
TYR N   CA   sing N N 338 
TYR N   H    sing N N 339 
TYR N   H2   sing N N 340 
TYR CA  C    sing N N 341 
TYR CA  CB   sing N N 342 
TYR CA  HA   sing N N 343 
TYR C   O    doub N N 344 
TYR C   OXT  sing N N 345 
TYR CB  CG   sing N N 346 
TYR CB  HB2  sing N N 347 
TYR CB  HB3  sing N N 348 
TYR CG  CD1  doub Y N 349 
TYR CG  CD2  sing Y N 350 
TYR CD1 CE1  sing Y N 351 
TYR CD1 HD1  sing N N 352 
TYR CD2 CE2  doub Y N 353 
TYR CD2 HD2  sing N N 354 
TYR CE1 CZ   doub Y N 355 
TYR CE1 HE1  sing N N 356 
TYR CE2 CZ   sing Y N 357 
TYR CE2 HE2  sing N N 358 
TYR CZ  OH   sing N N 359 
TYR OH  HH   sing N N 360 
TYR OXT HXT  sing N N 361 
VAL N   CA   sing N N 362 
VAL N   H    sing N N 363 
VAL N   H2   sing N N 364 
VAL CA  C    sing N N 365 
VAL CA  CB   sing N N 366 
VAL CA  HA   sing N N 367 
VAL C   O    doub N N 368 
VAL C   OXT  sing N N 369 
VAL CB  CG1  sing N N 370 
VAL CB  CG2  sing N N 371 
VAL CB  HB   sing N N 372 
VAL CG1 HG11 sing N N 373 
VAL CG1 HG12 sing N N 374 
VAL CG1 HG13 sing N N 375 
VAL CG2 HG21 sing N N 376 
VAL CG2 HG22 sing N N 377 
VAL CG2 HG23 sing N N 378 
VAL OXT HXT  sing N N 379 
# 
_pdbx_audit_support.ordinal                1 
_pdbx_audit_support.funding_organization   'European Union (EU)' 
_pdbx_audit_support.grant_number           875510 
_pdbx_audit_support.country                'European Union' 
# 
_pdbx_deposit_group.group_id            G_1002273 
_pdbx_deposit_group.group_description   
;MAP1LC3B screened against the DSi-poised Fragment Library by X-ray Crystallography at the XChem facility of Diamond Light Source beamline I04-1
;
_pdbx_deposit_group.group_title         'PanDDA analysis group deposition' 
_pdbx_deposit_group.group_type          'changed state' 
# 
_atom_sites.entry_id                    7GAO 
_atom_sites.fract_transf_matrix[1][1]   -0.01250611 
_atom_sites.fract_transf_matrix[1][2]   0.01031038 
_atom_sites.fract_transf_matrix[1][3]   -0.00233105 
_atom_sites.fract_transf_matrix[2][1]   -0.00884864 
_atom_sites.fract_transf_matrix[2][2]   -0.01218656 
_atom_sites.fract_transf_matrix[2][3]   -0.00642884 
_atom_sites.fract_transf_matrix[3][1]   -0.01000517 
_atom_sites.fract_transf_matrix[3][2]   -0.00631568 
_atom_sites.fract_transf_matrix[3][3]   0.02574317 
_atom_sites.fract_transf_vector[1]      0.185180 
_atom_sites.fract_transf_vector[2]      -0.381787 
_atom_sites.fract_transf_vector[3]      0.021200 
# 
loop_
_atom_type.symbol 
C  
CL 
N  
O  
S  
# 
loop_
_atom_site.group_PDB 
_atom_site.id 
_atom_site.type_symbol 
_atom_site.label_atom_id 
_atom_site.label_alt_id 
_atom_site.label_comp_id 
_atom_site.label_asym_id 
_atom_site.label_entity_id 
_atom_site.label_seq_id 
_atom_site.pdbx_PDB_ins_code 
_atom_site.Cartn_x 
_atom_site.Cartn_y 
_atom_site.Cartn_z 
_atom_site.occupancy 
_atom_site.B_iso_or_equiv 
_atom_site.pdbx_formal_charge 
_atom_site.auth_seq_id 
_atom_site.auth_comp_id 
_atom_site.auth_asym_id 
_atom_site.auth_atom_id 
_atom_site.pdbx_PDB_model_num 
ATOM   1    N  N   . LYS A 1 6   ? 8.164   -9.480  -11.839 1.00 50.54  ? 5   LYS A N   1 
ATOM   2    C  CA  . LYS A 1 6   ? 6.777   -9.796  -11.451 1.00 53.43  ? 5   LYS A CA  1 
ATOM   3    C  C   . LYS A 1 6   ? 6.291   -8.775  -10.403 1.00 45.30  ? 5   LYS A C   1 
ATOM   4    O  O   . LYS A 1 6   ? 5.262   -8.146  -10.686 1.00 49.28  ? 5   LYS A O   1 
ATOM   5    C  CB  . LYS A 1 6   ? 6.654   -11.243 -10.961 1.00 55.87  ? 5   LYS A CB  1 
ATOM   6    C  CG  . LYS A 1 6   ? 5.882   -12.160 -11.892 1.00 65.78  ? 5   LYS A CG  1 
ATOM   7    C  CD  . LYS A 1 6   ? 4.491   -11.656 -12.215 1.00 70.08  ? 5   LYS A CD  1 
ATOM   8    C  CE  . LYS A 1 6   ? 3.431   -12.702 -11.964 1.00 74.98  ? 5   LYS A CE  1 
ATOM   9    N  NZ  . LYS A 1 6   ? 3.809   -14.003 -12.567 1.00 80.73  ? 5   LYS A NZ  1 
ATOM   10   N  N   . THR A 1 7   ? 6.972   -8.606  -9.259  1.00 47.28  ? 6   THR A N   1 
ATOM   11   C  CA  . THR A 1 7   ? 6.637   -7.531  -8.269  1.00 41.50  ? 6   THR A CA  1 
ATOM   12   C  C   . THR A 1 7   ? 6.981   -6.170  -8.876  1.00 41.69  ? 6   THR A C   1 
ATOM   13   O  O   . THR A 1 7   ? 7.729   -6.119  -9.884  1.00 36.86  ? 6   THR A O   1 
ATOM   14   C  CB  . THR A 1 7   ? 7.329   -7.632  -6.901  1.00 42.03  ? 6   THR A CB  1 
ATOM   15   O  OG1 . THR A 1 7   ? 8.725   -7.348  -7.027  1.00 37.79  ? 6   THR A OG1 1 
ATOM   16   C  CG2 . THR A 1 7   ? 7.125   -8.969  -6.220  1.00 47.08  ? 6   THR A CG2 1 
ATOM   17   N  N   . PHE A 1 8   ? 6.473   -5.101  -8.255  1.00 36.11  ? 7   PHE A N   1 
ATOM   18   C  CA  . PHE A 1 8   ? 6.762   -3.698  -8.643  1.00 34.08  ? 7   PHE A CA  1 
ATOM   19   C  C   . PHE A 1 8   ? 8.273   -3.440  -8.642  1.00 31.71  ? 7   PHE A C   1 
ATOM   20   O  O   . PHE A 1 8   ? 8.799   -2.889  -9.649  1.00 31.82  ? 7   PHE A O   1 
ATOM   21   C  CB  . PHE A 1 8   ? 6.017   -2.721  -7.726  1.00 32.39  ? 7   PHE A CB  1 
ATOM   22   C  CG  . PHE A 1 8   ? 6.174   -1.289  -8.158  1.00 31.59  ? 7   PHE A CG  1 
ATOM   23   C  CD1 . PHE A 1 8   ? 5.577   -0.826  -9.317  1.00 30.76  ? 7   PHE A CD1 1 
ATOM   24   C  CD2 . PHE A 1 8   ? 6.968   -0.417  -7.422  1.00 29.97  ? 7   PHE A CD2 1 
ATOM   25   C  CE1 . PHE A 1 8   ? 5.720   0.496   -9.715  1.00 32.10  ? 7   PHE A CE1 1 
ATOM   26   C  CE2 . PHE A 1 8   ? 7.141   0.893   -7.842  1.00 30.28  ? 7   PHE A CE2 1 
ATOM   27   C  CZ  . PHE A 1 8   ? 6.524   1.352   -8.990  1.00 28.98  ? 7   PHE A CZ  1 
ATOM   28   N  N   . LYS A 1 9   ? 8.986   -3.843  -7.584  1.00 31.42  ? 8   LYS A N   1 
ATOM   29   C  CA  . LYS A 1 9   ? 10.440  -3.539  -7.483  1.00 33.16  ? 8   LYS A CA  1 
ATOM   30   C  C   . LYS A 1 9   ? 11.215  -4.288  -8.582  1.00 34.45  ? 8   LYS A C   1 
ATOM   31   O  O   . LYS A 1 9   ? 12.287  -3.793  -9.004  1.00 34.44  ? 8   LYS A O   1 
ATOM   32   C  CB  . LYS A 1 9   ? 10.997  -3.865  -6.093  1.00 34.73  ? 8   LYS A CB  1 
ATOM   33   C  CG  . LYS A 1 9   ? 10.642  -2.867  -5.014  1.00 33.64  ? 8   LYS A CG  1 
ATOM   34   C  CD  . LYS A 1 9   ? 11.475  -3.063  -3.757  1.00 35.24  ? 8   LYS A CD  1 
ATOM   35   C  CE  . LYS A 1 9   ? 11.164  -2.052  -2.671  1.00 35.74  ? 8   LYS A CE  1 
ATOM   36   N  NZ  . LYS A 1 9   ? 11.923  -2.318  -1.418  1.00 34.48  ? 8   LYS A NZ  1 
ATOM   37   N  N   . GLN A 1 10  ? 10.698  -5.427  -9.036  1.00 36.88  ? 9   GLN A N   1 
ATOM   38   C  CA  . GLN A 1 10  ? 11.297  -6.245  -10.132 1.00 39.62  ? 9   GLN A CA  1 
ATOM   39   C  C   . GLN A 1 10  ? 11.019  -5.675  -11.535 1.00 41.15  ? 9   GLN A C   1 
ATOM   40   O  O   . GLN A 1 10  ? 11.837  -5.907  -12.433 1.00 42.39  ? 9   GLN A O   1 
ATOM   41   C  CB  . GLN A 1 10  ? 10.775  -7.675  -10.035 1.00 43.69  ? 9   GLN A CB  1 
ATOM   42   C  CG  . GLN A 1 10  ? 11.231  -8.382  -8.777  1.00 46.76  ? 9   GLN A CG  1 
ATOM   43   C  CD  . GLN A 1 10  ? 10.507  -9.688  -8.548  1.00 46.98  ? 9   GLN A CD  1 
ATOM   44   O  OE1 . GLN A 1 10  ? 9.493   -10.004 -9.176  1.00 54.57  ? 9   GLN A OE1 1 
ATOM   45   N  NE2 . GLN A 1 10  ? 11.039  -10.472 -7.633  1.00 58.06  ? 9   GLN A NE2 1 
ATOM   46   N  N   A ARG A 1 11  ? 9.900   -4.956  -11.707 0.34 38.00  ? 10  ARG A N   1 
ATOM   47   N  N   B ARG A 1 11  ? 9.909   -4.945  -11.704 0.17 38.51  ? 10  ARG A N   1 
ATOM   48   C  CA  A ARG A 1 11  ? 9.439   -4.384  -13.004 0.34 39.91  ? 10  ARG A CA  1 
ATOM   49   C  CA  B ARG A 1 11  ? 9.448   -4.393  -13.009 0.17 38.76  ? 10  ARG A CA  1 
ATOM   50   C  C   A ARG A 1 11  ? 10.131  -3.045  -13.283 0.34 39.11  ? 10  ARG A C   1 
ATOM   51   C  C   B ARG A 1 11  ? 10.102  -3.033  -13.284 0.17 37.99  ? 10  ARG A C   1 
ATOM   52   O  O   A ARG A 1 11  ? 10.345  -2.733  -14.471 0.34 38.47  ? 10  ARG A O   1 
ATOM   53   O  O   B ARG A 1 11  ? 10.287  -2.707  -14.474 0.17 37.49  ? 10  ARG A O   1 
ATOM   54   C  CB  A ARG A 1 11  ? 7.929   -4.125  -12.988 0.34 43.40  ? 10  ARG A CB  1 
ATOM   55   C  CB  B ARG A 1 11  ? 7.922   -4.250  -13.019 0.17 40.28  ? 10  ARG A CB  1 
ATOM   56   C  CG  A ARG A 1 11  ? 7.064   -5.355  -13.209 0.34 47.41  ? 10  ARG A CG  1 
ATOM   57   C  CG  B ARG A 1 11  ? 7.179   -5.565  -13.210 0.17 41.89  ? 10  ARG A CG  1 
ATOM   58   C  CD  A ARG A 1 11  ? 5.606   -4.961  -13.343 0.34 49.38  ? 10  ARG A CD  1 
ATOM   59   C  CD  B ARG A 1 11  ? 5.676   -5.388  -13.302 0.17 42.11  ? 10  ARG A CD  1 
ATOM   60   N  NE  A ARG A 1 11  ? 4.931   -4.889  -12.052 0.34 50.24  ? 10  ARG A NE  1 
ATOM   61   N  NE  B ARG A 1 11  ? 4.976   -5.829  -12.101 0.17 43.01  ? 10  ARG A NE  1 
ATOM   62   C  CZ  A ARG A 1 11  ? 4.001   -4.002  -11.745 0.34 49.61  ? 10  ARG A CZ  1 
ATOM   63   C  CZ  B ARG A 1 11  ? 4.201   -5.055  -11.353 0.17 39.92  ? 10  ARG A CZ  1 
ATOM   64   N  NH1 A ARG A 1 11  ? 3.650   -3.085  -12.628 0.34 54.55  ? 10  ARG A NH1 1 
ATOM   65   N  NH1 B ARG A 1 11  ? 4.016   -3.789  -11.676 0.17 39.55  ? 10  ARG A NH1 1 
ATOM   66   N  NH2 A ARG A 1 11  ? 3.436   -4.021  -10.552 0.34 50.00  ? 10  ARG A NH2 1 
ATOM   67   N  NH2 B ARG A 1 11  ? 3.605   -5.552  -10.288 0.17 40.88  ? 10  ARG A NH2 1 
ATOM   68   N  N   . ARG A 1 12  ? 10.407  -2.257  -12.234 1.00 35.13  ? 11  ARG A N   1 
ATOM   69   C  CA  . ARG A 1 12  ? 10.946  -0.877  -12.372 1.00 35.91  ? 11  ARG A CA  1 
ATOM   70   C  C   . ARG A 1 12  ? 12.289  -0.787  -11.655 1.00 29.61  ? 11  ARG A C   1 
ATOM   71   O  O   . ARG A 1 12  ? 12.370  -1.313  -10.533 1.00 31.85  ? 11  ARG A O   1 
ATOM   72   C  CB  . ARG A 1 12  ? 9.977   0.147   -11.764 1.00 36.88  ? 11  ARG A CB  1 
ATOM   73   C  CG  . ARG A 1 12  ? 8.553   0.074   -12.310 1.00 39.85  ? 11  ARG A CG  1 
ATOM   74   C  CD  . ARG A 1 12  ? 8.431   0.718   -13.665 1.00 39.96  ? 11  ARG A CD  1 
ATOM   75   N  NE  . ARG A 1 12  ? 8.518   2.166   -13.615 1.00 45.26  ? 11  ARG A NE  1 
ATOM   76   C  CZ  . ARG A 1 12  ? 8.606   2.966   -14.681 1.00 46.56  ? 11  ARG A CZ  1 
ATOM   77   N  NH1 . ARG A 1 12  ? 8.633   2.470   -15.908 1.00 47.43  ? 11  ARG A NH1 1 
ATOM   78   N  NH2 . ARG A 1 12  ? 8.642   4.275   -14.520 1.00 48.46  ? 11  ARG A NH2 1 
ATOM   79   N  N   . THR A 1 13  ? 13.245  -0.084  -12.268 1.00 29.47  ? 12  THR A N   1 
ATOM   80   C  CA  . THR A 1 13  ? 14.603  0.151   -11.709 1.00 31.12  ? 12  THR A CA  1 
ATOM   81   C  C   . THR A 1 13  ? 14.483  1.083   -10.485 1.00 32.33  ? 12  THR A C   1 
ATOM   82   O  O   . THR A 1 13  ? 13.510  1.865   -10.401 1.00 27.13  ? 12  THR A O   1 
ATOM   83   C  CB  . THR A 1 13  ? 15.587  0.690   -12.752 1.00 31.43  ? 12  THR A CB  1 
ATOM   84   O  OG1 . THR A 1 13  ? 15.219  2.025   -13.088 1.00 31.26  ? 12  THR A OG1 1 
ATOM   85   C  CG2 . THR A 1 13  ? 15.675  -0.150  -14.014 1.00 34.74  ? 12  THR A CG2 1 
ATOM   86   N  N   . PHE A 1 14  ? 15.431  1.027   -9.566  1.00 29.70  ? 13  PHE A N   1 
ATOM   87   C  CA  . PHE A 1 14  ? 15.516  1.993   -8.439  1.00 32.54  ? 13  PHE A CA  1 
ATOM   88   C  C   . PHE A 1 14  ? 15.394  3.419   -8.988  1.00 33.39  ? 13  PHE A C   1 
ATOM   89   O  O   . PHE A 1 14  ? 14.585  4.214   -8.464  1.00 30.80  ? 13  PHE A O   1 
ATOM   90   C  CB  . PHE A 1 14  ? 16.787  1.785   -7.609  1.00 30.73  ? 13  PHE A CB  1 
ATOM   91   C  CG  . PHE A 1 14  ? 16.829  2.666   -6.391  1.00 28.77  ? 13  PHE A CG  1 
ATOM   92   C  CD1 . PHE A 1 14  ? 16.126  2.326   -5.259  1.00 28.61  ? 13  PHE A CD1 1 
ATOM   93   C  CD2 . PHE A 1 14  ? 17.514  3.866   -6.413  1.00 32.88  ? 13  PHE A CD2 1 
ATOM   94   C  CE1 . PHE A 1 14  ? 16.144  3.138   -4.143  1.00 29.57  ? 13  PHE A CE1 1 
ATOM   95   C  CE2 . PHE A 1 14  ? 17.513  4.694   -5.302  1.00 33.58  ? 13  PHE A CE2 1 
ATOM   96   C  CZ  . PHE A 1 14  ? 16.836  4.323   -4.168  1.00 31.14  ? 13  PHE A CZ  1 
ATOM   97   N  N   . GLU A 1 15  ? 16.133  3.734   -10.048 1.00 28.71  ? 14  GLU A N   1 
ATOM   98   C  CA  . GLU A 1 15  ? 16.143  5.082   -10.666 1.00 32.93  ? 14  GLU A CA  1 
ATOM   99   C  C   . GLU A 1 15  ? 14.724  5.458   -11.115 1.00 29.95  ? 14  GLU A C   1 
ATOM   100  O  O   . GLU A 1 15  ? 14.301  6.616   -10.921 1.00 29.65  ? 14  GLU A O   1 
ATOM   101  C  CB  . GLU A 1 15  ? 17.113  5.060   -11.848 1.00 36.52  ? 14  GLU A CB  1 
ATOM   102  C  CG  . GLU A 1 15  ? 17.335  6.398   -12.502 1.00 43.06  ? 14  GLU A CG  1 
ATOM   103  C  CD  . GLU A 1 15  ? 18.354  6.334   -13.617 1.00 44.05  ? 14  GLU A CD  1 
ATOM   104  O  OE1 . GLU A 1 15  ? 18.525  5.240   -14.209 1.00 47.51  ? 14  GLU A OE1 1 
ATOM   105  O  OE2 . GLU A 1 15  ? 18.932  7.387   -13.913 1.00 48.86  ? 14  GLU A OE2 1 
ATOM   106  N  N   . GLN A 1 16  ? 14.028  4.510   -11.742 1.00 28.59  ? 15  GLN A N   1 
ATOM   107  C  CA  . GLN A 1 16  ? 12.662  4.718   -12.280 1.00 28.06  ? 15  GLN A CA  1 
ATOM   108  C  C   . GLN A 1 16  ? 11.671  4.969   -11.134 1.00 27.98  ? 15  GLN A C   1 
ATOM   109  O  O   . GLN A 1 16  ? 10.776  5.852   -11.265 1.00 28.73  ? 15  GLN A O   1 
ATOM   110  C  CB  . GLN A 1 16  ? 12.214  3.540   -13.141 1.00 28.48  ? 15  GLN A CB  1 
ATOM   111  C  CG  . GLN A 1 16  ? 12.760  3.598   -14.562 1.00 32.00  ? 15  GLN A CG  1 
ATOM   112  C  CD  . GLN A 1 16  ? 12.453  2.331   -15.324 1.00 30.62  ? 15  GLN A CD  1 
ATOM   113  O  OE1 . GLN A 1 16  ? 12.236  1.280   -14.745 1.00 29.31  ? 15  GLN A OE1 1 
ATOM   114  N  NE2 . GLN A 1 16  ? 12.388  2.439   -16.638 1.00 34.74  ? 15  GLN A NE2 1 
ATOM   115  N  N   A ARG A 1 17  ? 11.799  4.216   -10.038 0.15 28.23  ? 16  ARG A N   1 
ATOM   116  N  N   B ARG A 1 17  ? 11.799  4.227   -10.035 0.35 26.73  ? 16  ARG A N   1 
ATOM   117  C  CA  A ARG A 1 17  ? 10.899  4.322   -8.855  0.15 28.87  ? 16  ARG A CA  1 
ATOM   118  C  CA  B ARG A 1 17  ? 10.877  4.358   -8.872  0.35 27.23  ? 16  ARG A CA  1 
ATOM   119  C  C   A ARG A 1 17  ? 11.124  5.676   -8.169  0.15 28.75  ? 16  ARG A C   1 
ATOM   120  C  C   B ARG A 1 17  ? 11.116  5.717   -8.206  0.35 28.12  ? 16  ARG A C   1 
ATOM   121  O  O   A ARG A 1 17  ? 10.117  6.313   -7.772  0.15 28.06  ? 16  ARG A O   1 
ATOM   122  O  O   B ARG A 1 17  ? 10.113  6.419   -7.881  0.35 26.00  ? 16  ARG A O   1 
ATOM   123  C  CB  A ARG A 1 17  ? 11.115  3.136   -7.909  0.15 29.55  ? 16  ARG A CB  1 
ATOM   124  C  CB  B ARG A 1 17  ? 11.047  3.156   -7.939  0.35 26.76  ? 16  ARG A CB  1 
ATOM   125  C  CG  A ARG A 1 17  ? 10.798  1.787   -8.540  0.15 30.28  ? 16  ARG A CG  1 
ATOM   126  C  CG  B ARG A 1 17  ? 10.508  1.865   -8.538  0.35 26.30  ? 16  ARG A CG  1 
ATOM   127  C  CD  A ARG A 1 17  ? 10.766  0.621   -7.567  0.15 31.42  ? 16  ARG A CD  1 
ATOM   128  C  CD  B ARG A 1 17  ? 10.747  0.625   -7.699  0.35 27.51  ? 16  ARG A CD  1 
ATOM   129  N  NE  A ARG A 1 17  ? 11.869  0.588   -6.613  0.15 33.16  ? 16  ARG A NE  1 
ATOM   130  N  NE  B ARG A 1 17  ? 11.996  -0.065  -8.012  0.35 29.33  ? 16  ARG A NE  1 
ATOM   131  C  CZ  A ARG A 1 17  ? 12.816  -0.344  -6.574  0.15 33.81  ? 16  ARG A CZ  1 
ATOM   132  C  CZ  B ARG A 1 17  ? 12.970  -0.286  -7.139  0.35 31.05  ? 16  ARG A CZ  1 
ATOM   133  N  NH1 A ARG A 1 17  ? 12.825  -1.327  -7.456  0.15 33.35  ? 16  ARG A NH1 1 
ATOM   134  N  NH1 B ARG A 1 17  ? 12.852  0.151   -5.895  0.35 30.74  ? 16  ARG A NH1 1 
ATOM   135  N  NH2 A ARG A 1 17  ? 13.761  -0.285  -5.651  0.15 34.78  ? 16  ARG A NH2 1 
ATOM   136  N  NH2 B ARG A 1 17  ? 14.064  -0.930  -7.519  0.35 29.76  ? 16  ARG A NH2 1 
ATOM   137  N  N   . VAL A 1 18  ? 12.385  6.108   -8.053  1.00 27.20  ? 17  VAL A N   1 
ATOM   138  C  CA  . VAL A 1 18  ? 12.743  7.416   -7.433  1.00 29.05  ? 17  VAL A CA  1 
ATOM   139  C  C   . VAL A 1 18  ? 12.128  8.549   -8.271  1.00 29.76  ? 17  VAL A C   1 
ATOM   140  O  O   . VAL A 1 18  ? 11.491  9.490   -7.686  1.00 28.54  ? 17  VAL A O   1 
ATOM   141  C  CB  . VAL A 1 18  ? 14.266  7.539   -7.304  1.00 29.38  ? 17  VAL A CB  1 
ATOM   142  C  CG1 . VAL A 1 18  ? 14.706  8.989   -7.121  1.00 33.41  ? 17  VAL A CG1 1 
ATOM   143  C  CG2 . VAL A 1 18  ? 14.758  6.659   -6.160  1.00 33.42  ? 17  VAL A CG2 1 
ATOM   144  N  N   . GLU A 1 19  ? 12.274  8.478   -9.598  1.00 29.40  ? 18  GLU A N   1 
ATOM   145  C  CA  . GLU A 1 19  ? 11.743  9.541   -10.483 1.00 31.47  ? 18  GLU A CA  1 
ATOM   146  C  C   . GLU A 1 19  ? 10.220  9.559   -10.456 1.00 31.97  ? 18  GLU A C   1 
ATOM   147  O  O   . GLU A 1 19  ? 9.650   10.662  -10.603 1.00 33.47  ? 18  GLU A O   1 
ATOM   148  C  CB  . GLU A 1 19  ? 12.214  9.411   -11.935 1.00 35.31  ? 18  GLU A CB  1 
ATOM   149  C  CG  . GLU A 1 19  ? 13.607  9.953   -12.145 1.00 39.39  ? 18  GLU A CG  1 
ATOM   150  C  CD  . GLU A 1 19  ? 13.903  11.304  -11.517 1.00 39.92  ? 18  GLU A CD  1 
ATOM   151  O  OE1 . GLU A 1 19  ? 13.099  12.261  -11.715 1.00 42.56  ? 18  GLU A OE1 1 
ATOM   152  O  OE2 . GLU A 1 19  ? 14.932  11.394  -10.829 1.00 41.21  ? 18  GLU A OE2 1 
ATOM   153  N  N   . ASP A 1 20  ? 9.552   8.417   -10.342 1.00 29.25  ? 19  ASP A N   1 
ATOM   154  C  CA  . ASP A 1 20  ? 8.074   8.471   -10.302 1.00 31.05  ? 19  ASP A CA  1 
ATOM   155  C  C   . ASP A 1 20  ? 7.599   9.108   -8.993  1.00 31.67  ? 19  ASP A C   1 
ATOM   156  O  O   . ASP A 1 20  ? 6.628   9.875   -9.066  1.00 27.17  ? 19  ASP A O   1 
ATOM   157  C  CB  . ASP A 1 20  ? 7.395   7.137   -10.541 1.00 36.54  ? 19  ASP A CB  1 
ATOM   158  C  CG  . ASP A 1 20  ? 5.923   7.357   -10.900 1.00 47.98  ? 19  ASP A CG  1 
ATOM   159  O  OD1 . ASP A 1 20  ? 5.126   6.489   -10.536 1.00 49.98  ? 19  ASP A OD1 1 
ATOM   160  O  OD2 . ASP A 1 20  ? 5.565   8.431   -11.507 1.00 48.24  ? 19  ASP A OD2 1 
ATOM   161  N  N   . VAL A 1 21  ? 8.240   8.822   -7.853  1.00 25.68  ? 20  VAL A N   1 
ATOM   162  C  CA  . VAL A 1 21  ? 7.881   9.465   -6.560  1.00 27.99  ? 20  VAL A CA  1 
ATOM   163  C  C   . VAL A 1 21  ? 8.082   10.984  -6.686  1.00 29.25  ? 20  VAL A C   1 
ATOM   164  O  O   . VAL A 1 21  ? 7.200   11.747  -6.214  1.00 27.40  ? 20  VAL A O   1 
ATOM   165  C  CB  . VAL A 1 21  ? 8.660   8.843   -5.383  1.00 27.18  ? 20  VAL A CB  1 
ATOM   166  C  CG1 . VAL A 1 21  ? 8.551   9.686   -4.117  1.00 28.32  ? 20  VAL A CG1 1 
ATOM   167  C  CG2 . VAL A 1 21  ? 8.192   7.426   -5.139  1.00 25.30  ? 20  VAL A CG2 1 
ATOM   168  N  N   . ARG A 1 22  ? 9.153   11.419  -7.346  1.00 28.41  ? 21  ARG A N   1 
ATOM   169  C  CA  . ARG A 1 22  ? 9.450   12.862  -7.526  1.00 29.61  ? 21  ARG A CA  1 
ATOM   170  C  C   . ARG A 1 22  ? 8.364   13.520  -8.379  1.00 31.15  ? 21  ARG A C   1 
ATOM   171  O  O   . ARG A 1 22  ? 7.933   14.647  -8.023  1.00 30.76  ? 21  ARG A O   1 
ATOM   172  C  CB  . ARG A 1 22  ? 10.858  13.008  -8.106  1.00 30.20  ? 21  ARG A CB  1 
ATOM   173  C  CG  . ARG A 1 22  ? 11.945  12.688  -7.095  1.00 32.93  ? 21  ARG A CG  1 
ATOM   174  C  CD  . ARG A 1 22  ? 13.305  12.729  -7.757  1.00 31.82  ? 21  ARG A CD  1 
ATOM   175  N  NE  . ARG A 1 22  ? 14.391  12.451  -6.833  1.00 35.40  ? 21  ARG A NE  1 
ATOM   176  C  CZ  . ARG A 1 22  ? 15.688  12.495  -7.153  1.00 32.99  ? 21  ARG A CZ  1 
ATOM   177  N  NH1 . ARG A 1 22  ? 16.080  12.743  -8.393  1.00 35.33  ? 21  ARG A NH1 1 
ATOM   178  N  NH2 . ARG A 1 22  ? 16.574  12.219  -6.229  1.00 37.80  ? 21  ARG A NH2 1 
ATOM   179  N  N   . LEU A 1 23  ? 7.889   12.848  -9.427  1.00 29.33  ? 22  LEU A N   1 
ATOM   180  C  CA  . LEU A 1 23  ? 6.791   13.379  -10.294 1.00 32.38  ? 22  LEU A CA  1 
ATOM   181  C  C   . LEU A 1 23  ? 5.458   13.455  -9.525  1.00 30.90  ? 22  LEU A C   1 
ATOM   182  O  O   . LEU A 1 23  ? 4.711   14.411  -9.754  1.00 29.15  ? 22  LEU A O   1 
ATOM   183  C  CB  . LEU A 1 23  ? 6.629   12.470  -11.520 1.00 35.30  ? 22  LEU A CB  1 
ATOM   184  C  CG  . LEU A 1 23  ? 5.489   12.836  -12.462 1.00 37.94  ? 22  LEU A CG  1 
ATOM   185  C  CD1 . LEU A 1 23  ? 5.817   14.117  -13.207 1.00 36.25  ? 22  LEU A CD1 1 
ATOM   186  C  CD2 . LEU A 1 23  ? 5.181   11.703  -13.419 1.00 40.49  ? 22  LEU A CD2 1 
ATOM   187  N  N   . ILE A 1 24  ? 5.153   12.497  -8.646  1.00 27.43  ? 23  ILE A N   1 
ATOM   188  C  CA  . ILE A 1 24  ? 3.938   12.551  -7.772  1.00 26.45  ? 23  ILE A CA  1 
ATOM   189  C  C   . ILE A 1 24  ? 4.064   13.733  -6.790  1.00 25.79  ? 23  ILE A C   1 
ATOM   190  O  O   . ILE A 1 24  ? 3.022   14.395  -6.527  1.00 24.70  ? 23  ILE A O   1 
ATOM   191  C  CB  . ILE A 1 24  ? 3.729   11.180  -7.093  1.00 28.52  ? 23  ILE A CB  1 
ATOM   192  C  CG1 . ILE A 1 24  ? 3.494   10.105  -8.164  1.00 29.84  ? 23  ILE A CG1 1 
ATOM   193  C  CG2 . ILE A 1 24  ? 2.606   11.230  -6.062  1.00 27.81  ? 23  ILE A CG2 1 
ATOM   194  C  CD1 . ILE A 1 24  ? 3.575   8.679   -7.659  1.00 31.49  ? 23  ILE A CD1 1 
ATOM   195  N  N   . ARG A 1 25  ? 5.259   14.033  -6.283  1.00 24.49  ? 24  ARG A N   1 
ATOM   196  C  CA  . ARG A 1 25  ? 5.474   15.222  -5.409  1.00 25.52  ? 24  ARG A CA  1 
ATOM   197  C  C   . ARG A 1 25  ? 5.131   16.488  -6.198  1.00 28.49  ? 24  ARG A C   1 
ATOM   198  O  O   . ARG A 1 25  ? 4.517   17.410  -5.626  1.00 25.32  ? 24  ARG A O   1 
ATOM   199  C  CB  . ARG A 1 25  ? 6.907   15.327  -4.907  1.00 27.00  ? 24  ARG A CB  1 
ATOM   200  C  CG  . ARG A 1 25  ? 7.255   14.296  -3.850  1.00 27.58  ? 24  ARG A CG  1 
ATOM   201  C  CD  . ARG A 1 25  ? 8.554   14.678  -3.158  1.00 33.25  ? 24  ARG A CD  1 
ATOM   202  N  NE  . ARG A 1 25  ? 9.017   13.493  -2.453  1.00 38.03  ? 24  ARG A NE  1 
ATOM   203  C  CZ  . ARG A 1 25  ? 10.216  12.929  -2.599  1.00 40.28  ? 24  ARG A CZ  1 
ATOM   204  N  NH1 . ARG A 1 25  ? 11.139  13.470  -3.378  1.00 38.03  ? 24  ARG A NH1 1 
ATOM   205  N  NH2 . ARG A 1 25  ? 10.496  11.836  -1.918  1.00 41.48  ? 24  ARG A NH2 1 
ATOM   206  N  N   . GLU A 1 26  ? 5.513   16.527  -7.468  1.00 29.74  ? 25  GLU A N   1 
ATOM   207  C  CA  . GLU A 1 26  ? 5.297   17.714  -8.333  1.00 34.96  ? 25  GLU A CA  1 
ATOM   208  C  C   . GLU A 1 26  ? 3.819   17.824  -8.710  1.00 31.48  ? 25  GLU A C   1 
ATOM   209  O  O   . GLU A 1 26  ? 3.284   18.923  -8.622  1.00 31.32  ? 25  GLU A O   1 
ATOM   210  C  CB  . GLU A 1 26  ? 6.194   17.640  -9.574  1.00 44.33  ? 25  GLU A CB  1 
ATOM   211  C  CG  . GLU A 1 26  ? 6.463   18.995  -10.194 1.00 56.62  ? 25  GLU A CG  1 
ATOM   212  C  CD  . GLU A 1 26  ? 7.192   19.933  -9.247  1.00 65.11  ? 25  GLU A CD  1 
ATOM   213  O  OE1 . GLU A 1 26  ? 8.293   19.565  -8.804  1.00 75.15  ? 25  GLU A OE1 1 
ATOM   214  O  OE2 . GLU A 1 26  ? 6.638   20.997  -8.909  1.00 69.51  ? 25  GLU A OE2 1 
ATOM   215  N  N   . GLN A 1 27  ? 3.189   16.745  -9.164  1.00 29.26  ? 26  GLN A N   1 
ATOM   216  C  CA  . GLN A 1 27  ? 1.833   16.776  -9.761  1.00 30.60  ? 26  GLN A CA  1 
ATOM   217  C  C   . GLN A 1 27  ? 0.746   16.562  -8.704  1.00 29.71  ? 26  GLN A C   1 
ATOM   218  O  O   . GLN A 1 27  ? -0.377  17.001  -8.913  1.00 26.37  ? 26  GLN A O   1 
ATOM   219  C  CB  . GLN A 1 27  ? 1.748   15.722  -10.853 1.00 33.90  ? 26  GLN A CB  1 
ATOM   220  C  CG  . GLN A 1 27  ? 2.705   15.999  -11.987 1.00 38.40  ? 26  GLN A CG  1 
ATOM   221  C  CD  . GLN A 1 27  ? 2.401   15.078  -13.136 1.00 42.07  ? 26  GLN A CD  1 
ATOM   222  O  OE1 . GLN A 1 27  ? 1.902   13.966  -12.950 1.00 41.93  ? 26  GLN A OE1 1 
ATOM   223  N  NE2 . GLN A 1 27  ? 2.723   15.542  -14.337 1.00 50.37  ? 26  GLN A NE2 1 
ATOM   224  N  N   . HIS A 1 28  ? 1.033   15.874  -7.604  1.00 28.14  ? 27  HIS A N   1 
ATOM   225  C  CA  . HIS A 1 28  ? -0.006  15.517  -6.610  1.00 24.74  ? 27  HIS A CA  1 
ATOM   226  C  C   . HIS A 1 28  ? 0.615   15.731  -5.242  1.00 24.60  ? 27  HIS A C   1 
ATOM   227  O  O   . HIS A 1 28  ? 0.800   14.783  -4.499  1.00 22.24  ? 27  HIS A O   1 
ATOM   228  C  CB  . HIS A 1 28  ? -0.514  14.089  -6.816  1.00 29.28  ? 27  HIS A CB  1 
ATOM   229  C  CG  . HIS A 1 28  ? -1.014  13.821  -8.195  1.00 31.63  ? 27  HIS A CG  1 
ATOM   230  N  ND1 . HIS A 1 28  ? -2.254  14.250  -8.617  1.00 34.20  ? 27  HIS A ND1 1 
ATOM   231  C  CD2 . HIS A 1 28  ? -0.442  13.177  -9.241  1.00 34.98  ? 27  HIS A CD2 1 
ATOM   232  C  CE1 . HIS A 1 28  ? -2.422  13.885  -9.880  1.00 36.77  ? 27  HIS A CE1 1 
ATOM   233  N  NE2 . HIS A 1 28  ? -1.320  13.226  -10.285 1.00 34.95  ? 27  HIS A NE2 1 
ATOM   234  N  N   . PRO A 1 29  ? 1.004   16.975  -4.917  1.00 23.77  ? 28  PRO A N   1 
ATOM   235  C  CA  . PRO A 1 29  ? 1.773   17.238  -3.705  1.00 24.55  ? 28  PRO A CA  1 
ATOM   236  C  C   . PRO A 1 29  ? 1.094   16.809  -2.399  1.00 24.24  ? 28  PRO A C   1 
ATOM   237  O  O   . PRO A 1 29  ? 1.866   16.477  -1.476  1.00 25.59  ? 28  PRO A O   1 
ATOM   238  C  CB  . PRO A 1 29  ? 2.052   18.745  -3.723  1.00 24.43  ? 28  PRO A CB  1 
ATOM   239  C  CG  . PRO A 1 29  ? 0.978   19.315  -4.656  1.00 25.15  ? 28  PRO A CG  1 
ATOM   240  C  CD  . PRO A 1 29  ? 0.719   18.213  -5.673  1.00 26.37  ? 28  PRO A CD  1 
ATOM   241  N  N   . THR A 1 30  ? -0.239  16.714  -2.347  1.00 23.90  ? 29  THR A N   1 
ATOM   242  C  CA  . THR A 1 30  ? -0.960  16.340  -1.093  1.00 25.86  ? 29  THR A CA  1 
ATOM   243  C  C   . THR A 1 30  ? -1.153  14.816  -0.995  1.00 24.95  ? 29  THR A C   1 
ATOM   244  O  O   . THR A 1 30  ? -1.786  14.376  -0.011  1.00 26.33  ? 29  THR A O   1 
ATOM   245  C  CB  . THR A 1 30  ? -2.302  17.088  -0.931  1.00 23.83  ? 29  THR A CB  1 
ATOM   246  O  OG1 . THR A 1 30  ? -3.261  16.543  -1.844  1.00 23.93  ? 29  THR A OG1 1 
ATOM   247  C  CG2 . THR A 1 30  ? -2.156  18.583  -1.094  1.00 22.68  ? 29  THR A CG2 1 
ATOM   248  N  N   . LYS A 1 31  ? -0.610  14.009  -1.926  1.00 25.33  ? 30  LYS A N   1 
ATOM   249  C  CA  . LYS A 1 31  ? -0.896  12.558  -1.981  1.00 23.62  ? 30  LYS A CA  1 
ATOM   250  C  C   . LYS A 1 31  ? 0.329   11.771  -1.504  1.00 20.85  ? 30  LYS A C   1 
ATOM   251  O  O   . LYS A 1 31  ? 1.487   12.193  -1.774  1.00 21.45  ? 30  LYS A O   1 
ATOM   252  C  CB  . LYS A 1 31  ? -1.320  12.115  -3.387  1.00 23.63  ? 30  LYS A CB  1 
ATOM   253  C  CG  . LYS A 1 31  ? -2.563  12.825  -3.927  1.00 29.01  ? 30  LYS A CG  1 
ATOM   254  C  CD  . LYS A 1 31  ? -3.802  12.685  -3.065  1.00 28.15  ? 30  LYS A CD  1 
ATOM   255  C  CE  . LYS A 1 31  ? -4.941  13.596  -3.514  1.00 33.24  ? 30  LYS A CE  1 
ATOM   256  N  NZ  . LYS A 1 31  ? -5.321  13.324  -4.912  1.00 33.60  ? 30  LYS A NZ  1 
ATOM   257  N  N   . ILE A 1 32  ? 0.066   10.689  -0.782  1.00 21.20  ? 31  ILE A N   1 
ATOM   258  C  CA  . ILE A 1 32  ? 1.113   9.671   -0.446  1.00 20.87  ? 31  ILE A CA  1 
ATOM   259  C  C   . ILE A 1 32  ? 1.196   8.662   -1.593  1.00 21.27  ? 31  ILE A C   1 
ATOM   260  O  O   . ILE A 1 32  ? 0.191   8.038   -1.952  1.00 22.15  ? 31  ILE A O   1 
ATOM   261  C  CB  . ILE A 1 32  ? 0.815   9.030   0.925   1.00 20.29  ? 31  ILE A CB  1 
ATOM   262  C  CG1 . ILE A 1 32  ? 0.737   10.097  2.023   1.00 22.00  ? 31  ILE A CG1 1 
ATOM   263  C  CG2 . ILE A 1 32  ? 1.845   7.955   1.252   1.00 20.58  ? 31  ILE A CG2 1 
ATOM   264  C  CD1 . ILE A 1 32  ? 1.902   11.081  2.030   1.00 23.20  ? 31  ILE A CD1 1 
ATOM   265  N  N   . PRO A 1 33  ? 2.405   8.402   -2.144  1.00 21.05  ? 32  PRO A N   1 
ATOM   266  C  CA  . PRO A 1 33  ? 2.574   7.352   -3.147  1.00 22.56  ? 32  PRO A CA  1 
ATOM   267  C  C   . PRO A 1 33  ? 2.671   5.955   -2.536  1.00 23.68  ? 32  PRO A C   1 
ATOM   268  O  O   . PRO A 1 33  ? 3.657   5.692   -1.819  1.00 24.89  ? 32  PRO A O   1 
ATOM   269  C  CB  . PRO A 1 33  ? 3.875   7.773   -3.818  1.00 20.41  ? 32  PRO A CB  1 
ATOM   270  C  CG  . PRO A 1 33  ? 4.693   8.364   -2.698  1.00 22.60  ? 32  PRO A CG  1 
ATOM   271  C  CD  . PRO A 1 33  ? 3.674   9.078   -1.837  1.00 21.62  ? 32  PRO A CD  1 
ATOM   272  N  N   . VAL A 1 34  ? 1.653   5.115   -2.775  1.00 22.89  ? 33  VAL A N   1 
ATOM   273  C  CA  . VAL A 1 34  ? 1.546   3.800   -2.097  1.00 24.34  ? 33  VAL A CA  1 
ATOM   274  C  C   . VAL A 1 34  ? 1.566   2.668   -3.130  1.00 27.60  ? 33  VAL A C   1 
ATOM   275  O  O   . VAL A 1 34  ? 0.858   2.784   -4.139  1.00 25.30  ? 33  VAL A O   1 
ATOM   276  C  CB  . VAL A 1 34  ? 0.309   3.726   -1.196  1.00 23.97  ? 33  VAL A CB  1 
ATOM   277  C  CG1 . VAL A 1 34  ? 0.252   2.378   -0.523  1.00 25.80  ? 33  VAL A CG1 1 
ATOM   278  C  CG2 . VAL A 1 34  ? 0.294   4.857   -0.198  1.00 24.23  ? 33  VAL A CG2 1 
ATOM   279  N  N   . ILE A 1 35  ? 2.394   1.648   -2.884  1.00 26.92  ? 34  ILE A N   1 
ATOM   280  C  CA  . ILE A 1 35  ? 2.401   0.385   -3.685  1.00 26.65  ? 34  ILE A CA  1 
ATOM   281  C  C   . ILE A 1 35  ? 1.639   -0.661  -2.893  1.00 24.55  ? 34  ILE A C   1 
ATOM   282  O  O   . ILE A 1 35  ? 1.939   -0.824  -1.708  1.00 26.63  ? 34  ILE A O   1 
ATOM   283  C  CB  . ILE A 1 35  ? 3.842   -0.074  -3.984  1.00 25.35  ? 34  ILE A CB  1 
ATOM   284  C  CG1 . ILE A 1 35  ? 4.620   0.984   -4.757  1.00 24.35  ? 34  ILE A CG1 1 
ATOM   285  C  CG2 . ILE A 1 35  ? 3.828   -1.418  -4.706  1.00 27.33  ? 34  ILE A CG2 1 
ATOM   286  C  CD1 . ILE A 1 35  ? 3.948   1.411   -6.049  1.00 25.55  ? 34  ILE A CD1 1 
ATOM   287  N  N   . ILE A 1 36  ? 0.617   -1.263  -3.490  1.00 24.85  ? 35  ILE A N   1 
ATOM   288  C  CA  . ILE A 1 36  ? -0.208  -2.268  -2.781  1.00 27.56  ? 35  ILE A CA  1 
ATOM   289  C  C   . ILE A 1 36  ? -0.239  -3.517  -3.648  1.00 30.43  ? 35  ILE A C   1 
ATOM   290  O  O   . ILE A 1 36  ? -0.708  -3.411  -4.773  1.00 27.68  ? 35  ILE A O   1 
ATOM   291  C  CB  . ILE A 1 36  ? -1.624  -1.765  -2.468  1.00 27.90  ? 35  ILE A CB  1 
ATOM   292  C  CG1 . ILE A 1 36  ? -1.602  -0.374  -1.817  1.00 28.87  ? 35  ILE A CG1 1 
ATOM   293  C  CG2 . ILE A 1 36  ? -2.337  -2.792  -1.598  1.00 27.21  ? 35  ILE A CG2 1 
ATOM   294  C  CD1 . ILE A 1 36  ? -2.996  0.220   -1.598  1.00 29.99  ? 35  ILE A CD1 1 
ATOM   295  N  N   . GLU A 1 37  ? 0.241   -4.625  -3.082  1.00 33.68  ? 36  GLU A N   1 
ATOM   296  C  CA  . GLU A 1 37  ? 0.434   -5.905  -3.792  1.00 34.85  ? 36  GLU A CA  1 
ATOM   297  C  C   . GLU A 1 37  ? -0.219  -7.022  -2.990  1.00 33.60  ? 36  GLU A C   1 
ATOM   298  O  O   . GLU A 1 37  ? -0.196  -6.978  -1.764  1.00 28.43  ? 36  GLU A O   1 
ATOM   299  C  CB  . GLU A 1 37  ? 1.928   -6.138  -4.032  1.00 33.38  ? 36  GLU A CB  1 
ATOM   300  C  CG  . GLU A 1 37  ? 2.458   -5.190  -5.096  1.00 33.35  ? 36  GLU A CG  1 
ATOM   301  C  CD  . GLU A 1 37  ? 3.947   -5.289  -5.351  1.00 33.32  ? 36  GLU A CD  1 
ATOM   302  O  OE1 . GLU A 1 37  ? 4.741   -5.101  -4.404  1.00 34.98  ? 36  GLU A OE1 1 
ATOM   303  O  OE2 . GLU A 1 37  ? 4.298   -5.547  -6.500  1.00 35.26  ? 36  GLU A OE2 1 
ATOM   304  N  N   . ARG A 1 38  ? -0.765  -8.003  -3.693  1.00 35.06  ? 37  ARG A N   1 
ATOM   305  C  CA  . ARG A 1 38  ? -1.289  -9.217  -3.037  1.00 31.87  ? 37  ARG A CA  1 
ATOM   306  C  C   . ARG A 1 38  ? -0.112  -10.127 -2.682  1.00 35.53  ? 37  ARG A C   1 
ATOM   307  O  O   . ARG A 1 38  ? 0.805   -10.287 -3.524  1.00 35.13  ? 37  ARG A O   1 
ATOM   308  C  CB  . ARG A 1 38  ? -2.262  -9.963  -3.947  1.00 33.72  ? 37  ARG A CB  1 
ATOM   309  C  CG  . ARG A 1 38  ? -2.929  -11.109 -3.206  1.00 36.00  ? 37  ARG A CG  1 
ATOM   310  C  CD  . ARG A 1 38  ? -3.972  -11.807 -4.041  1.00 39.12  ? 37  ARG A CD  1 
ATOM   311  N  NE  . ARG A 1 38  ? -3.337  -12.425 -5.186  1.00 41.88  ? 37  ARG A NE  1 
ATOM   312  C  CZ  . ARG A 1 38  ? -3.933  -13.274 -6.006  1.00 46.87  ? 37  ARG A CZ  1 
ATOM   313  N  NH1 . ARG A 1 38  ? -5.197  -13.618 -5.810  1.00 45.49  ? 37  ARG A NH1 1 
ATOM   314  N  NH2 . ARG A 1 38  ? -3.258  -13.762 -7.033  1.00 45.91  ? 37  ARG A NH2 1 
ATOM   315  N  N   . TYR A 1 39  ? -0.134  -10.675 -1.473  1.00 36.32  ? 38  TYR A N   1 
ATOM   316  C  CA  . TYR A 1 39  ? 0.824   -11.707 -0.999  1.00 40.44  ? 38  TYR A CA  1 
ATOM   317  C  C   . TYR A 1 39  ? 0.919   -12.823 -2.059  1.00 42.33  ? 38  TYR A C   1 
ATOM   318  O  O   . TYR A 1 39  ? -0.124  -13.264 -2.629  1.00 39.22  ? 38  TYR A O   1 
ATOM   319  C  CB  . TYR A 1 39  ? 0.381   -12.193 0.375   1.00 45.33  ? 38  TYR A CB  1 
ATOM   320  C  CG  . TYR A 1 39  ? 1.104   -13.425 0.848   1.00 56.77  ? 38  TYR A CG  1 
ATOM   321  C  CD1 . TYR A 1 39  ? 2.474   -13.401 1.049   1.00 60.17  ? 38  TYR A CD1 1 
ATOM   322  C  CD2 . TYR A 1 39  ? 0.415   -14.607 1.089   1.00 62.44  ? 38  TYR A CD2 1 
ATOM   323  C  CE1 . TYR A 1 39  ? 3.152   -14.533 1.468   1.00 69.52  ? 38  TYR A CE1 1 
ATOM   324  C  CE2 . TYR A 1 39  ? 1.076   -15.744 1.521   1.00 67.64  ? 38  TYR A CE2 1 
ATOM   325  C  CZ  . TYR A 1 39  ? 2.449   -15.704 1.703   1.00 71.83  ? 38  TYR A CZ  1 
ATOM   326  O  OH  . TYR A 1 39  ? 3.110   -16.818 2.128   1.00 89.90  ? 38  TYR A OH  1 
ATOM   327  N  N   . LYS A 1 40  ? 2.141   -13.258 -2.375  1.00 45.71  ? 39  LYS A N   1 
ATOM   328  C  CA  . LYS A 1 40  ? 2.382   -14.218 -3.493  1.00 52.12  ? 39  LYS A CA  1 
ATOM   329  C  C   . LYS A 1 40  ? 1.739   -15.564 -3.135  1.00 45.79  ? 39  LYS A C   1 
ATOM   330  O  O   . LYS A 1 40  ? 1.234   -16.215 -4.040  1.00 49.70  ? 39  LYS A O   1 
ATOM   331  C  CB  . LYS A 1 40  ? 3.871   -14.321 -3.833  1.00 61.50  ? 39  LYS A CB  1 
ATOM   332  C  CG  . LYS A 1 40  ? 4.749   -14.924 -2.743  1.00 74.99  ? 39  LYS A CG  1 
ATOM   333  C  CD  . LYS A 1 40  ? 6.142   -14.321 -2.675  1.00 85.19  ? 39  LYS A CD  1 
ATOM   334  C  CE  . LYS A 1 40  ? 6.823   -14.196 -4.024  1.00 94.44  ? 39  LYS A CE  1 
ATOM   335  N  NZ  . LYS A 1 40  ? 6.938   -15.510 -4.701  1.00 98.36  ? 39  LYS A NZ  1 
ATOM   336  N  N   . GLY A 1 41  ? 1.645   -15.927 -1.860  1.00 48.45  ? 40  GLY A N   1 
ATOM   337  C  CA  . GLY A 1 41  ? 0.941   -17.162 -1.453  1.00 53.63  ? 40  GLY A CA  1 
ATOM   338  C  C   . GLY A 1 41  ? -0.589  -17.084 -1.494  1.00 57.29  ? 40  GLY A C   1 
ATOM   339  O  O   . GLY A 1 41  ? -1.226  -18.122 -1.210  1.00 55.11  ? 40  GLY A O   1 
ATOM   340  N  N   . GLU A 1 42  ? -1.198  -15.936 -1.827  1.00 57.32  ? 41  GLU A N   1 
ATOM   341  C  CA  . GLU A 1 42  ? -2.639  -15.683 -1.532  1.00 50.40  ? 41  GLU A CA  1 
ATOM   342  C  C   . GLU A 1 42  ? -3.563  -16.492 -2.462  1.00 53.13  ? 41  GLU A C   1 
ATOM   343  O  O   . GLU A 1 42  ? -3.361  -16.496 -3.694  1.00 51.11  ? 41  GLU A O   1 
ATOM   344  C  CB  . GLU A 1 42  ? -2.983  -14.198 -1.615  1.00 52.11  ? 41  GLU A CB  1 
ATOM   345  C  CG  . GLU A 1 42  ? -4.443  -13.915 -1.280  1.00 45.25  ? 41  GLU A CG  1 
ATOM   346  C  CD  . GLU A 1 42  ? -4.902  -14.341 0.100   1.00 42.97  ? 41  GLU A CD  1 
ATOM   347  O  OE1 . GLU A 1 42  ? -4.108  -14.252 1.064   1.00 40.64  ? 41  GLU A OE1 1 
ATOM   348  O  OE2 . GLU A 1 42  ? -6.073  -14.746 0.218   1.00 46.52  ? 41  GLU A OE2 1 
ATOM   349  N  N   . LYS A 1 43  ? -4.574  -17.123 -1.864  1.00 56.47  ? 42  LYS A N   1 
ATOM   350  C  CA  . LYS A 1 43  ? -5.550  -18.009 -2.546  1.00 63.61  ? 42  LYS A CA  1 
ATOM   351  C  C   . LYS A 1 43  ? -6.921  -17.335 -2.599  1.00 59.02  ? 42  LYS A C   1 
ATOM   352  O  O   . LYS A 1 43  ? -7.515  -17.307 -3.687  1.00 66.63  ? 42  LYS A O   1 
ATOM   353  C  CB  . LYS A 1 43  ? -5.632  -19.348 -1.807  1.00 71.70  ? 42  LYS A CB  1 
ATOM   354  C  CG  . LYS A 1 43  ? -4.308  -20.095 -1.685  1.00 82.56  ? 42  LYS A CG  1 
ATOM   355  C  CD  . LYS A 1 43  ? -3.522  -20.172 -2.992  1.00 84.43  ? 42  LYS A CD  1 
ATOM   356  C  CE  . LYS A 1 43  ? -2.345  -21.125 -2.931  1.00 84.22  ? 42  LYS A CE  1 
ATOM   357  N  NZ  . LYS A 1 43  ? -1.720  -21.305 -4.262  1.00 88.59  ? 42  LYS A NZ  1 
ATOM   358  N  N   . GLN A 1 44  ? -7.404  -16.822 -1.467  1.00 52.36  ? 43  GLN A N   1 
ATOM   359  C  CA  . GLN A 1 44  ? -8.819  -16.403 -1.287  1.00 48.04  ? 43  GLN A CA  1 
ATOM   360  C  C   . GLN A 1 44  ? -9.046  -15.050 -1.979  1.00 49.21  ? 43  GLN A C   1 
ATOM   361  O  O   . GLN A 1 44  ? -9.892  -14.970 -2.899  1.00 50.25  ? 43  GLN A O   1 
ATOM   362  C  CB  . GLN A 1 44  ? -9.176  -16.364 0.205   1.00 57.22  ? 43  GLN A CB  1 
ATOM   363  C  CG  . GLN A 1 44  ? -8.867  -17.655 0.956   1.00 68.53  ? 43  GLN A CG  1 
ATOM   364  C  CD  . GLN A 1 44  ? -9.441  -18.872 0.269   1.00 79.63  ? 43  GLN A CD  1 
ATOM   365  O  OE1 . GLN A 1 44  ? -10.621 -18.912 -0.081  1.00 88.23  ? 43  GLN A OE1 1 
ATOM   366  N  NE2 . GLN A 1 44  ? -8.605  -19.879 0.061   1.00 85.61  ? 43  GLN A NE2 1 
ATOM   367  N  N   . LEU A 1 45  ? -8.290  -14.018 -1.603  1.00 41.42  ? 44  LEU A N   1 
ATOM   368  C  CA  . LEU A 1 45  ? -8.594  -12.628 -2.031  1.00 40.48  ? 44  LEU A CA  1 
ATOM   369  C  C   . LEU A 1 45  ? -8.195  -12.437 -3.487  1.00 37.37  ? 44  LEU A C   1 
ATOM   370  O  O   . LEU A 1 45  ? -7.205  -12.996 -3.963  1.00 37.54  ? 44  LEU A O   1 
ATOM   371  C  CB  . LEU A 1 45  ? -7.858  -11.632 -1.135  1.00 39.47  ? 44  LEU A CB  1 
ATOM   372  C  CG  . LEU A 1 45  ? -8.180  -11.673 0.350   1.00 38.88  ? 44  LEU A CG  1 
ATOM   373  C  CD1 . LEU A 1 45  ? -7.178  -10.831 1.113   1.00 36.35  ? 44  LEU A CD1 1 
ATOM   374  C  CD2 . LEU A 1 45  ? -9.600  -11.212 0.644   1.00 37.65  ? 44  LEU A CD2 1 
ATOM   375  N  N   . PRO A 1 46  ? -8.942  -11.592 -4.224  1.00 37.17  ? 45  PRO A N   1 
ATOM   376  C  CA  . PRO A 1 46  ? -8.582  -11.226 -5.588  1.00 39.33  ? 45  PRO A CA  1 
ATOM   377  C  C   . PRO A 1 46  ? -7.381  -10.275 -5.659  1.00 37.08  ? 45  PRO A C   1 
ATOM   378  O  O   . PRO A 1 46  ? -6.984  -9.744  -4.642  1.00 37.63  ? 45  PRO A O   1 
ATOM   379  C  CB  . PRO A 1 46  ? -9.826  -10.512 -6.130  1.00 40.74  ? 45  PRO A CB  1 
ATOM   380  C  CG  . PRO A 1 46  ? -10.560 -10.015 -4.898  1.00 39.76  ? 45  PRO A CG  1 
ATOM   381  C  CD  . PRO A 1 46  ? -10.181 -10.947 -3.767  1.00 40.27  ? 45  PRO A CD  1 
ATOM   382  N  N   . VAL A 1 47  ? -6.880  -10.060 -6.869  1.00 38.88  ? 46  VAL A N   1 
ATOM   383  C  CA  . VAL A 1 47  ? -5.882  -8.997  -7.162  1.00 38.57  ? 46  VAL A CA  1 
ATOM   384  C  C   . VAL A 1 47  ? -6.623  -7.674  -7.347  1.00 37.35  ? 46  VAL A C   1 
ATOM   385  O  O   . VAL A 1 47  ? -7.801  -7.674  -7.789  1.00 38.88  ? 46  VAL A O   1 
ATOM   386  C  CB  . VAL A 1 47  ? -4.989  -9.294  -8.386  1.00 41.07  ? 46  VAL A CB  1 
ATOM   387  C  CG1 . VAL A 1 47  ? -4.156  -10.548 -8.180  1.00 41.25  ? 46  VAL A CG1 1 
ATOM   388  C  CG2 . VAL A 1 47  ? -5.777  -9.350  -9.695  1.00 45.38  ? 46  VAL A CG2 1 
ATOM   389  N  N   . LEU A 1 48  ? -5.897  -6.583  -7.089  1.00 31.73  ? 47  LEU A N   1 
ATOM   390  C  CA  . LEU A 1 48  ? -6.344  -5.199  -7.360  1.00 33.06  ? 47  LEU A CA  1 
ATOM   391  C  C   . LEU A 1 48  ? -6.275  -4.939  -8.862  1.00 33.27  ? 47  LEU A C   1 
ATOM   392  O  O   . LEU A 1 48  ? -5.641  -5.737  -9.585  1.00 34.88  ? 47  LEU A O   1 
ATOM   393  C  CB  . LEU A 1 48  ? -5.428  -4.253  -6.573  1.00 33.30  ? 47  LEU A CB  1 
ATOM   394  C  CG  . LEU A 1 48  ? -5.705  -4.211  -5.070  1.00 31.38  ? 47  LEU A CG  1 
ATOM   395  C  CD1 . LEU A 1 48  ? -4.554  -3.546  -4.324  1.00 34.01  ? 47  LEU A CD1 1 
ATOM   396  C  CD2 . LEU A 1 48  ? -7.014  -3.456  -4.787  1.00 31.95  ? 47  LEU A CD2 1 
ATOM   397  N  N   . ASP A 1 49  ? -6.876  -3.824  -9.271  1.00 33.04  ? 48  ASP A N   1 
ATOM   398  C  CA  . ASP A 1 49  ? -7.009  -3.352  -10.665 1.00 32.68  ? 48  ASP A CA  1 
ATOM   399  C  C   . ASP A 1 49  ? -5.714  -2.631  -11.089 1.00 34.68  ? 48  ASP A C   1 
ATOM   400  O  O   . ASP A 1 49  ? -5.516  -2.392  -12.293 1.00 31.74  ? 48  ASP A O   1 
ATOM   401  C  CB  . ASP A 1 49  ? -8.264  -2.480  -10.764 1.00 33.97  ? 48  ASP A CB  1 
ATOM   402  C  CG  . ASP A 1 49  ? -8.265  -1.289  -9.813  1.00 33.34  ? 48  ASP A CG  1 
ATOM   403  O  OD1 . ASP A 1 49  ? -7.976  -0.183  -10.282 1.00 33.24  ? 48  ASP A OD1 1 
ATOM   404  O  OD2 . ASP A 1 49  ? -8.560  -1.477  -8.597  1.00 32.58  ? 48  ASP A OD2 1 
ATOM   405  N  N   . LYS A 1 50  ? -4.892  -2.222  -10.119 1.00 32.12  ? 49  LYS A N   1 
ATOM   406  C  CA  . LYS A 1 50  ? -3.612  -1.516  -10.350 1.00 32.56  ? 49  LYS A CA  1 
ATOM   407  C  C   . LYS A 1 50  ? -2.718  -1.750  -9.120  1.00 30.38  ? 49  LYS A C   1 
ATOM   408  O  O   . LYS A 1 50  ? -3.128  -2.466  -8.197  1.00 31.53  ? 49  LYS A O   1 
ATOM   409  C  CB  . LYS A 1 50  ? -3.871  -0.052  -10.717 1.00 33.83  ? 49  LYS A CB  1 
ATOM   410  C  CG  . LYS A 1 50  ? -4.190  0.881   -9.564  1.00 34.91  ? 49  LYS A CG  1 
ATOM   411  C  CD  . LYS A 1 50  ? -4.544  2.289   -9.991  1.00 36.16  ? 49  LYS A CD  1 
ATOM   412  C  CE  . LYS A 1 50  ? -4.865  3.135   -8.769  1.00 39.59  ? 49  LYS A CE  1 
ATOM   413  N  NZ  . LYS A 1 50  ? -5.047  4.566   -9.096  1.00 42.34  ? 49  LYS A NZ  1 
ATOM   414  N  N   A THR A 1 51  ? -1.501  -1.197  -9.119  0.06 30.00  ? 50  THR A N   1 
ATOM   415  N  N   B THR A 1 51  ? -1.522  -1.155  -9.145  0.45 30.77  ? 50  THR A N   1 
ATOM   416  C  CA  A THR A 1 51  ? -0.504  -1.402  -8.030  0.06 29.07  ? 50  THR A CA  1 
ATOM   417  C  CA  B THR A 1 51  ? -0.429  -1.380  -8.161  0.45 29.39  ? 50  THR A CA  1 
ATOM   418  C  C   A THR A 1 51  ? -0.133  -0.068  -7.365  0.06 28.37  ? 50  THR A C   1 
ATOM   419  C  C   B THR A 1 51  ? -0.137  -0.084  -7.396  0.45 28.18  ? 50  THR A C   1 
ATOM   420  O  O   A THR A 1 51  ? 0.114   -0.089  -6.144  0.06 27.79  ? 50  THR A O   1 
ATOM   421  O  O   B THR A 1 51  ? 0.067   -0.147  -6.164  0.45 25.28  ? 50  THR A O   1 
ATOM   422  C  CB  A THR A 1 51  ? 0.728   -2.162  -8.538  0.06 29.29  ? 50  THR A CB  1 
ATOM   423  C  CB  B THR A 1 51  ? 0.823   -1.880  -8.894  0.45 30.61  ? 50  THR A CB  1 
ATOM   424  O  OG1 A THR A 1 51  ? 1.643   -2.303  -7.451  0.06 29.37  ? 50  THR A OG1 1 
ATOM   425  O  OG1 B THR A 1 51  ? 0.458   -3.064  -9.609  0.45 32.46  ? 50  THR A OG1 1 
ATOM   426  C  CG2 A THR A 1 51  ? 1.416   -1.477  -9.698  0.06 29.29  ? 50  THR A CG2 1 
ATOM   427  C  CG2 B THR A 1 51  ? 1.984   -2.156  -7.966  0.45 30.51  ? 50  THR A CG2 1 
ATOM   428  N  N   . LYS A 1 52  ? -0.095  1.037   -8.121  1.00 27.07  ? 51  LYS A N   1 
ATOM   429  C  CA  . LYS A 1 52  ? 0.329   2.362   -7.592  1.00 28.28  ? 51  LYS A CA  1 
ATOM   430  C  C   . LYS A 1 52  ? -0.904  3.221   -7.269  1.00 29.92  ? 51  LYS A C   1 
ATOM   431  O  O   . LYS A 1 52  ? -1.719  3.517   -8.196  1.00 28.11  ? 51  LYS A O   1 
ATOM   432  C  CB  . LYS A 1 52  ? 1.273   2.975   -8.630  1.00 29.55  ? 51  LYS A CB  1 
ATOM   433  C  CG  . LYS A 1 52  ? 1.948   4.267   -8.223  1.00 31.64  ? 51  LYS A CG  1 
ATOM   434  C  CD  . LYS A 1 52  ? 2.802   4.832   -9.326  1.00 35.38  ? 51  LYS A CD  1 
ATOM   435  C  CE  . LYS A 1 52  ? 1.984   5.528   -10.402 1.00 37.91  ? 51  LYS A CE  1 
ATOM   436  N  NZ  . LYS A 1 52  ? 2.869   6.166   -11.405 1.00 41.92  ? 51  LYS A NZ  1 
ATOM   437  N  N   . PHE A 1 53  ? -0.996  3.677   -6.017  1.00 27.09  ? 52  PHE A N   1 
ATOM   438  C  CA  . PHE A 1 53  ? -2.167  4.405   -5.460  1.00 26.42  ? 52  PHE A CA  1 
ATOM   439  C  C   . PHE A 1 53  ? -1.710  5.757   -4.899  1.00 27.94  ? 52  PHE A C   1 
ATOM   440  O  O   . PHE A 1 53  ? -0.661  5.818   -4.245  1.00 25.63  ? 52  PHE A O   1 
ATOM   441  C  CB  . PHE A 1 53  ? -2.855  3.567   -4.391  1.00 26.53  ? 52  PHE A CB  1 
ATOM   442  C  CG  . PHE A 1 53  ? -3.487  2.310   -4.938  1.00 29.48  ? 52  PHE A CG  1 
ATOM   443  C  CD1 . PHE A 1 53  ? -2.721  1.179   -5.166  1.00 27.80  ? 52  PHE A CD1 1 
ATOM   444  C  CD2 . PHE A 1 53  ? -4.826  2.287   -5.280  1.00 31.67  ? 52  PHE A CD2 1 
ATOM   445  C  CE1 . PHE A 1 53  ? -3.287  0.027   -5.690  1.00 29.12  ? 52  PHE A CE1 1 
ATOM   446  C  CE2 . PHE A 1 53  ? -5.400  1.128   -5.795  1.00 35.16  ? 52  PHE A CE2 1 
ATOM   447  C  CZ  . PHE A 1 53  ? -4.624  0.008   -6.017  1.00 30.05  ? 52  PHE A CZ  1 
ATOM   448  N  N   . LEU A 1 54  ? -2.482  6.819   -5.148  1.00 26.75  ? 53  LEU A N   1 
ATOM   449  C  CA  . LEU A 1 54  ? -2.197  8.160   -4.587  1.00 27.76  ? 53  LEU A CA  1 
ATOM   450  C  C   . LEU A 1 54  ? -3.196  8.404   -3.458  1.00 26.99  ? 53  LEU A C   1 
ATOM   451  O  O   . LEU A 1 54  ? -4.370  8.733   -3.730  1.00 25.72  ? 53  LEU A O   1 
ATOM   452  C  CB  . LEU A 1 54  ? -2.291  9.217   -5.703  1.00 29.60  ? 53  LEU A CB  1 
ATOM   453  C  CG  . LEU A 1 54  ? -1.342  9.055   -6.891  1.00 33.49  ? 53  LEU A CG  1 
ATOM   454  C  CD1 . LEU A 1 54  ? -1.154  10.376  -7.618  1.00 37.59  ? 53  LEU A CD1 1 
ATOM   455  C  CD2 . LEU A 1 54  ? 0.014   8.517   -6.524  1.00 35.06  ? 53  LEU A CD2 1 
ATOM   456  N  N   . VAL A 1 55  ? -2.768  8.219   -2.215  1.00 23.56  ? 54  VAL A N   1 
ATOM   457  C  CA  . VAL A 1 55  ? -3.687  8.274   -1.049  1.00 23.36  ? 54  VAL A CA  1 
ATOM   458  C  C   . VAL A 1 55  ? -3.666  9.663   -0.419  1.00 23.76  ? 54  VAL A C   1 
ATOM   459  O  O   . VAL A 1 55  ? -2.621  10.178  -0.052  1.00 24.12  ? 54  VAL A O   1 
ATOM   460  C  CB  . VAL A 1 55  ? -3.330  7.173   -0.032  1.00 23.97  ? 54  VAL A CB  1 
ATOM   461  C  CG1 . VAL A 1 55  ? -4.311  7.198   1.118   1.00 23.35  ? 54  VAL A CG1 1 
ATOM   462  C  CG2 . VAL A 1 55  ? -3.284  5.812   -0.704  1.00 23.93  ? 54  VAL A CG2 1 
ATOM   463  N  N   . PRO A 1 56  ? -4.828  10.330  -0.249  1.00 27.74  ? 55  PRO A N   1 
ATOM   464  C  CA  . PRO A 1 56  ? -4.887  11.604  0.468   1.00 25.64  ? 55  PRO A CA  1 
ATOM   465  C  C   . PRO A 1 56  ? -4.158  11.521  1.814   1.00 24.86  ? 55  PRO A C   1 
ATOM   466  O  O   . PRO A 1 56  ? -4.465  10.621  2.584   1.00 23.72  ? 55  PRO A O   1 
ATOM   467  C  CB  . PRO A 1 56  ? -6.396  11.815  0.679   1.00 26.46  ? 55  PRO A CB  1 
ATOM   468  C  CG  . PRO A 1 56  ? -6.978  11.142  -0.561  1.00 27.84  ? 55  PRO A CG  1 
ATOM   469  C  CD  . PRO A 1 56  ? -6.148  9.889   -0.730  1.00 28.16  ? 55  PRO A CD  1 
ATOM   470  N  N   . ASP A 1 57  ? -3.248  12.473  2.098   1.00 24.19  ? 56  ASP A N   1 
ATOM   471  C  CA  . ASP A 1 57  ? -2.262  12.352  3.220   1.00 24.23  ? 56  ASP A CA  1 
ATOM   472  C  C   . ASP A 1 57  ? -2.901  12.494  4.618   1.00 24.77  ? 56  ASP A C   1 
ATOM   473  O  O   . ASP A 1 57  ? -2.192  12.226  5.605   1.00 26.94  ? 56  ASP A O   1 
ATOM   474  C  CB  . ASP A 1 57  ? -1.051  13.272  3.008   1.00 23.63  ? 56  ASP A CB  1 
ATOM   475  C  CG  . ASP A 1 57  ? -1.212  14.704  3.496   1.00 27.33  ? 56  ASP A CG  1 
ATOM   476  O  OD1 . ASP A 1 57  ? -2.376  15.159  3.622   1.00 29.40  ? 56  ASP A OD1 1 
ATOM   477  O  OD2 . ASP A 1 57  ? -0.171  15.333  3.761   1.00 26.75  ? 56  ASP A OD2 1 
ATOM   478  N  N   . HIS A 1 58  ? -4.171  12.871  4.711   1.00 28.38  ? 57  HIS A N   1 
ATOM   479  C  CA  . HIS A 1 58  ? -4.920  13.047  5.978   1.00 31.42  ? 57  HIS A CA  1 
ATOM   480  C  C   . HIS A 1 58  ? -5.619  11.742  6.411   1.00 31.53  ? 57  HIS A C   1 
ATOM   481  O  O   . HIS A 1 58  ? -6.023  11.653  7.632   1.00 25.54  ? 57  HIS A O   1 
ATOM   482  C  CB  . HIS A 1 58  ? -5.921  14.217  5.825   1.00 32.64  ? 57  HIS A CB  1 
ATOM   483  C  CG  . HIS A 1 58  ? -7.020  13.914  4.887   1.00 32.85  ? 57  HIS A CG  1 
ATOM   484  N  ND1 . HIS A 1 58  ? -8.207  13.325  5.307   1.00 36.46  ? 57  HIS A ND1 1 
ATOM   485  C  CD2 . HIS A 1 58  ? -7.106  14.061  3.556   1.00 33.19  ? 57  HIS A CD2 1 
ATOM   486  C  CE1 . HIS A 1 58  ? -8.971  13.130  4.261   1.00 40.01  ? 57  HIS A CE1 1 
ATOM   487  N  NE2 . HIS A 1 58  ? -8.313  13.565  3.180   1.00 38.66  ? 57  HIS A NE2 1 
ATOM   488  N  N   . VAL A 1 59  ? -5.794  10.747  5.529   1.00 28.50  ? 58  VAL A N   1 
ATOM   489  C  CA  . VAL A 1 59  ? -6.560  9.526   5.926   1.00 26.63  ? 58  VAL A CA  1 
ATOM   490  C  C   . VAL A 1 59  ? -5.696  8.674   6.871   1.00 28.41  ? 58  VAL A C   1 
ATOM   491  O  O   . VAL A 1 59  ? -4.503  8.556   6.657   1.00 27.53  ? 58  VAL A O   1 
ATOM   492  C  CB  . VAL A 1 59  ? -7.127  8.688   4.759   1.00 30.31  ? 58  VAL A CB  1 
ATOM   493  C  CG1 . VAL A 1 59  ? -7.949  9.548   3.795   1.00 30.12  ? 58  VAL A CG1 1 
ATOM   494  C  CG2 . VAL A 1 59  ? -6.061  7.897   4.045   1.00 35.32  ? 58  VAL A CG2 1 
ATOM   495  N  N   . ASN A 1 60  ? -6.306  8.018   7.844   1.00 27.04  ? 59  ASN A N   1 
ATOM   496  C  CA  . ASN A 1 60  ? -5.556  7.101   8.747   1.00 28.07  ? 59  ASN A CA  1 
ATOM   497  C  C   . ASN A 1 60  ? -5.572  5.672   8.192   1.00 28.24  ? 59  ASN A C   1 
ATOM   498  O  O   . ASN A 1 60  ? -6.293  5.400   7.189   1.00 22.74  ? 59  ASN A O   1 
ATOM   499  C  CB  . ASN A 1 60  ? -6.041  7.265   10.197  1.00 29.62  ? 59  ASN A CB  1 
ATOM   500  C  CG  . ASN A 1 60  ? -7.459  6.821   10.441  1.00 32.32  ? 59  ASN A CG  1 
ATOM   501  O  OD1 . ASN A 1 60  ? -8.036  6.071   9.659   1.00 31.26  ? 59  ASN A OD1 1 
ATOM   502  N  ND2 . ASN A 1 60  ? -8.031  7.296   11.533  1.00 32.23  ? 59  ASN A ND2 1 
ATOM   503  N  N   . MET A 1 61  ? -4.783  4.765   8.796   1.00 25.16  ? 60  MET A N   1 
ATOM   504  C  CA  . MET A 1 61  ? -4.662  3.379   8.287   1.00 27.23  ? 60  MET A CA  1 
ATOM   505  C  C   . MET A 1 61  ? -6.013  2.613   8.340   1.00 26.56  ? 60  MET A C   1 
ATOM   506  O  O   . MET A 1 61  ? -6.277  1.773   7.435   1.00 26.44  ? 60  MET A O   1 
ATOM   507  C  CB  . MET A 1 61  ? -3.552  2.604   9.015   1.00 31.58  ? 60  MET A CB  1 
ATOM   508  C  CG  . MET A 1 61  ? -2.152  3.132   8.744   1.00 35.57  ? 60  MET A CG  1 
ATOM   509  S  SD  . MET A 1 61  ? -1.777  3.305   6.987   1.00 41.74  ? 60  MET A SD  1 
ATOM   510  C  CE  . MET A 1 61  ? -2.115  1.653   6.395   1.00 41.59  ? 60  MET A CE  1 
ATOM   511  N  N   A SER A 1 62  ? -6.841  2.879   9.356   0.47 26.51  ? 61  SER A N   1 
ATOM   512  N  N   B SER A 1 62  ? -6.835  2.883   9.360   0.04 26.45  ? 61  SER A N   1 
ATOM   513  C  CA  A SER A 1 62  ? -8.190  2.279   9.516   0.47 27.15  ? 61  SER A CA  1 
ATOM   514  C  CA  B SER A 1 62  ? -8.185  2.284   9.531   0.04 26.36  ? 61  SER A CA  1 
ATOM   515  C  C   A SER A 1 62  ? -9.017  2.591   8.259   0.47 27.22  ? 61  SER A C   1 
ATOM   516  C  C   B SER A 1 62  ? -9.045  2.603   8.300   0.04 26.30  ? 61  SER A C   1 
ATOM   517  O  O   A SER A 1 62  ? -9.624  1.670   7.683   0.47 24.17  ? 61  SER A O   1 
ATOM   518  O  O   B SER A 1 62  ? -9.696  1.680   7.782   0.04 26.11  ? 61  SER A O   1 
ATOM   519  C  CB  A SER A 1 62  ? -8.859  2.792   10.764  0.47 29.74  ? 61  SER A CB  1 
ATOM   520  C  CB  B SER A 1 62  ? -8.839  2.748   10.811  0.04 26.53  ? 61  SER A CB  1 
ATOM   521  O  OG  A SER A 1 62  ? -10.152 2.231   10.916  0.47 30.47  ? 61  SER A OG  1 
ATOM   522  O  OG  B SER A 1 62  ? -9.082  4.146   10.785  0.04 26.41  ? 61  SER A OG  1 
ATOM   523  N  N   . GLU A 1 63  ? -9.019  3.857   7.837   1.00 25.88  ? 62  GLU A N   1 
ATOM   524  C  CA  . GLU A 1 63  ? -9.792  4.276   6.642   1.00 25.99  ? 62  GLU A CA  1 
ATOM   525  C  C   . GLU A 1 63  ? -9.168  3.660   5.387   1.00 24.58  ? 62  GLU A C   1 
ATOM   526  O  O   . GLU A 1 63  ? -9.940  3.284   4.478   1.00 24.26  ? 62  GLU A O   1 
ATOM   527  C  CB  . GLU A 1 63  ? -9.888  5.792   6.592   1.00 26.26  ? 62  GLU A CB  1 
ATOM   528  C  CG  . GLU A 1 63  ? -10.595 6.314   5.356   1.00 26.48  ? 62  GLU A CG  1 
ATOM   529  C  CD  . GLU A 1 63  ? -11.978 5.735   5.043   1.00 29.49  ? 62  GLU A CD  1 
ATOM   530  O  OE1 . GLU A 1 63  ? -12.634 5.153   5.959   1.00 28.64  ? 62  GLU A OE1 1 
ATOM   531  O  OE2 . GLU A 1 63  ? -12.403 5.843   3.875   1.00 27.34  ? 62  GLU A OE2 1 
ATOM   532  N  N   . LEU A 1 64  ? -7.827  3.610   5.278   1.00 26.09  ? 63  LEU A N   1 
ATOM   533  C  CA  . LEU A 1 64  ? -7.187  3.018   4.074   1.00 25.54  ? 63  LEU A CA  1 
ATOM   534  C  C   . LEU A 1 64  ? -7.605  1.547   3.960   1.00 24.62  ? 63  LEU A C   1 
ATOM   535  O  O   . LEU A 1 64  ? -7.856  1.073   2.833   1.00 25.17  ? 63  LEU A O   1 
ATOM   536  C  CB  . LEU A 1 64  ? -5.665  3.146   4.100   1.00 25.56  ? 63  LEU A CB  1 
ATOM   537  C  CG  . LEU A 1 64  ? -4.955  2.590   2.864   1.00 26.96  ? 63  LEU A CG  1 
ATOM   538  C  CD1 . LEU A 1 64  ? -5.516  3.209   1.585   1.00 27.72  ? 63  LEU A CD1 1 
ATOM   539  C  CD2 . LEU A 1 64  ? -3.449  2.805   2.934   1.00 29.12  ? 63  LEU A CD2 1 
ATOM   540  N  N   . ILE A 1 65  ? -7.658  0.820   5.071   1.00 28.01  ? 64  ILE A N   1 
ATOM   541  C  CA  . ILE A 1 65  ? -8.135  -0.605  5.049   1.00 28.22  ? 64  ILE A CA  1 
ATOM   542  C  C   . ILE A 1 65  ? -9.558  -0.658  4.477   1.00 28.00  ? 64  ILE A C   1 
ATOM   543  O  O   . ILE A 1 65  ? -9.784  -1.497  3.579   1.00 26.82  ? 64  ILE A O   1 
ATOM   544  C  CB  . ILE A 1 65  ? -8.019  -1.264  6.437   1.00 31.42  ? 64  ILE A CB  1 
ATOM   545  C  CG1 . ILE A 1 65  ? -6.549  -1.553  6.788   1.00 31.72  ? 64  ILE A CG1 1 
ATOM   546  C  CG2 . ILE A 1 65  ? -8.884  -2.531  6.549   1.00 33.86  ? 64  ILE A CG2 1 
ATOM   547  C  CD1 . ILE A 1 65  ? -6.304  -1.703  8.285   1.00 32.24  ? 64  ILE A CD1 1 
ATOM   548  N  N   . LYS A 1 66  ? -10.455 0.254   4.912   1.00 26.89  ? 65  LYS A N   1 
ATOM   549  C  CA  . LYS A 1 66  ? -11.860 0.310   4.406   1.00 27.25  ? 65  LYS A CA  1 
ATOM   550  C  C   . LYS A 1 66  ? -11.865 0.590   2.901   1.00 26.02  ? 65  LYS A C   1 
ATOM   551  O  O   . LYS A 1 66  ? -12.599 -0.112  2.168   1.00 24.18  ? 65  LYS A O   1 
ATOM   552  C  CB  . LYS A 1 66  ? -12.700 1.315   5.192   1.00 28.20  ? 65  LYS A CB  1 
ATOM   553  C  CG  . LYS A 1 66  ? -12.897 0.889   6.633   1.00 30.15  ? 65  LYS A CG  1 
ATOM   554  C  CD  . LYS A 1 66  ? -13.718 1.799   7.512   1.00 35.75  ? 65  LYS A CD  1 
ATOM   555  C  CE  . LYS A 1 66  ? -13.391 1.516   8.977   1.00 40.56  ? 65  LYS A CE  1 
ATOM   556  N  NZ  . LYS A 1 66  ? -14.398 2.074   9.899   1.00 52.40  ? 65  LYS A NZ  1 
ATOM   557  N  N   . ILE A 1 67  ? -11.023 1.515   2.460   1.00 25.07  ? 66  ILE A N   1 
ATOM   558  C  CA  . ILE A 1 67  ? -10.855 1.866   1.032   1.00 23.14  ? 66  ILE A CA  1 
ATOM   559  C  C   . ILE A 1 67  ? -10.450 0.635   0.211   1.00 24.77  ? 66  ILE A C   1 
ATOM   560  O  O   . ILE A 1 67  ? -11.036 0.400   -0.865  1.00 24.89  ? 66  ILE A O   1 
ATOM   561  C  CB  . ILE A 1 67  ? -9.828  3.017   0.881   1.00 24.50  ? 66  ILE A CB  1 
ATOM   562  C  CG1 . ILE A 1 67  ? -10.346 4.342   1.452   1.00 24.82  ? 66  ILE A CG1 1 
ATOM   563  C  CG2 . ILE A 1 67  ? -9.405  3.157   -0.557  1.00 26.81  ? 66  ILE A CG2 1 
ATOM   564  C  CD1 . ILE A 1 67  ? -9.309  5.450   1.459   1.00 22.87  ? 66  ILE A CD1 1 
ATOM   565  N  N   A ILE A 1 68  ? -9.451  -0.125  0.669   0.17 25.49  ? 67  ILE A N   1 
ATOM   566  N  N   B ILE A 1 68  ? -9.438  -0.112  0.669   0.34 25.16  ? 67  ILE A N   1 
ATOM   567  C  CA  A ILE A 1 68  ? -8.920  -1.290  -0.102  0.17 26.20  ? 67  ILE A CA  1 
ATOM   568  C  CA  B ILE A 1 68  ? -8.913  -1.296  -0.079  0.34 25.65  ? 67  ILE A CA  1 
ATOM   569  C  C   A ILE A 1 68  ? -9.943  -2.438  -0.059  0.17 26.51  ? 67  ILE A C   1 
ATOM   570  C  C   B ILE A 1 68  ? -9.970  -2.412  -0.068  0.34 25.81  ? 67  ILE A C   1 
ATOM   571  O  O   A ILE A 1 68  ? -10.100 -3.116  -1.092  0.17 27.23  ? 67  ILE A O   1 
ATOM   572  O  O   B ILE A 1 68  ? -10.180 -3.041  -1.123  0.34 26.69  ? 67  ILE A O   1 
ATOM   573  C  CB  A ILE A 1 68  ? -7.527  -1.718  0.394   0.17 27.14  ? 67  ILE A CB  1 
ATOM   574  C  CB  B ILE A 1 68  ? -7.567  -1.789  0.481   0.34 27.05  ? 67  ILE A CB  1 
ATOM   575  C  CG1 A ILE A 1 68  ? -6.514  -0.573  0.286   0.17 27.60  ? 67  ILE A CG1 1 
ATOM   576  C  CG1 B ILE A 1 68  ? -6.504  -0.685  0.500   0.34 27.86  ? 67  ILE A CG1 1 
ATOM   577  C  CG2 A ILE A 1 68  ? -7.059  -2.952  -0.363  0.17 27.50  ? 67  ILE A CG2 1 
ATOM   578  C  CG2 B ILE A 1 68  ? -7.101  -2.996  -0.322  0.34 27.95  ? 67  ILE A CG2 1 
ATOM   579  C  CD1 A ILE A 1 68  ? -6.448  0.068   -1.083  0.17 27.48  ? 67  ILE A CD1 1 
ATOM   580  C  CD1 B ILE A 1 68  ? -5.259  -1.049  1.276   0.34 26.81  ? 67  ILE A CD1 1 
ATOM   581  N  N   . ARG A 1 69  ? -10.639 -2.632  1.066   1.00 28.37  ? 68  ARG A N   1 
ATOM   582  C  CA  . ARG A 1 69  ? -11.756 -3.635  1.141   1.00 27.16  ? 68  ARG A CA  1 
ATOM   583  C  C   . ARG A 1 69  ? -12.833 -3.278  0.099   1.00 28.25  ? 68  ARG A C   1 
ATOM   584  O  O   . ARG A 1 69  ? -13.354 -4.200  -0.562  1.00 30.38  ? 68  ARG A O   1 
ATOM   585  C  CB  . ARG A 1 69  ? -12.344 -3.755  2.552   1.00 26.28  ? 68  ARG A CB  1 
ATOM   586  C  CG  . ARG A 1 69  ? -11.421 -4.385  3.589   1.00 25.92  ? 68  ARG A CG  1 
ATOM   587  C  CD  . ARG A 1 69  ? -12.080 -4.547  4.974   1.00 28.67  ? 68  ARG A CD  1 
ATOM   588  N  NE  . ARG A 1 69  ? -13.223 -5.470  4.870   1.00 28.53  ? 68  ARG A NE  1 
ATOM   589  C  CZ  . ARG A 1 69  ? -13.182 -6.801  5.044   1.00 33.90  ? 68  ARG A CZ  1 
ATOM   590  N  NH1 . ARG A 1 69  ? -12.067 -7.411  5.417   1.00 31.81  ? 68  ARG A NH1 1 
ATOM   591  N  NH2 . ARG A 1 69  ? -14.274 -7.526  4.853   1.00 35.79  ? 68  ARG A NH2 1 
ATOM   592  N  N   . ARG A 1 70  ? -13.159 -1.997  -0.082  1.00 27.01  ? 69  ARG A N   1 
ATOM   593  C  CA  . ARG A 1 70  ? -14.192 -1.572  -1.055  1.00 25.48  ? 69  ARG A CA  1 
ATOM   594  C  C   . ARG A 1 70  ? -13.693 -1.799  -2.468  1.00 28.36  ? 69  ARG A C   1 
ATOM   595  O  O   . ARG A 1 70  ? -14.476 -2.259  -3.303  1.00 27.36  ? 69  ARG A O   1 
ATOM   596  C  CB  . ARG A 1 70  ? -14.597 -0.117  -0.829  1.00 23.95  ? 69  ARG A CB  1 
ATOM   597  C  CG  . ARG A 1 70  ? -15.514 0.073   0.368   1.00 25.71  ? 69  ARG A CG  1 
ATOM   598  C  CD  . ARG A 1 70  ? -16.192 1.442   0.415   1.00 22.78  ? 69  ARG A CD  1 
ATOM   599  N  NE  . ARG A 1 70  ? -15.322 2.589   0.671   1.00 22.47  ? 69  ARG A NE  1 
ATOM   600  C  CZ  . ARG A 1 70  ? -15.070 3.143   1.867   1.00 23.21  ? 69  ARG A CZ  1 
ATOM   601  N  NH1 . ARG A 1 70  ? -15.530 2.586   2.977   1.00 22.29  ? 69  ARG A NH1 1 
ATOM   602  N  NH2 . ARG A 1 70  ? -14.285 4.214   1.956   1.00 21.06  ? 69  ARG A NH2 1 
ATOM   603  N  N   . ARG A 1 71  ? -12.419 -1.506  -2.714  1.00 27.79  ? 70  ARG A N   1 
ATOM   604  C  CA  . ARG A 1 71  ? -11.823 -1.651  -4.052  1.00 28.56  ? 70  ARG A CA  1 
ATOM   605  C  C   . ARG A 1 71  ? -11.770 -3.132  -4.467  1.00 31.35  ? 70  ARG A C   1 
ATOM   606  O  O   . ARG A 1 71  ? -11.954 -3.399  -5.660  1.00 32.86  ? 70  ARG A O   1 
ATOM   607  C  CB  . ARG A 1 71  ? -10.455 -0.986  -4.062  1.00 29.78  ? 70  ARG A CB  1 
ATOM   608  C  CG  . ARG A 1 71  ? -9.914  -0.809  -5.465  1.00 31.27  ? 70  ARG A CG  1 
ATOM   609  C  CD  . ARG A 1 71  ? -9.307  0.556   -5.603  1.00 35.17  ? 70  ARG A CD  1 
ATOM   610  N  NE  . ARG A 1 71  ? -8.842  0.806   -6.951  1.00 34.05  ? 70  ARG A NE  1 
ATOM   611  C  CZ  . ARG A 1 71  ? -8.628  2.010   -7.439  1.00 35.51  ? 70  ARG A CZ  1 
ATOM   612  N  NH1 . ARG A 1 71  ? -8.879  3.085   -6.704  1.00 32.68  ? 70  ARG A NH1 1 
ATOM   613  N  NH2 . ARG A 1 71  ? -8.212  2.136   -8.682  1.00 35.90  ? 70  ARG A NH2 1 
ATOM   614  N  N   . LEU A 1 72  ? -11.527 -4.043  -3.530  1.00 31.95  ? 71  LEU A N   1 
ATOM   615  C  CA  . LEU A 1 72  ? -11.527 -5.510  -3.769  1.00 34.32  ? 71  LEU A CA  1 
ATOM   616  C  C   . LEU A 1 72  ? -12.965 -6.059  -3.754  1.00 33.74  ? 71  LEU A C   1 
ATOM   617  O  O   . LEU A 1 72  ? -13.104 -7.271  -4.014  1.00 33.64  ? 71  LEU A O   1 
ATOM   618  C  CB  . LEU A 1 72  ? -10.704 -6.212  -2.688  1.00 33.11  ? 71  LEU A CB  1 
ATOM   619  C  CG  . LEU A 1 72  ? -9.212  -5.900  -2.684  1.00 36.01  ? 71  LEU A CG  1 
ATOM   620  C  CD1 . LEU A 1 72  ? -8.552  -6.443  -1.432  1.00 35.79  ? 71  LEU A CD1 1 
ATOM   621  C  CD2 . LEU A 1 72  ? -8.547  -6.432  -3.927  1.00 35.61  ? 71  LEU A CD2 1 
ATOM   622  N  N   . GLN A 1 73  ? -13.974 -5.236  -3.435  1.00 33.94  ? 72  GLN A N   1 
ATOM   623  C  CA  . GLN A 1 73  ? -15.408 -5.636  -3.357  1.00 39.73  ? 72  GLN A CA  1 
ATOM   624  C  C   . GLN A 1 73  ? -15.545 -6.855  -2.436  1.00 40.72  ? 72  GLN A C   1 
ATOM   625  O  O   . GLN A 1 73  ? -16.219 -7.837  -2.822  1.00 37.62  ? 72  GLN A O   1 
ATOM   626  C  CB  . GLN A 1 73  ? -15.943 -5.887  -4.776  1.00 46.29  ? 72  GLN A CB  1 
ATOM   627  C  CG  . GLN A 1 73  ? -16.294 -4.614  -5.542  1.00 54.22  ? 72  GLN A CG  1 
ATOM   628  C  CD  . GLN A 1 73  ? -17.477 -3.874  -4.947  1.00 67.17  ? 72  GLN A CD  1 
ATOM   629  O  OE1 . GLN A 1 73  ? -18.600 -3.949  -5.453  1.00 62.59  ? 72  GLN A OE1 1 
ATOM   630  N  NE2 . GLN A 1 73  ? -17.242 -3.136  -3.859  1.00 77.19  ? 72  GLN A NE2 1 
ATOM   631  N  N   . LEU A 1 74  ? -14.898 -6.816  -1.270  1.00 33.62  ? 73  LEU A N   1 
ATOM   632  C  CA  . LEU A 1 74  ? -15.028 -7.859  -0.208  1.00 38.10  ? 73  LEU A CA  1 
ATOM   633  C  C   . LEU A 1 74  ? -16.414 -7.855  0.468   1.00 36.58  ? 73  LEU A C   1 
ATOM   634  O  O   . LEU A 1 74  ? -17.086 -6.814  0.530   1.00 34.45  ? 73  LEU A O   1 
ATOM   635  C  CB  . LEU A 1 74  ? -13.933 -7.626  0.850   1.00 35.24  ? 73  LEU A CB  1 
ATOM   636  C  CG  . LEU A 1 74  ? -12.485 -7.665  0.353   1.00 34.45  ? 73  LEU A CG  1 
ATOM   637  C  CD1 . LEU A 1 74  ? -11.545 -7.911  1.521   1.00 34.25  ? 73  LEU A CD1 1 
ATOM   638  C  CD2 . LEU A 1 74  ? -12.281 -8.709  -0.728  1.00 37.19  ? 73  LEU A CD2 1 
ATOM   639  N  N   . ASN A 1 75  ? -16.798 -8.979  1.071   1.00 44.26  ? 74  ASN A N   1 
ATOM   640  C  CA  . ASN A 1 75  ? -17.999 -9.017  1.948   1.00 45.04  ? 74  ASN A CA  1 
ATOM   641  C  C   . ASN A 1 75  ? -17.541 -9.097  3.411   1.00 45.69  ? 74  ASN A C   1 
ATOM   642  O  O   . ASN A 1 75  ? -16.308 -9.330  3.670   1.00 38.49  ? 74  ASN A O   1 
ATOM   643  C  CB  . ASN A 1 75  ? -18.983 -10.098 1.505   1.00 52.64  ? 74  ASN A CB  1 
ATOM   644  C  CG  . ASN A 1 75  ? -18.321 -11.446 1.371   1.00 58.85  ? 74  ASN A CG  1 
ATOM   645  O  OD1 . ASN A 1 75  ? -17.762 -11.959 2.346   1.00 62.94  ? 74  ASN A OD1 1 
ATOM   646  N  ND2 . ASN A 1 75  ? -18.378 -12.013 0.173   1.00 56.45  ? 74  ASN A ND2 1 
ATOM   647  N  N   . ALA A 1 76  ? -18.489 -8.883  4.328   1.00 45.14  ? 75  ALA A N   1 
ATOM   648  C  CA  . ALA A 1 76  ? -18.240 -8.632  5.763   1.00 51.67  ? 75  ALA A CA  1 
ATOM   649  C  C   . ALA A 1 76  ? -17.401 -9.765  6.365   1.00 56.53  ? 75  ALA A C   1 
ATOM   650  O  O   . ALA A 1 76  ? -16.606 -9.467  7.264   1.00 60.96  ? 75  ALA A O   1 
ATOM   651  C  CB  . ALA A 1 76  ? -19.547 -8.447  6.497   1.00 57.04  ? 75  ALA A CB  1 
ATOM   652  N  N   . ASN A 1 77  ? -17.532 -11.006 5.888   1.00 57.13  ? 76  ASN A N   1 
ATOM   653  C  CA  . ASN A 1 77  ? -16.891 -12.168 6.571   1.00 67.61  ? 76  ASN A CA  1 
ATOM   654  C  C   . ASN A 1 77  ? -15.583 -12.614 5.889   1.00 65.72  ? 76  ASN A C   1 
ATOM   655  O  O   . ASN A 1 77  ? -15.021 -13.624 6.365   1.00 70.80  ? 76  ASN A O   1 
ATOM   656  C  CB  . ASN A 1 77  ? -17.872 -13.332 6.713   1.00 79.17  ? 76  ASN A CB  1 
ATOM   657  C  CG  . ASN A 1 77  ? -18.466 -13.752 5.386   1.00 87.09  ? 76  ASN A CG  1 
ATOM   658  O  OD1 . ASN A 1 77  ? -17.754 -13.861 4.384   1.00 88.00  ? 76  ASN A OD1 1 
ATOM   659  N  ND2 . ASN A 1 77  ? -19.770 -13.977 5.371   1.00 92.67  ? 76  ASN A ND2 1 
ATOM   660  N  N   . GLN A 1 78  ? -15.088 -11.904 4.858   1.00 56.83  ? 77  GLN A N   1 
ATOM   661  C  CA  . GLN A 1 78  ? -13.741 -12.143 4.259   1.00 46.65  ? 77  GLN A CA  1 
ATOM   662  C  C   . GLN A 1 78  ? -12.697 -11.438 5.127   1.00 45.35  ? 77  GLN A C   1 
ATOM   663  O  O   . GLN A 1 78  ? -12.854 -10.224 5.363   1.00 38.59  ? 77  GLN A O   1 
ATOM   664  C  CB  . GLN A 1 78  ? -13.639 -11.645 2.818   1.00 48.46  ? 77  GLN A CB  1 
ATOM   665  C  CG  . GLN A 1 78  ? -14.246 -12.594 1.793   1.00 53.14  ? 77  GLN A CG  1 
ATOM   666  C  CD  . GLN A 1 78  ? -14.465 -11.916 0.459   1.00 51.15  ? 77  GLN A CD  1 
ATOM   667  O  OE1 . GLN A 1 78  ? -15.397 -11.146 0.278   1.00 51.82  ? 77  GLN A OE1 1 
ATOM   668  N  NE2 . GLN A 1 78  ? -13.605 -12.200 -0.502  1.00 56.81  ? 77  GLN A NE2 1 
ATOM   669  N  N   . ALA A 1 79  ? -11.683 -12.177 5.594   1.00 39.20  ? 78  ALA A N   1 
ATOM   670  C  CA  . ALA A 1 79  ? -10.575 -11.650 6.420   1.00 39.99  ? 78  ALA A CA  1 
ATOM   671  C  C   . ALA A 1 79  ? -9.642  -10.899 5.481   1.00 36.09  ? 78  ALA A C   1 
ATOM   672  O  O   . ALA A 1 79  ? -9.569  -11.273 4.319   1.00 35.06  ? 78  ALA A O   1 
ATOM   673  C  CB  . ALA A 1 79  ? -9.826  -12.747 7.145   1.00 41.95  ? 78  ALA A CB  1 
ATOM   674  N  N   . PHE A 1 80  ? -8.975  -9.876  5.997   1.00 37.60  ? 79  PHE A N   1 
ATOM   675  C  CA  . PHE A 1 80  ? -8.056  -9.006  5.231   1.00 37.59  ? 79  PHE A CA  1 
ATOM   676  C  C   . PHE A 1 80  ? -7.017  -8.495  6.226   1.00 37.93  ? 79  PHE A C   1 
ATOM   677  O  O   . PHE A 1 80  ? -7.437  -7.933  7.282   1.00 35.65  ? 79  PHE A O   1 
ATOM   678  C  CB  . PHE A 1 80  ? -8.849  -7.885  4.551   1.00 33.68  ? 79  PHE A CB  1 
ATOM   679  C  CG  . PHE A 1 80  ? -8.009  -6.873  3.821   1.00 31.99  ? 79  PHE A CG  1 
ATOM   680  C  CD1 . PHE A 1 80  ? -7.628  -7.083  2.506   1.00 33.70  ? 79  PHE A CD1 1 
ATOM   681  C  CD2 . PHE A 1 80  ? -7.581  -5.719  4.450   1.00 32.85  ? 79  PHE A CD2 1 
ATOM   682  C  CE1 . PHE A 1 80  ? -6.839  -6.164  1.835   1.00 32.91  ? 79  PHE A CE1 1 
ATOM   683  C  CE2 . PHE A 1 80  ? -6.790  -4.801  3.778   1.00 31.80  ? 79  PHE A CE2 1 
ATOM   684  C  CZ  . PHE A 1 80  ? -6.421  -5.024  2.473   1.00 32.21  ? 79  PHE A CZ  1 
ATOM   685  N  N   . PHE A 1 81  ? -5.737  -8.756  5.933   1.00 37.02  ? 80  PHE A N   1 
ATOM   686  C  CA  . PHE A 1 81  ? -4.581  -8.296  6.736   1.00 35.89  ? 80  PHE A CA  1 
ATOM   687  C  C   . PHE A 1 81  ? -3.680  -7.483  5.808   1.00 32.56  ? 80  PHE A C   1 
ATOM   688  O  O   . PHE A 1 81  ? -3.495  -7.845  4.638   1.00 31.86  ? 80  PHE A O   1 
ATOM   689  C  CB  . PHE A 1 81  ? -3.881  -9.492  7.399   1.00 39.11  ? 80  PHE A CB  1 
ATOM   690  C  CG  . PHE A 1 81  ? -4.777  -10.236 8.357   1.00 45.68  ? 80  PHE A CG  1 
ATOM   691  C  CD1 . PHE A 1 81  ? -5.516  -11.335 7.929   1.00 52.41  ? 80  PHE A CD1 1 
ATOM   692  C  CD2 . PHE A 1 81  ? -4.952  -9.784  9.663   1.00 49.85  ? 80  PHE A CD2 1 
ATOM   693  C  CE1 . PHE A 1 81  ? -6.375  -11.997 8.798   1.00 52.38  ? 80  PHE A CE1 1 
ATOM   694  C  CE2 . PHE A 1 81  ? -5.817  -10.442 10.529  1.00 53.12  ? 80  PHE A CE2 1 
ATOM   695  C  CZ  . PHE A 1 81  ? -6.518  -11.552 10.096  1.00 52.87  ? 80  PHE A CZ  1 
ATOM   696  N  N   . LEU A 1 82  ? -3.136  -6.384  6.310   1.00 32.60  ? 81  LEU A N   1 
ATOM   697  C  CA  . LEU A 1 82  ? -2.321  -5.450  5.489   1.00 31.89  ? 81  LEU A CA  1 
ATOM   698  C  C   . LEU A 1 82  ? -1.004  -5.160  6.207   1.00 34.80  ? 81  LEU A C   1 
ATOM   699  O  O   . LEU A 1 82  ? -1.057  -4.630  7.340   1.00 39.84  ? 81  LEU A O   1 
ATOM   700  C  CB  . LEU A 1 82  ? -3.123  -4.165  5.301   1.00 35.46  ? 81  LEU A CB  1 
ATOM   701  C  CG  . LEU A 1 82  ? -2.505  -3.097  4.404   1.00 32.45  ? 81  LEU A CG  1 
ATOM   702  C  CD1 . LEU A 1 82  ? -2.530  -3.537  2.958   1.00 31.63  ? 81  LEU A CD1 1 
ATOM   703  C  CD2 . LEU A 1 82  ? -3.236  -1.775  4.583   1.00 33.65  ? 81  LEU A CD2 1 
ATOM   704  N  N   . LEU A 1 83  ? 0.116   -5.529  5.586   1.00 30.20  ? 82  LEU A N   1 
ATOM   705  C  CA  . LEU A 1 83  ? 1.463   -5.194  6.090   1.00 32.79  ? 82  LEU A CA  1 
ATOM   706  C  C   . LEU A 1 83  ? 1.896   -3.852  5.504   1.00 30.44  ? 82  LEU A C   1 
ATOM   707  O  O   . LEU A 1 83  ? 1.505   -3.527  4.347   1.00 29.47  ? 82  LEU A O   1 
ATOM   708  C  CB  . LEU A 1 83  ? 2.430   -6.296  5.676   1.00 35.75  ? 82  LEU A CB  1 
ATOM   709  C  CG  . LEU A 1 83  ? 2.102   -7.675  6.237   1.00 40.62  ? 82  LEU A CG  1 
ATOM   710  C  CD1 . LEU A 1 83  ? 3.176   -8.654  5.805   1.00 45.05  ? 82  LEU A CD1 1 
ATOM   711  C  CD2 . LEU A 1 83  ? 1.956   -7.646  7.752   1.00 39.26  ? 82  LEU A CD2 1 
ATOM   712  N  N   . VAL A 1 84  ? 2.647   -3.097  6.284   1.00 26.30  ? 83  VAL A N   1 
ATOM   713  C  CA  . VAL A 1 84  ? 3.239   -1.810  5.830   1.00 26.74  ? 83  VAL A CA  1 
ATOM   714  C  C   . VAL A 1 84  ? 4.751   -1.958  6.002   1.00 27.66  ? 83  VAL A C   1 
ATOM   715  O  O   . VAL A 1 84  ? 5.175   -2.327  7.116   1.00 27.69  ? 83  VAL A O   1 
ATOM   716  C  CB  . VAL A 1 84  ? 2.698   -0.598  6.608   1.00 29.08  ? 83  VAL A CB  1 
ATOM   717  C  CG1 . VAL A 1 84  ? 3.353   0.682   6.087   1.00 30.09  ? 83  VAL A CG1 1 
ATOM   718  C  CG2 . VAL A 1 84  ? 1.178   -0.518  6.532   1.00 35.96  ? 83  VAL A CG2 1 
ATOM   719  N  N   . ASN A 1 85  ? 5.523   -1.724  4.939   1.00 26.27  ? 84  ASN A N   1 
ATOM   720  C  CA  . ASN A 1 85  ? 7.008   -1.805  4.977   1.00 29.50  ? 84  ASN A CA  1 
ATOM   721  C  C   . ASN A 1 85  ? 7.377   -3.186  5.561   1.00 30.12  ? 84  ASN A C   1 
ATOM   722  O  O   . ASN A 1 85  ? 8.320   -3.264  6.382   1.00 33.71  ? 84  ASN A O   1 
ATOM   723  C  CB  . ASN A 1 85  ? 7.587   -0.609  5.746   1.00 28.69  ? 84  ASN A CB  1 
ATOM   724  C  CG  . ASN A 1 85  ? 9.100   -0.564  5.822   1.00 27.26  ? 84  ASN A CG  1 
ATOM   725  O  OD1 . ASN A 1 85  ? 9.789   -0.906  4.879   1.00 30.00  ? 84  ASN A OD1 1 
ATOM   726  N  ND2 . ASN A 1 85  ? 9.625   -0.099  6.940   1.00 30.71  ? 84  ASN A ND2 1 
ATOM   727  N  N   . GLY A 1 86  ? 6.618   -4.233  5.221   1.00 29.96  ? 85  GLY A N   1 
ATOM   728  C  CA  . GLY A 1 86  ? 6.973   -5.617  5.586   1.00 31.68  ? 85  GLY A CA  1 
ATOM   729  C  C   . GLY A 1 86  ? 6.449   -6.097  6.939   1.00 32.25  ? 85  GLY A C   1 
ATOM   730  O  O   . GLY A 1 86  ? 6.722   -7.259  7.258   1.00 30.55  ? 85  GLY A O   1 
ATOM   731  N  N   . HIS A 1 87  ? 5.800   -5.274  7.768   1.00 27.63  ? 86  HIS A N   1 
ATOM   732  C  CA  . HIS A 1 87  ? 5.424   -5.661  9.157   1.00 28.11  ? 86  HIS A CA  1 
ATOM   733  C  C   . HIS A 1 87  ? 3.983   -5.225  9.454   1.00 30.10  ? 86  HIS A C   1 
ATOM   734  O  O   . HIS A 1 87  ? 3.454   -4.374  8.745   1.00 27.64  ? 86  HIS A O   1 
ATOM   735  C  CB  . HIS A 1 87  ? 6.411   -5.060  10.167  1.00 27.62  ? 86  HIS A CB  1 
ATOM   736  C  CG  . HIS A 1 87  ? 6.515   -3.574  10.118  1.00 30.01  ? 86  HIS A CG  1 
ATOM   737  N  ND1 . HIS A 1 87  ? 5.568   -2.747  10.726  1.00 33.44  ? 86  HIS A ND1 1 
ATOM   738  C  CD2 . HIS A 1 87  ? 7.380   -2.758  9.464   1.00 30.21  ? 86  HIS A CD2 1 
ATOM   739  C  CE1 . HIS A 1 87  ? 5.900   -1.491  10.505  1.00 35.20  ? 86  HIS A CE1 1 
ATOM   740  N  NE2 . HIS A 1 87  ? 7.031   -1.479  9.753   1.00 33.14  ? 86  HIS A NE2 1 
ATOM   741  N  N   A SER A 1 88  ? 3.366   -5.805  10.484  0.06 29.14  ? 87  SER A N   1 
ATOM   742  N  N   B SER A 1 88  ? 3.392   -5.792  10.509  0.44 29.31  ? 87  SER A N   1 
ATOM   743  C  CA  A SER A 1 88  ? 1.995   -5.453  10.936  0.06 29.47  ? 87  SER A CA  1 
ATOM   744  C  CA  B SER A 1 88  ? 2.050   -5.425  11.037  0.44 31.61  ? 87  SER A CA  1 
ATOM   745  C  C   A SER A 1 88  ? 1.988   -4.006  11.442  0.06 30.14  ? 87  SER A C   1 
ATOM   746  C  C   B SER A 1 88  ? 2.027   -3.944  11.389  0.44 30.20  ? 87  SER A C   1 
ATOM   747  O  O   A SER A 1 88  ? 3.024   -3.557  11.959  0.06 30.46  ? 87  SER A O   1 
ATOM   748  O  O   B SER A 1 88  ? 3.072   -3.419  11.799  0.44 33.53  ? 87  SER A O   1 
ATOM   749  C  CB  A SER A 1 88  ? 1.495   -6.416  11.984  0.06 29.01  ? 87  SER A CB  1 
ATOM   750  C  CB  B SER A 1 88  ? 1.698   -6.226  12.263  0.44 34.11  ? 87  SER A CB  1 
ATOM   751  O  OG  A SER A 1 88  ? 2.293   -6.351  13.157  0.06 28.11  ? 87  SER A OG  1 
ATOM   752  O  OG  B SER A 1 88  ? 1.609   -7.597  11.958  0.44 37.47  ? 87  SER A OG  1 
ATOM   753  N  N   . MET A 1 89  ? 0.864   -3.305  11.270  1.00 30.44  ? 88  MET A N   1 
ATOM   754  C  CA  . MET A 1 89  ? 0.684   -1.917  11.740  1.00 36.00  ? 88  MET A CA  1 
ATOM   755  C  C   . MET A 1 89  ? 0.592   -1.925  13.274  1.00 36.53  ? 88  MET A C   1 
ATOM   756  O  O   . MET A 1 89  ? -0.148  -2.753  13.842  1.00 33.02  ? 88  MET A O   1 
ATOM   757  C  CB  . MET A 1 89  ? -0.583  -1.313  11.133  1.00 40.09  ? 88  MET A CB  1 
ATOM   758  C  CG  . MET A 1 89  ? -0.399  -0.932  9.656   1.00 50.05  ? 88  MET A CG  1 
ATOM   759  S  SD  . MET A 1 89  ? -1.953  -0.973  8.720   1.00 65.10  ? 88  MET A SD  1 
ATOM   760  C  CE  . MET A 1 89  ? -3.141  -0.706  10.027  1.00 53.11  ? 88  MET A CE  1 
ATOM   761  N  N   . VAL A 1 90  ? 1.355   -1.058  13.926  1.00 36.79  ? 89  VAL A N   1 
ATOM   762  C  CA  . VAL A 1 90  ? 1.314   -0.938  15.403  1.00 38.39  ? 89  VAL A CA  1 
ATOM   763  C  C   . VAL A 1 90  ? -0.037  -0.329  15.766  1.00 36.68  ? 89  VAL A C   1 
ATOM   764  O  O   . VAL A 1 90  ? -0.626  -0.781  16.761  1.00 36.04  ? 89  VAL A O   1 
ATOM   765  C  CB  . VAL A 1 90  ? 2.496   -0.101  15.919  1.00 47.13  ? 89  VAL A CB  1 
ATOM   766  C  CG1 . VAL A 1 90  ? 2.366   0.159   17.407  1.00 46.68  ? 89  VAL A CG1 1 
ATOM   767  C  CG2 . VAL A 1 90  ? 3.826   -0.770  15.593  1.00 54.01  ? 89  VAL A CG2 1 
ATOM   768  N  N   . SER A 1 91  ? -0.494  0.646   14.968  1.00 38.29  ? 90  SER A N   1 
ATOM   769  C  CA  . SER A 1 91  ? -1.771  1.385   15.148  1.00 42.48  ? 90  SER A CA  1 
ATOM   770  C  C   . SER A 1 91  ? -2.403  1.751   13.799  1.00 41.29  ? 90  SER A C   1 
ATOM   771  O  O   . SER A 1 91  ? -1.709  2.256   12.904  1.00 40.48  ? 90  SER A O   1 
ATOM   772  C  CB  . SER A 1 91  ? -1.615  2.641   15.960  1.00 43.94  ? 90  SER A CB  1 
ATOM   773  O  OG  . SER A 1 91  ? -2.916  3.146   16.280  1.00 57.42  ? 90  SER A OG  1 
ATOM   774  N  N   . VAL A 1 92  ? -3.719  1.598   13.726  1.00 41.29  ? 91  VAL A N   1 
ATOM   775  C  CA  . VAL A 1 92  ? -4.539  1.933   12.529  1.00 41.87  ? 91  VAL A CA  1 
ATOM   776  C  C   . VAL A 1 92  ? -5.000  3.399   12.608  1.00 40.88  ? 91  VAL A C   1 
ATOM   777  O  O   . VAL A 1 92  ? -5.551  3.886   11.616  1.00 37.81  ? 91  VAL A O   1 
ATOM   778  C  CB  . VAL A 1 92  ? -5.740  0.971   12.406  1.00 45.91  ? 91  VAL A CB  1 
ATOM   779  C  CG1 . VAL A 1 92  ? -5.303  -0.454  12.122  1.00 47.87  ? 91  VAL A CG1 1 
ATOM   780  C  CG2 . VAL A 1 92  ? -6.650  1.022   13.632  1.00 48.87  ? 91  VAL A CG2 1 
ATOM   781  N  N   . SER A 1 93  ? -4.799  4.078   13.735  1.00 36.58  ? 92  SER A N   1 
ATOM   782  C  CA  . SER A 1 93  ? -5.277  5.458   13.977  1.00 37.91  ? 92  SER A CA  1 
ATOM   783  C  C   . SER A 1 93  ? -4.295  6.508   13.437  1.00 35.88  ? 92  SER A C   1 
ATOM   784  O  O   . SER A 1 93  ? -4.666  7.686   13.392  1.00 41.76  ? 92  SER A O   1 
ATOM   785  C  CB  . SER A 1 93  ? -5.501  5.652   15.443  1.00 45.81  ? 92  SER A CB  1 
ATOM   786  O  OG  . SER A 1 93  ? -4.251  5.639   16.129  1.00 46.41  ? 92  SER A OG  1 
ATOM   787  N  N   . THR A 1 94  ? -3.055  6.128   13.132  1.00 32.83  ? 93  THR A N   1 
ATOM   788  C  CA  . THR A 1 94  ? -1.999  7.061   12.657  1.00 33.57  ? 93  THR A CA  1 
ATOM   789  C  C   . THR A 1 94  ? -2.388  7.646   11.292  1.00 31.35  ? 93  THR A C   1 
ATOM   790  O  O   . THR A 1 94  ? -2.730  6.892   10.383  1.00 32.46  ? 93  THR A O   1 
ATOM   791  C  CB  . THR A 1 94  ? -0.672  6.311   12.508  1.00 35.70  ? 93  THR A CB  1 
ATOM   792  O  OG1 . THR A 1 94  ? -0.613  5.280   13.506  1.00 49.51  ? 93  THR A OG1 1 
ATOM   793  C  CG2 . THR A 1 94  ? 0.518   7.233   12.574  1.00 36.85  ? 93  THR A CG2 1 
ATOM   794  N  N   . PRO A 1 95  ? -2.343  8.980   11.116  1.00 32.46  ? 94  PRO A N   1 
ATOM   795  C  CA  . PRO A 1 95  ? -2.474  9.619   9.803   1.00 30.54  ? 94  PRO A CA  1 
ATOM   796  C  C   . PRO A 1 95  ? -1.408  9.117   8.819   1.00 27.88  ? 94  PRO A C   1 
ATOM   797  O  O   . PRO A 1 95  ? -0.286  8.871   9.241   1.00 28.59  ? 94  PRO A O   1 
ATOM   798  C  CB  . PRO A 1 95  ? -2.288  11.122  10.069  1.00 37.75  ? 94  PRO A CB  1 
ATOM   799  C  CG  . PRO A 1 95  ? -2.449  11.285  11.578  1.00 39.35  ? 94  PRO A CG  1 
ATOM   800  C  CD  . PRO A 1 95  ? -2.129  9.951   12.200  1.00 37.15  ? 94  PRO A CD  1 
ATOM   801  N  N   . ILE A 1 96  ? -1.798  8.799   7.572   1.00 24.86  ? 95  ILE A N   1 
ATOM   802  C  CA  . ILE A 1 96  ? -0.852  8.161   6.613   1.00 23.30  ? 95  ILE A CA  1 
ATOM   803  C  C   . ILE A 1 96  ? 0.351   9.091   6.379   1.00 22.77  ? 95  ILE A C   1 
ATOM   804  O  O   . ILE A 1 96  ? 1.453   8.571   6.041   1.00 23.58  ? 95  ILE A O   1 
ATOM   805  C  CB  . ILE A 1 96  ? -1.528  7.672   5.311   1.00 23.34  ? 95  ILE A CB  1 
ATOM   806  C  CG1 . ILE A 1 96  ? -0.580  6.762   4.524   1.00 23.69  ? 95  ILE A CG1 1 
ATOM   807  C  CG2 . ILE A 1 96  ? -2.010  8.834   4.447   1.00 22.96  ? 95  ILE A CG2 1 
ATOM   808  C  CD1 . ILE A 1 96  ? -1.276  5.949   3.444   1.00 25.39  ? 95  ILE A CD1 1 
ATOM   809  N  N   . SER A 1 97  ? 0.236   10.405  6.573   1.00 24.19  ? 96  SER A N   1 
ATOM   810  C  CA  . SER A 1 97  ? 1.387   11.340  6.396   1.00 26.62  ? 96  SER A CA  1 
ATOM   811  C  C   . SER A 1 97  ? 2.498   10.978  7.410   1.00 28.61  ? 96  SER A C   1 
ATOM   812  O  O   . SER A 1 97  ? 3.707   10.999  7.007   1.00 23.06  ? 96  SER A O   1 
ATOM   813  C  CB  . SER A 1 97  ? 0.971   12.761  6.555   1.00 27.75  ? 96  SER A CB  1 
ATOM   814  O  OG  . SER A 1 97  ? 0.306   12.926  7.802   1.00 25.74  ? 96  SER A OG  1 
ATOM   815  N  N   . GLU A 1 98  ? 2.111   10.636  8.651   1.00 28.58  ? 97  GLU A N   1 
ATOM   816  C  CA  . GLU A 1 98  ? 3.043   10.215  9.743   1.00 30.84  ? 97  GLU A CA  1 
ATOM   817  C  C   . GLU A 1 98  ? 3.578   8.813   9.456   1.00 30.28  ? 97  GLU A C   1 
ATOM   818  O  O   . GLU A 1 98  ? 4.804   8.574   9.633   1.00 30.03  ? 97  GLU A O   1 
ATOM   819  C  CB  . GLU A 1 98  ? 2.341   10.173  11.098  1.00 34.37  ? 97  GLU A CB  1 
ATOM   820  C  CG  . GLU A 1 98  ? 2.143   11.542  11.719  1.00 44.38  ? 97  GLU A CG  1 
ATOM   821  C  CD  . GLU A 1 98  ? 1.395   11.495  13.044  1.00 49.85  ? 97  GLU A CD  1 
ATOM   822  O  OE1 . GLU A 1 98  ? 0.637   12.454  13.326  1.00 51.75  ? 97  GLU A OE1 1 
ATOM   823  O  OE2 . GLU A 1 98  ? 1.560   10.481  13.769  1.00 51.14  ? 97  GLU A OE2 1 
ATOM   824  N  N   . VAL A 1 99  ? 2.699   7.898   9.035   1.00 25.28  ? 98  VAL A N   1 
ATOM   825  C  CA  . VAL A 1 99  ? 3.127   6.523   8.647   1.00 28.98  ? 98  VAL A CA  1 
ATOM   826  C  C   . VAL A 1 99  ? 4.172   6.635   7.544   1.00 26.27  ? 98  VAL A C   1 
ATOM   827  O  O   . VAL A 1 99  ? 5.236   5.968   7.641   1.00 24.95  ? 98  VAL A O   1 
ATOM   828  C  CB  . VAL A 1 99  ? 1.935   5.640   8.212   1.00 28.11  ? 98  VAL A CB  1 
ATOM   829  C  CG1 . VAL A 1 99  ? 2.406   4.268   7.749   1.00 30.38  ? 98  VAL A CG1 1 
ATOM   830  C  CG2 . VAL A 1 99  ? 0.950   5.515   9.346   1.00 30.52  ? 98  VAL A CG2 1 
ATOM   831  N  N   . TYR A 1 100 ? 3.927   7.453   6.515   1.00 24.31  ? 99  TYR A N   1 
ATOM   832  C  CA  . TYR A 1 100 ? 4.873   7.621   5.379   1.00 24.81  ? 99  TYR A CA  1 
ATOM   833  C  C   . TYR A 1 100 ? 6.267   8.055   5.885   1.00 26.18  ? 99  TYR A C   1 
ATOM   834  O  O   . TYR A 1 100 ? 7.298   7.465   5.472   1.00 27.46  ? 99  TYR A O   1 
ATOM   835  C  CB  . TYR A 1 100 ? 4.338   8.652   4.371   1.00 24.04  ? 99  TYR A CB  1 
ATOM   836  C  CG  . TYR A 1 100 ? 5.255   8.876   3.204   1.00 23.64  ? 99  TYR A CG  1 
ATOM   837  C  CD1 . TYR A 1 100 ? 5.318   7.966   2.157   1.00 23.70  ? 99  TYR A CD1 1 
ATOM   838  C  CD2 . TYR A 1 100 ? 6.055   10.006  3.113   1.00 22.45  ? 99  TYR A CD2 1 
ATOM   839  C  CE1 . TYR A 1 100 ? 6.141   8.173   1.066   1.00 22.45  ? 99  TYR A CE1 1 
ATOM   840  C  CE2 . TYR A 1 100 ? 6.893   10.221  2.036   1.00 23.76  ? 99  TYR A CE2 1 
ATOM   841  C  CZ  . TYR A 1 100 ? 6.913   9.313   0.988   1.00 23.76  ? 99  TYR A CZ  1 
ATOM   842  O  OH  . TYR A 1 100 ? 7.772   9.511   -0.049  1.00 24.00  ? 99  TYR A OH  1 
ATOM   843  N  N   . GLU A 1 101 ? 6.332   9.094   6.719   1.00 23.94  ? 100 GLU A N   1 
ATOM   844  C  CA  . GLU A 1 101 ? 7.616   9.653   7.178   1.00 28.74  ? 100 GLU A CA  1 
ATOM   845  C  C   . GLU A 1 101 ? 8.438   8.562   7.869   1.00 25.90  ? 100 GLU A C   1 
ATOM   846  O  O   . GLU A 1 101 ? 9.653   8.568   7.692   1.00 29.31  ? 100 GLU A O   1 
ATOM   847  C  CB  . GLU A 1 101 ? 7.460   10.796  8.177   1.00 31.27  ? 100 GLU A CB  1 
ATOM   848  C  CG  . GLU A 1 101 ? 7.289   12.146  7.562   1.00 41.29  ? 100 GLU A CG  1 
ATOM   849  C  CD  . GLU A 1 101 ? 7.852   13.220  8.487   1.00 45.52  ? 100 GLU A CD  1 
ATOM   850  O  OE1 . GLU A 1 101 ? 7.781   13.052  9.744   1.00 47.27  ? 100 GLU A OE1 1 
ATOM   851  O  OE2 . GLU A 1 101 ? 8.389   14.180  7.956   1.00 47.14  ? 100 GLU A OE2 1 
ATOM   852  N  N   . SER A 1 102 ? 7.824   7.678   8.634   1.00 28.54  ? 101 SER A N   1 
ATOM   853  C  CA  . SER A 1 102 ? 8.610   6.662   9.375   1.00 30.24  ? 101 SER A CA  1 
ATOM   854  C  C   . SER A 1 102 ? 8.778   5.351   8.591   1.00 31.97  ? 101 SER A C   1 
ATOM   855  O  O   . SER A 1 102 ? 9.808   4.671   8.822   1.00 29.35  ? 101 SER A O   1 
ATOM   856  C  CB  . SER A 1 102 ? 8.107   6.525   10.788  1.00 35.92  ? 101 SER A CB  1 
ATOM   857  O  OG  . SER A 1 102 ? 7.222   5.448   10.931  1.00 43.20  ? 101 SER A OG  1 
ATOM   858  N  N   . GLU A 1 103 ? 7.881   4.987   7.663   1.00 26.08  ? 102 GLU A N   1 
ATOM   859  C  CA  . GLU A 1 103 ? 7.880   3.647   7.029   1.00 26.64  ? 102 GLU A CA  1 
ATOM   860  C  C   . GLU A 1 103 ? 8.182   3.694   5.526   1.00 27.02  ? 102 GLU A C   1 
ATOM   861  O  O   . GLU A 1 103 ? 8.232   2.620   4.932   1.00 28.55  ? 102 GLU A O   1 
ATOM   862  C  CB  . GLU A 1 103 ? 6.548   2.939   7.287   1.00 27.49  ? 102 GLU A CB  1 
ATOM   863  C  CG  . GLU A 1 103 ? 6.206   2.771   8.765   1.00 28.35  ? 102 GLU A CG  1 
ATOM   864  C  CD  . GLU A 1 103 ? 7.094   1.802   9.533   1.00 33.93  ? 102 GLU A CD  1 
ATOM   865  O  OE1 . GLU A 1 103 ? 7.736   0.937   8.904   1.00 31.92  ? 102 GLU A OE1 1 
ATOM   866  O  OE2 . GLU A 1 103 ? 7.157   1.931   10.750  1.00 38.98  ? 102 GLU A OE2 1 
ATOM   867  N  N   . LYS A 1 104 ? 8.391   4.854   4.915   1.00 27.31  ? 103 LYS A N   1 
ATOM   868  C  CA  . LYS A 1 104 ? 8.680   4.944   3.464   1.00 25.34  ? 103 LYS A CA  1 
ATOM   869  C  C   . LYS A 1 104 ? 9.935   4.124   3.138   1.00 28.26  ? 103 LYS A C   1 
ATOM   870  O  O   . LYS A 1 104 ? 10.844  4.024   4.000   1.00 29.74  ? 103 LYS A O   1 
ATOM   871  C  CB  . LYS A 1 104 ? 8.927   6.378   3.030   1.00 26.58  ? 103 LYS A CB  1 
ATOM   872  C  CG  . LYS A 1 104 ? 10.105  7.063   3.693   1.00 28.37  ? 103 LYS A CG  1 
ATOM   873  C  CD  . LYS A 1 104 ? 10.095  8.574   3.540   1.00 32.37  ? 103 LYS A CD  1 
ATOM   874  C  CE  . LYS A 1 104 ? 11.342  9.197   4.124   1.00 33.41  ? 103 LYS A CE  1 
ATOM   875  N  NZ  . LYS A 1 104 ? 11.345  9.121   5.606   1.00 37.87  ? 103 LYS A NZ  1 
ATOM   876  N  N   . ASP A 1 105 ? 9.927   3.489   1.980   1.00 27.94  ? 104 ASP A N   1 
ATOM   877  C  CA  . ASP A 1 105 ? 11.126  2.897   1.345   1.00 28.85  ? 104 ASP A CA  1 
ATOM   878  C  C   . ASP A 1 105 ? 12.163  3.976   0.999   1.00 28.26  ? 104 ASP A C   1 
ATOM   879  O  O   . ASP A 1 105 ? 11.841  5.173   0.734   1.00 26.01  ? 104 ASP A O   1 
ATOM   880  C  CB  . ASP A 1 105 ? 10.722  2.120   0.089   1.00 28.53  ? 104 ASP A CB  1 
ATOM   881  C  CG  . ASP A 1 105 ? 11.737  1.065   -0.328  1.00 27.96  ? 104 ASP A CG  1 
ATOM   882  O  OD1 . ASP A 1 105 ? 11.652  -0.066  0.231   1.00 32.41  ? 104 ASP A OD1 1 
ATOM   883  O  OD2 . ASP A 1 105 ? 12.570  1.375   -1.200  1.00 30.73  ? 104 ASP A OD2 1 
ATOM   884  N  N   . GLU A 1 106 ? 13.411  3.547   0.861   1.00 29.90  ? 105 GLU A N   1 
ATOM   885  C  CA  . GLU A 1 106 ? 14.460  4.413   0.289   1.00 29.82  ? 105 GLU A CA  1 
ATOM   886  C  C   . GLU A 1 106 ? 14.107  4.932   -1.096  1.00 28.94  ? 105 GLU A C   1 
ATOM   887  O  O   . GLU A 1 106 ? 14.629  5.996   -1.416  1.00 26.99  ? 105 GLU A O   1 
ATOM   888  C  CB  . GLU A 1 106 ? 15.793  3.679   0.188   1.00 35.60  ? 105 GLU A CB  1 
ATOM   889  C  CG  . GLU A 1 106 ? 16.460  3.552   1.527   1.00 41.25  ? 105 GLU A CG  1 
ATOM   890  C  CD  . GLU A 1 106 ? 17.928  3.157   1.456   1.00 47.17  ? 105 GLU A CD  1 
ATOM   891  O  OE1 . GLU A 1 106 ? 18.367  2.713   0.384   1.00 42.65  ? 105 GLU A OE1 1 
ATOM   892  O  OE2 . GLU A 1 106 ? 18.627  3.357   2.474   1.00 52.80  ? 105 GLU A OE2 1 
ATOM   893  N  N   . ASP A 1 107 ? 13.303  4.233   -1.910  1.00 28.28  ? 106 ASP A N   1 
ATOM   894  C  CA  . ASP A 1 107 ? 12.894  4.766   -3.253  1.00 28.75  ? 106 ASP A CA  1 
ATOM   895  C  C   . ASP A 1 107 ? 11.839  5.887   -3.122  1.00 29.85  ? 106 ASP A C   1 
ATOM   896  O  O   . ASP A 1 107 ? 11.588  6.590   -4.147  1.00 29.59  ? 106 ASP A O   1 
ATOM   897  C  CB  . ASP A 1 107 ? 12.388  3.694   -4.224  1.00 28.10  ? 106 ASP A CB  1 
ATOM   898  C  CG  . ASP A 1 107 ? 11.131  2.917   -3.867  1.00 29.85  ? 106 ASP A CG  1 
ATOM   899  O  OD1 . ASP A 1 107 ? 10.429  3.297   -2.907  1.00 28.10  ? 106 ASP A OD1 1 
ATOM   900  O  OD2 . ASP A 1 107 ? 10.872  1.890   -4.569  1.00 29.78  ? 106 ASP A OD2 1 
ATOM   901  N  N   . GLY A 1 108 ? 11.227  6.007   -1.940  1.00 27.82  ? 107 GLY A N   1 
ATOM   902  C  CA  . GLY A 1 108 ? 10.215  7.029   -1.598  1.00 26.10  ? 107 GLY A CA  1 
ATOM   903  C  C   . GLY A 1 108 ? 8.792   6.527   -1.706  1.00 24.69  ? 107 GLY A C   1 
ATOM   904  O  O   . GLY A 1 108 ? 7.862   7.295   -1.358  1.00 24.59  ? 107 GLY A O   1 
ATOM   905  N  N   . PHE A 1 109 ? 8.578   5.287   -2.149  1.00 24.07  ? 108 PHE A N   1 
ATOM   906  C  CA  . PHE A 1 109 ? 7.246   4.639   -2.099  1.00 25.53  ? 108 PHE A CA  1 
ATOM   907  C  C   . PHE A 1 109 ? 6.984   4.138   -0.677  1.00 27.36  ? 108 PHE A C   1 
ATOM   908  O  O   . PHE A 1 109 ? 7.951   3.790   0.059   1.00 26.54  ? 108 PHE A O   1 
ATOM   909  C  CB  . PHE A 1 109 ? 7.101   3.509   -3.128  1.00 25.19  ? 108 PHE A CB  1 
ATOM   910  C  CG  . PHE A 1 109 ? 6.772   3.970   -4.524  1.00 26.24  ? 108 PHE A CG  1 
ATOM   911  C  CD1 . PHE A 1 109 ? 5.542   4.536   -4.802  1.00 25.24  ? 108 PHE A CD1 1 
ATOM   912  C  CD2 . PHE A 1 109 ? 7.702   3.888   -5.545  1.00 25.68  ? 108 PHE A CD2 1 
ATOM   913  C  CE1 . PHE A 1 109 ? 5.244   5.016   -6.071  1.00 25.51  ? 108 PHE A CE1 1 
ATOM   914  C  CE2 . PHE A 1 109 ? 7.398   4.342   -6.820  1.00 28.12  ? 108 PHE A CE2 1 
ATOM   915  C  CZ  . PHE A 1 109 ? 6.169   4.913   -7.083  1.00 29.09  ? 108 PHE A CZ  1 
ATOM   916  N  N   . LEU A 1 110 ? 5.700   4.043   -0.331  1.00 24.48  ? 109 LEU A N   1 
ATOM   917  C  CA  . LEU A 1 110 ? 5.227   3.258   0.836   1.00 26.47  ? 109 LEU A CA  1 
ATOM   918  C  C   . LEU A 1 110 ? 4.668   1.922   0.339   1.00 26.05  ? 109 LEU A C   1 
ATOM   919  O  O   . LEU A 1 110 ? 3.695   1.944   -0.399  1.00 24.70  ? 109 LEU A O   1 
ATOM   920  C  CB  . LEU A 1 110 ? 4.173   4.070   1.583   1.00 25.89  ? 109 LEU A CB  1 
ATOM   921  C  CG  . LEU A 1 110 ? 3.706   3.542   2.925   1.00 29.82  ? 109 LEU A CG  1 
ATOM   922  C  CD1 . LEU A 1 110 ? 4.889   3.362   3.902   1.00 30.25  ? 109 LEU A CD1 1 
ATOM   923  C  CD2 . LEU A 1 110 ? 2.677   4.532   3.508   1.00 28.66  ? 109 LEU A CD2 1 
ATOM   924  N  N   . TYR A 1 111 ? 5.252   0.804   0.786   1.00 25.32  ? 110 TYR A N   1 
ATOM   925  C  CA  . TYR A 1 111 ? 4.977   -0.568  0.283   1.00 25.70  ? 110 TYR A CA  1 
ATOM   926  C  C   . TYR A 1 111 ? 4.005   -1.265  1.233   1.00 26.90  ? 110 TYR A C   1 
ATOM   927  O  O   . TYR A 1 111 ? 4.200   -1.294  2.467   1.00 26.02  ? 110 TYR A O   1 
ATOM   928  C  CB  . TYR A 1 111 ? 6.294   -1.335  0.069   1.00 26.05  ? 110 TYR A CB  1 
ATOM   929  C  CG  . TYR A 1 111 ? 7.058   -0.901  -1.164  1.00 23.56  ? 110 TYR A CG  1 
ATOM   930  C  CD1 . TYR A 1 111 ? 7.973   0.139   -1.132  1.00 25.11  ? 110 TYR A CD1 1 
ATOM   931  C  CD2 . TYR A 1 111 ? 6.829   -1.500  -2.387  1.00 25.62  ? 110 TYR A CD2 1 
ATOM   932  C  CE1 . TYR A 1 111 ? 8.654   0.551   -2.274  1.00 24.26  ? 110 TYR A CE1 1 
ATOM   933  C  CE2 . TYR A 1 111 ? 7.510   -1.110  -3.532  1.00 24.43  ? 110 TYR A CE2 1 
ATOM   934  C  CZ  . TYR A 1 111 ? 8.428   -0.078  -3.486  1.00 24.47  ? 110 TYR A CZ  1 
ATOM   935  O  OH  . TYR A 1 111 ? 9.055   0.299   -4.646  1.00 26.09  ? 110 TYR A OH  1 
ATOM   936  N  N   . MET A 1 112 ? 2.939   -1.818  0.670   1.00 26.58  ? 111 MET A N   1 
ATOM   937  C  CA  . MET A 1 112 ? 1.936   -2.575  1.449   1.00 26.71  ? 111 MET A CA  1 
ATOM   938  C  C   . MET A 1 112 ? 1.664   -3.911  0.764   1.00 27.28  ? 111 MET A C   1 
ATOM   939  O  O   . MET A 1 112 ? 1.707   -3.998  -0.484  1.00 25.97  ? 111 MET A O   1 
ATOM   940  C  CB  . MET A 1 112 ? 0.637   -1.778  1.588   1.00 26.18  ? 111 MET A CB  1 
ATOM   941  C  CG  . MET A 1 112 ? 0.906   -0.395  2.125   1.00 27.73  ? 111 MET A CG  1 
ATOM   942  S  SD  . MET A 1 112 ? -0.600  0.415   2.670   1.00 29.34  ? 111 MET A SD  1 
ATOM   943  C  CE  . MET A 1 112 ? 0.110   1.925   3.318   1.00 29.47  ? 111 MET A CE  1 
ATOM   944  N  N   A VAL A 1 113 ? 1.421   -4.940  1.580   0.41 27.31  ? 112 VAL A N   1 
ATOM   945  N  N   B VAL A 1 113 ? 1.408   -4.956  1.553   0.10 27.37  ? 112 VAL A N   1 
ATOM   946  C  CA  A VAL A 1 113 ? 1.055   -6.304  1.104   0.41 29.06  ? 112 VAL A CA  1 
ATOM   947  C  CA  B VAL A 1 113 ? 1.038   -6.300  1.017   0.10 28.01  ? 112 VAL A CA  1 
ATOM   948  C  C   A VAL A 1 113 ? -0.174  -6.766  1.875   0.41 28.12  ? 112 VAL A C   1 
ATOM   949  C  C   B VAL A 1 113 ? -0.096  -6.874  1.868   0.10 27.91  ? 112 VAL A C   1 
ATOM   950  O  O   A VAL A 1 113 ? -0.233  -6.491  3.078   0.41 28.96  ? 112 VAL A O   1 
ATOM   951  O  O   B VAL A 1 113 ? -0.012  -6.786  3.108   0.10 27.84  ? 112 VAL A O   1 
ATOM   952  C  CB  A VAL A 1 113 ? 2.207   -7.307  1.285   0.41 30.08  ? 112 VAL A CB  1 
ATOM   953  C  CB  B VAL A 1 113 ? 2.251   -7.250  0.946   0.10 28.32  ? 112 VAL A CB  1 
ATOM   954  C  CG1 A VAL A 1 113 ? 1.826   -8.668  0.726   0.41 31.51  ? 112 VAL A CG1 1 
ATOM   955  C  CG1 B VAL A 1 113 ? 3.263   -6.791  -0.092  0.10 28.35  ? 112 VAL A CG1 1 
ATOM   956  C  CG2 A VAL A 1 113 ? 3.501   -6.798  0.665   0.41 29.81  ? 112 VAL A CG2 1 
ATOM   957  C  CG2 B VAL A 1 113 ? 2.915   -7.431  2.299   0.10 28.73  ? 112 VAL A CG2 1 
ATOM   958  N  N   . TYR A 1 114 ? -1.105  -7.447  1.202   1.00 27.74  ? 113 TYR A N   1 
ATOM   959  C  CA  . TYR A 1 114 ? -2.346  -7.943  1.828   1.00 29.60  ? 113 TYR A CA  1 
ATOM   960  C  C   . TYR A 1 114 ? -2.499  -9.442  1.576   1.00 33.19  ? 113 TYR A C   1 
ATOM   961  O  O   . TYR A 1 114 ? -2.092  -9.957  0.506   1.00 32.49  ? 113 TYR A O   1 
ATOM   962  C  CB  . TYR A 1 114 ? -3.583  -7.196  1.318   1.00 28.71  ? 113 TYR A CB  1 
ATOM   963  C  CG  . TYR A 1 114 ? -3.955  -7.375  -0.133  1.00 29.09  ? 113 TYR A CG  1 
ATOM   964  C  CD1 . TYR A 1 114 ? -3.514  -6.499  -1.110  1.00 27.75  ? 113 TYR A CD1 1 
ATOM   965  C  CD2 . TYR A 1 114 ? -4.846  -8.374  -0.518  1.00 29.53  ? 113 TYR A CD2 1 
ATOM   966  C  CE1 . TYR A 1 114 ? -3.882  -6.650  -2.439  1.00 29.85  ? 113 TYR A CE1 1 
ATOM   967  C  CE2 . TYR A 1 114 ? -5.224  -8.539  -1.842  1.00 29.58  ? 113 TYR A CE2 1 
ATOM   968  C  CZ  . TYR A 1 114 ? -4.750  -7.673  -2.801  1.00 30.43  ? 113 TYR A CZ  1 
ATOM   969  O  OH  . TYR A 1 114 ? -5.162  -7.840  -4.083  1.00 31.15  ? 113 TYR A OH  1 
ATOM   970  N  N   . ALA A 1 115 ? -3.139  -10.082 2.549   1.00 34.05  ? 114 ALA A N   1 
ATOM   971  C  CA  . ALA A 1 115 ? -3.459  -11.528 2.556   1.00 35.76  ? 114 ALA A CA  1 
ATOM   972  C  C   . ALA A 1 115 ? -4.732  -11.770 3.377   1.00 37.49  ? 114 ALA A C   1 
ATOM   973  O  O   . ALA A 1 115 ? -5.138  -10.860 4.125   1.00 36.76  ? 114 ALA A O   1 
ATOM   974  C  CB  . ALA A 1 115 ? -2.292  -12.278 3.140   1.00 36.18  ? 114 ALA A CB  1 
ATOM   975  N  N   . SER A 1 116 ? -5.317  -12.969 3.263   1.00 39.96  ? 115 SER A N   1 
ATOM   976  C  CA  . SER A 1 116 ? -6.519  -13.402 4.031   1.00 44.05  ? 115 SER A CA  1 
ATOM   977  C  C   . SER A 1 116 ? -6.110  -14.043 5.357   1.00 50.21  ? 115 SER A C   1 
ATOM   978  O  O   . SER A 1 116 ? -7.023  -14.267 6.186   1.00 48.45  ? 115 SER A O   1 
ATOM   979  C  CB  . SER A 1 116 ? -7.390  -14.346 3.227   1.00 43.99  ? 115 SER A CB  1 
ATOM   980  O  OG  . SER A 1 116 ? -6.609  -15.364 2.643   1.00 48.54  ? 115 SER A OG  1 
ATOM   981  N  N   . GLN A 1 117 ? -4.814  -14.343 5.537   1.00 48.13  ? 116 GLN A N   1 
ATOM   982  C  CA  . GLN A 1 117 ? -4.259  -14.897 6.800   1.00 50.22  ? 116 GLN A CA  1 
ATOM   983  C  C   . GLN A 1 117 ? -3.258  -13.886 7.374   1.00 53.88  ? 116 GLN A C   1 
ATOM   984  O  O   . GLN A 1 117 ? -2.543  -13.232 6.568   1.00 48.19  ? 116 GLN A O   1 
ATOM   985  C  CB  . GLN A 1 117 ? -3.585  -16.254 6.576   1.00 44.22  ? 116 GLN A CB  1 
ATOM   986  N  N   . GLU A 1 118 ? -3.223  -13.771 8.705   1.00 59.58  ? 117 GLU A N   1 
ATOM   987  C  CA  . GLU A 1 118 ? -2.210  -13.020 9.501   1.00 71.23  ? 117 GLU A CA  1 
ATOM   988  C  C   . GLU A 1 118 ? -0.798  -13.540 9.214   1.00 74.47  ? 117 GLU A C   1 
ATOM   989  O  O   . GLU A 1 118 ? 0.129   -12.714 9.105   1.00 74.59  ? 117 GLU A O   1 
ATOM   990  C  CB  . GLU A 1 118 ? -2.462  -13.209 10.998  1.00 79.92  ? 117 GLU A CB  1 
ATOM   991  C  CG  . GLU A 1 118 ? -2.797  -11.927 11.736  1.00 89.74  ? 117 GLU A CG  1 
ATOM   992  C  CD  . GLU A 1 118 ? -3.609  -12.146 12.998  1.00 91.98  ? 117 GLU A CD  1 
ATOM   993  O  OE1 . GLU A 1 118 ? -4.326  -13.169 13.067  1.00 97.89  ? 117 GLU A OE1 1 
ATOM   994  O  OE2 . GLU A 1 118 ? -3.519  -11.299 13.904  1.00 97.62  ? 117 GLU A OE2 1 
ATOM   995  N  N   . THR A 1 119 ? -0.641  -14.865 9.190   1.00 80.85  ? 118 THR A N   1 
ATOM   996  C  CA  . THR A 1 119 ? 0.604   -15.571 8.790   1.00 89.95  ? 118 THR A CA  1 
ATOM   997  C  C   . THR A 1 119 ? 0.774   -15.429 7.269   1.00 97.68  ? 118 THR A C   1 
ATOM   998  O  O   . THR A 1 119 ? 0.073   -16.158 6.529   1.00 115.97 ? 118 THR A O   1 
ATOM   999  C  CB  . THR A 1 119 ? 0.561   -17.034 9.257   1.00 83.26  ? 118 THR A CB  1 
ATOM   1000 N  N   . PHE A 1 120 ? 1.632   -14.500 6.821   1.00 92.21  ? 119 PHE A N   1 
ATOM   1001 C  CA  . PHE A 1 120 ? 1.967   -14.268 5.390   1.00 88.11  ? 119 PHE A CA  1 
ATOM   1002 C  C   . PHE A 1 120 ? 3.031   -15.287 4.966   1.00 94.32  ? 119 PHE A C   1 
ATOM   1003 O  O   . PHE A 1 120 ? 4.191   -14.940 4.736   1.00 97.44  ? 119 PHE A O   1 
ATOM   1004 C  CB  . PHE A 1 120 ? 2.452   -12.834 5.150   1.00 86.43  ? 119 PHE A CB  1 
ATOM   1005 C  CG  . PHE A 1 120 ? 1.367   -11.784 5.121   1.00 86.54  ? 119 PHE A CG  1 
ATOM   1006 C  CD1 . PHE A 1 120 ? 0.630   -11.497 6.263   1.00 85.67  ? 119 PHE A CD1 1 
ATOM   1007 C  CD2 . PHE A 1 120 ? 1.098   -11.057 3.965   1.00 79.19  ? 119 PHE A CD2 1 
ATOM   1008 C  CE1 . PHE A 1 120 ? -0.360  -10.523 6.253   1.00 77.89  ? 119 PHE A CE1 1 
ATOM   1009 C  CE2 . PHE A 1 120 ? 0.105   -10.084 3.957   1.00 73.77  ? 119 PHE A CE2 1 
ATOM   1010 C  CZ  . PHE A 1 120 ? -0.625  -9.822  5.096   1.00 74.88  ? 119 PHE A CZ  1 
HETATM 1011 N  N1  . RV4 B 2 .   ? 12.548  16.292  -6.840  0.92 41.44  ? 201 RV4 A N1  1 
HETATM 1012 C  C4  . RV4 B 2 .   ? 13.928  15.800  -4.863  0.92 42.21  ? 201 RV4 A C4  1 
HETATM 1013 C  C5  . RV4 B 2 .   ? 15.174  15.556  -4.309  0.92 45.69  ? 201 RV4 A C5  1 
HETATM 1014 C  C6  . RV4 B 2 .   ? 16.314  15.535  -5.093  0.92 44.45  ? 201 RV4 A C6  1 
HETATM 1015 C  C7  . RV4 B 2 .   ? 16.184  15.762  -6.451  0.92 43.62  ? 201 RV4 A C7  1 
HETATM 1016 C  C8  . RV4 B 2 .   ? 14.943  15.998  -7.021  0.92 43.28  ? 201 RV4 A C8  1 
HETATM 1017 C  C10 . RV4 B 2 .   ? 19.067  17.193  -5.076  0.92 55.63  ? 201 RV4 A C10 1 
HETATM 1018 C  C13 . RV4 B 2 .   ? 19.194  16.301  -2.856  0.92 53.89  ? 201 RV4 A C13 1 
HETATM 1019 C  C1  . RV4 B 2 .   ? 10.185  16.604  -7.216  0.92 39.16  ? 201 RV4 A C1  1 
HETATM 1020 C  C11 . RV4 B 2 .   ? 19.563  18.550  -4.635  0.92 54.71  ? 201 RV4 A C11 1 
HETATM 1021 C  C12 . RV4 B 2 .   ? 20.353  17.269  -2.832  0.92 55.61  ? 201 RV4 A C12 1 
HETATM 1022 C  C2  . RV4 B 2 .   ? 11.306  16.226  -6.295  0.92 39.56  ? 201 RV4 A C2  1 
HETATM 1023 C  C3  . RV4 B 2 .   ? 13.801  16.022  -6.229  0.92 42.39  ? 201 RV4 A C3  1 
HETATM 1024 C  C9  . RV4 B 2 .   ? 17.668  15.296  -4.470  0.92 48.92  ? 201 RV4 A C9  1 
HETATM 1025 N  N2  . RV4 B 2 .   ? 18.319  16.531  -4.006  0.92 53.04  ? 201 RV4 A N2  1 
HETATM 1026 O  O1  . RV4 B 2 .   ? 11.093  15.877  -5.136  0.92 38.55  ? 201 RV4 A O1  1 
HETATM 1027 O  O2  . RV4 B 2 .   ? 20.000  18.572  -3.281  0.92 55.58  ? 201 RV4 A O2  1 
HETATM 1028 C  C1  . EDO C 3 .   ? 4.459   -4.079  14.687  1.00 68.01  ? 202 EDO A C1  1 
HETATM 1029 O  O1  . EDO C 3 .   ? 5.247   -4.974  13.906  1.00 73.03  ? 202 EDO A O1  1 
HETATM 1030 C  C2  . EDO C 3 .   ? 3.595   -4.736  15.701  1.00 65.62  ? 202 EDO A C2  1 
HETATM 1031 O  O2  . EDO C 3 .   ? 4.114   -4.632  17.022  1.00 50.46  ? 202 EDO A O2  1 
HETATM 1032 C  C1  . EDO D 3 .   ? -6.776  5.792   -3.386  1.00 49.89  ? 203 EDO A C1  1 
HETATM 1033 O  O1  . EDO D 3 .   ? -7.190  6.527   -2.270  1.00 58.45  ? 203 EDO A O1  1 
HETATM 1034 C  C2  . EDO D 3 .   ? -7.356  6.337   -4.625  1.00 51.93  ? 203 EDO A C2  1 
HETATM 1035 O  O2  . EDO D 3 .   ? -6.670  5.850   -5.751  1.00 52.20  ? 203 EDO A O2  1 
HETATM 1036 C  C1  . EDO E 3 .   ? 15.381  -1.189  -1.010  1.00 49.49  ? 204 EDO A C1  1 
HETATM 1037 O  O1  . EDO E 3 .   ? 14.813  -2.407  -1.490  1.00 47.45  ? 204 EDO A O1  1 
HETATM 1038 C  C2  . EDO E 3 .   ? 15.292  -0.012  -1.936  1.00 51.60  ? 204 EDO A C2  1 
HETATM 1039 O  O2  . EDO E 3 .   ? 14.197  -0.042  -2.836  1.00 51.22  ? 204 EDO A O2  1 
HETATM 1040 C  C1  . EDO F 3 .   ? -16.579 -2.000  7.677   1.00 46.27  ? 205 EDO A C1  1 
HETATM 1041 O  O1  . EDO F 3 .   ? -16.724 -0.709  8.298   1.00 44.79  ? 205 EDO A O1  1 
HETATM 1042 C  C2  . EDO F 3 .   ? -15.889 -1.931  6.376   1.00 44.04  ? 205 EDO A C2  1 
HETATM 1043 O  O2  . EDO F 3 .   ? -14.587 -2.435  6.323   1.00 42.17  ? 205 EDO A O2  1 
HETATM 1044 C  C1  . EDO G 3 .   ? -10.389 -1.091  10.916  1.00 59.83  ? 206 EDO A C1  1 
HETATM 1045 O  O1  . EDO G 3 .   ? -9.052  -1.446  11.234  1.00 55.06  ? 206 EDO A O1  1 
HETATM 1046 C  C2  . EDO G 3 .   ? -10.537 -0.551  9.513   1.00 52.17  ? 206 EDO A C2  1 
HETATM 1047 O  O2  . EDO G 3 .   ? -11.276 -1.337  8.605   1.00 68.28  ? 206 EDO A O2  1 
HETATM 1048 C  C1  . EDO H 3 .   ? 5.022   -9.536  -2.959  1.00 81.45  ? 207 EDO A C1  1 
HETATM 1049 O  O1  . EDO H 3 .   ? 5.396   -8.498  -2.068  1.00 76.69  ? 207 EDO A O1  1 
HETATM 1050 C  C2  . EDO H 3 .   ? 4.049   -10.497 -2.367  1.00 80.98  ? 207 EDO A C2  1 
HETATM 1051 O  O2  . EDO H 3 .   ? 4.642   -11.603 -1.678  1.00 71.82  ? 207 EDO A O2  1 
HETATM 1052 C  C1  . EDO I 3 .   ? 6.837   4.116   -11.490 1.00 71.69  ? 208 EDO A C1  1 
HETATM 1053 O  O1  . EDO I 3 .   ? 8.068   4.805   -11.673 1.00 63.07  ? 208 EDO A O1  1 
HETATM 1054 C  C2  . EDO I 3 .   ? 5.893   4.190   -12.657 1.00 74.61  ? 208 EDO A C2  1 
HETATM 1055 O  O2  . EDO I 3 .   ? 4.822   3.256   -12.594 1.00 73.69  ? 208 EDO A O2  1 
HETATM 1056 C  C1  . EDO J 3 .   ? 11.808  -6.424  1.222   1.00 70.24  ? 209 EDO A C1  1 
HETATM 1057 O  O1  . EDO J 3 .   ? 11.719  -6.607  -0.176  1.00 62.50  ? 209 EDO A O1  1 
HETATM 1058 C  C2  . EDO J 3 .   ? 10.650  -6.962  1.994   1.00 72.86  ? 209 EDO A C2  1 
HETATM 1059 O  O2  . EDO J 3 .   ? 10.668  -6.611  3.386   1.00 65.69  ? 209 EDO A O2  1 
HETATM 1060 C  C1  . EDO K 3 .   ? 2.992   1.461   11.127  1.00 62.95  ? 210 EDO A C1  1 
HETATM 1061 O  O1  . EDO K 3 .   ? 3.369   0.406   12.019  1.00 53.04  ? 210 EDO A O1  1 
HETATM 1062 C  C2  . EDO K 3 .   ? 1.520   1.569   10.843  1.00 68.41  ? 210 EDO A C2  1 
HETATM 1063 O  O2  . EDO K 3 .   ? 0.723   2.362   11.744  1.00 58.15  ? 210 EDO A O2  1 
HETATM 1064 CL CL  . CL  L 4 .   ? -2.438  17.027  -4.633  1.00 34.03  ? 211 CL  A CL  1 
HETATM 1065 O  O   . HOH M 5 .   ? -2.509  11.514  7.417   1.00 104.66 ? 301 HOH A O   1 
HETATM 1066 O  O   . HOH M 5 .   ? -20.508 -4.820  -5.503  1.00 47.72  ? 302 HOH A O   1 
HETATM 1067 O  O   . HOH M 5 .   ? 2.404   -5.856  -8.449  1.00 53.00  ? 303 HOH A O   1 
HETATM 1068 O  O   . HOH M 5 .   ? 2.912   8.805   14.418  1.00 51.43  ? 304 HOH A O   1 
HETATM 1069 O  O   . HOH M 5 .   ? 13.677  -4.373  -1.303  1.00 56.01  ? 305 HOH A O   1 
HETATM 1070 O  O   . HOH M 5 .   ? -1.152  -15.562 -4.390  1.00 62.93  ? 306 HOH A O   1 
HETATM 1071 O  O   . HOH M 5 .   ? 6.203   9.445   11.516  1.00 44.80  ? 307 HOH A O   1 
HETATM 1072 O  O   . HOH M 5 .   ? 9.654   -7.283  -4.692  1.00 58.85  ? 308 HOH A O   1 
HETATM 1073 O  O   . HOH M 5 .   ? -4.704  6.411   -7.261  1.00 35.84  ? 309 HOH A O   1 
HETATM 1074 O  O   . HOH M 5 .   ? 2.625   -0.751  -12.305 1.00 61.72  ? 310 HOH A O   1 
HETATM 1075 O  O   . HOH M 5 .   ? -1.681  -4.540  -6.871  1.00 27.58  ? 311 HOH A O   1 
HETATM 1076 O  O   . HOH M 5 .   ? 13.081  -1.424  1.920   1.00 49.45  ? 312 HOH A O   1 
HETATM 1077 O  O   . HOH M 5 .   ? -1.197  -4.880  9.929   1.00 37.78  ? 313 HOH A O   1 
HETATM 1078 O  O   . HOH M 5 .   ? 4.663   -0.818  -13.449 1.00 54.60  ? 314 HOH A O   1 
HETATM 1079 O  O   . HOH M 5 .   ? 10.324  -4.063  -0.281  1.00 40.79  ? 315 HOH A O   1 
HETATM 1080 O  O   . HOH M 5 .   ? -2.661  -0.679  18.422  1.00 41.58  ? 316 HOH A O   1 
HETATM 1081 O  O   . HOH M 5 .   ? -2.631  -2.353  14.655  1.00 55.36  ? 317 HOH A O   1 
HETATM 1082 O  O   . HOH M 5 .   ? 9.575   -0.756  2.237   1.00 29.52  ? 318 HOH A O   1 
HETATM 1083 O  O   . HOH M 5 .   ? -9.834  -6.054  -8.429  1.00 45.49  ? 319 HOH A O   1 
HETATM 1084 O  O   . HOH M 5 .   ? 8.194   3.994   -18.074 1.00 63.73  ? 320 HOH A O   1 
HETATM 1085 O  O   . HOH M 5 .   ? -1.436  4.940   -10.469 1.00 53.47  ? 321 HOH A O   1 
HETATM 1086 O  O   . HOH M 5 .   ? 12.254  -2.012  4.828   1.00 31.76  ? 322 HOH A O   1 
HETATM 1087 O  O   . HOH M 5 .   ? 3.250   13.466  -3.381  1.00 26.31  ? 323 HOH A O   1 
HETATM 1088 O  O   . HOH M 5 .   ? 10.375  -4.111  4.386   1.00 35.53  ? 324 HOH A O   1 
HETATM 1089 O  O   . HOH M 5 .   ? 4.246   -4.140  -1.899  1.00 30.21  ? 325 HOH A O   1 
HETATM 1090 O  O   . HOH M 5 .   ? -2.759  16.432  6.007   1.00 28.71  ? 326 HOH A O   1 
HETATM 1091 O  O   . HOH M 5 .   ? -0.963  -3.048  -11.941 1.00 43.89  ? 327 HOH A O   1 
HETATM 1092 O  O   . HOH M 5 .   ? -12.057 2.125   -2.740  1.00 25.20  ? 328 HOH A O   1 
HETATM 1093 O  O   . HOH M 5 .   ? 4.292   12.848  5.051   1.00 24.04  ? 329 HOH A O   1 
HETATM 1094 O  O   . HOH M 5 .   ? 11.538  4.531   6.661   1.00 37.04  ? 330 HOH A O   1 
HETATM 1095 O  O   . HOH M 5 .   ? -0.106  -8.202  14.055  1.00 77.39  ? 331 HOH A O   1 
HETATM 1096 O  O   . HOH M 5 .   ? 7.416   -4.571  -4.941  1.00 33.47  ? 332 HOH A O   1 
HETATM 1097 O  O   . HOH M 5 .   ? 4.376   15.279  -1.500  1.00 22.73  ? 333 HOH A O   1 
HETATM 1098 O  O   . HOH M 5 .   ? -5.026  14.939  -0.375  1.00 34.03  ? 334 HOH A O   1 
HETATM 1099 O  O   . HOH M 5 .   ? -8.229  -11.655 -8.751  1.00 50.32  ? 335 HOH A O   1 
HETATM 1100 O  O   . HOH M 5 .   ? 6.906   11.842  -1.380  1.00 29.25  ? 336 HOH A O   1 
HETATM 1101 O  O   . HOH M 5 .   ? -4.737  15.568  2.122   1.00 44.28  ? 337 HOH A O   1 
HETATM 1102 O  O   . HOH M 5 .   ? 12.790  6.855   6.517   1.00 47.46  ? 338 HOH A O   1 
HETATM 1103 O  O   . HOH M 5 .   ? -14.929 -1.317  3.730   1.00 32.36  ? 339 HOH A O   1 
HETATM 1104 O  O   . HOH M 5 .   ? 13.609  11.663  -4.208  1.00 40.32  ? 340 HOH A O   1 
HETATM 1105 O  O   . HOH M 5 .   ? -5.226  -15.224 10.121  1.00 58.44  ? 341 HOH A O   1 
HETATM 1106 O  O   . HOH M 5 .   ? 12.336  0.566   7.519   1.00 36.26  ? 342 HOH A O   1 
HETATM 1107 O  O   . HOH M 5 .   ? 4.643   -4.390  3.165   1.00 27.91  ? 343 HOH A O   1 
HETATM 1108 O  O   . HOH M 5 .   ? -0.158  -7.991  -6.483  1.00 44.00  ? 344 HOH A O   1 
HETATM 1109 O  O   . HOH M 5 .   ? -0.390  -12.924 -5.454  1.00 52.15  ? 345 HOH A O   1 
HETATM 1110 O  O   . HOH M 5 .   ? 6.128   18.858  -3.748  1.00 25.78  ? 346 HOH A O   1 
HETATM 1111 O  O   . HOH M 5 .   ? 7.847   -8.948  5.220   1.00 46.10  ? 347 HOH A O   1 
HETATM 1112 O  O   . HOH M 5 .   ? -18.897 -8.653  -2.135  1.00 46.84  ? 348 HOH A O   1 
HETATM 1113 O  O   . HOH M 5 .   ? 7.513   1.061   2.561   1.00 26.68  ? 349 HOH A O   1 
HETATM 1114 O  O   . HOH M 5 .   ? -9.661  -3.857  -7.390  1.00 34.58  ? 350 HOH A O   1 
HETATM 1115 O  O   . HOH M 5 .   ? -3.947  15.336  -6.546  1.00 31.68  ? 351 HOH A O   1 
HETATM 1116 O  O   . HOH M 5 .   ? 12.635  1.913   4.871   1.00 44.40  ? 352 HOH A O   1 
HETATM 1117 O  O   . HOH M 5 .   ? -3.868  -16.894 4.513   1.00 57.64  ? 353 HOH A O   1 
HETATM 1118 O  O   . HOH M 5 .   ? 6.085   11.658  11.692  1.00 52.76  ? 354 HOH A O   1 
HETATM 1119 O  O   . HOH M 5 .   ? -6.529  -5.482  8.652   1.00 54.39  ? 355 HOH A O   1 
HETATM 1120 O  O   . HOH M 5 .   ? -17.207 -3.882  0.107   1.00 34.76  ? 356 HOH A O   1 
HETATM 1121 O  O   . HOH M 5 .   ? -10.112 -6.168  7.360   1.00 40.50  ? 357 HOH A O   1 
HETATM 1122 O  O   . HOH M 5 .   ? -9.199  8.860   8.162   1.00 30.67  ? 358 HOH A O   1 
HETATM 1123 O  O   . HOH M 5 .   ? -0.300  0.676   -11.228 1.00 28.33  ? 359 HOH A O   1 
HETATM 1124 O  O   . HOH M 5 .   ? -2.931  -6.903  -6.477  1.00 38.14  ? 360 HOH A O   1 
HETATM 1125 O  O   . HOH M 5 .   ? 12.033  9.581   -4.529  1.00 36.31  ? 361 HOH A O   1 
HETATM 1126 O  O   . HOH M 5 .   ? 14.207  1.063   2.454   1.00 37.78  ? 362 HOH A O   1 
HETATM 1127 O  O   . HOH M 5 .   ? -4.494  1.166   18.022  1.00 60.56  ? 363 HOH A O   1 
HETATM 1128 O  O   . HOH M 5 .   ? -4.373  -5.421  9.007   1.00 44.58  ? 364 HOH A O   1 
HETATM 1129 O  O   . HOH M 5 .   ? 5.313   11.511  -3.734  1.00 24.93  ? 365 HOH A O   1 
HETATM 1130 O  O   . HOH M 5 .   ? -15.333 -2.181  10.696  1.00 61.87  ? 366 HOH A O   1 
HETATM 1131 O  O   . HOH M 5 .   ? -9.802  -9.213  8.968   1.00 43.80  ? 367 HOH A O   1 
HETATM 1132 O  O   . HOH M 5 .   ? -10.728 -13.663 2.607   1.00 53.27  ? 368 HOH A O   1 
HETATM 1133 O  O   . HOH M 5 .   ? 6.475   -9.485  9.534   1.00 42.95  ? 369 HOH A O   1 
HETATM 1134 O  O   . HOH M 5 .   ? -11.460 -15.187 4.530   1.00 52.69  ? 370 HOH A O   1 
HETATM 1135 O  O   . HOH M 5 .   ? -12.048 4.363   9.443   1.00 38.04  ? 371 HOH A O   1 
HETATM 1136 O  O   . HOH M 5 .   ? -5.634  18.709  -2.178  1.00 50.58  ? 372 HOH A O   1 
HETATM 1137 O  O   . HOH M 5 .   ? -4.658  -17.978 1.277   1.00 57.76  ? 373 HOH A O   1 
HETATM 1138 O  O   . HOH M 5 .   ? -1.269  -14.129 13.654  1.00 68.00  ? 374 HOH A O   1 
HETATM 1139 O  O   . HOH M 5 .   ? -4.678  -0.543  16.038  1.00 66.99  ? 375 HOH A O   1 
HETATM 1140 O  O   . HOH M 5 .   ? -1.560  20.002  -8.146  1.00 47.05  ? 376 HOH A O   1 
HETATM 1141 O  O   . HOH M 5 .   ? 1.573   9.223   -11.053 1.00 60.71  ? 377 HOH A O   1 
HETATM 1142 O  O   . HOH M 5 .   ? 7.606   -7.663  2.555   1.00 50.68  ? 378 HOH A O   1 
HETATM 1143 O  O   . HOH M 5 .   ? 3.393   13.555  -16.958 1.00 51.36  ? 379 HOH A O   1 
HETATM 1144 O  O   . HOH M 5 .   ? -3.050  -5.237  -11.677 1.00 47.45  ? 380 HOH A O   1 
HETATM 1145 O  O   . HOH M 5 .   ? 6.148   -5.381  -0.787  1.00 36.64  ? 381 HOH A O   1 
HETATM 1146 O  O   . HOH M 5 .   ? 5.828   5.242   -16.713 1.00 56.59  ? 382 HOH A O   1 
HETATM 1147 O  O   . HOH M 5 .   ? 6.739   -5.089  1.614   1.00 35.14  ? 383 HOH A O   1 
HETATM 1148 O  O   . HOH M 5 .   ? 10.274  0.108   -18.621 1.00 54.79  ? 384 HOH A O   1 
HETATM 1149 O  O   . HOH M 5 .   ? -0.114  -1.229  -12.879 1.00 69.52  ? 385 HOH A O   1 
HETATM 1150 O  O   . HOH M 5 .   ? 16.706  9.282   -3.763  1.00 41.96  ? 386 HOH A O   1 
HETATM 1151 O  O   . HOH M 5 .   ? 8.920   -3.494  1.880   1.00 39.27  ? 387 HOH A O   1 
HETATM 1152 O  O   . HOH M 5 .   ? -4.526  18.177  2.130   1.00 60.87  ? 388 HOH A O   1 
HETATM 1153 O  O   . HOH M 5 .   ? -1.094  2.981   -12.276 1.00 55.03  ? 389 HOH A O   1 
HETATM 1154 O  O   . HOH M 5 .   ? -10.109 11.995  -0.294  1.00 44.46  ? 390 HOH A O   1 
HETATM 1155 O  O   . HOH M 5 .   ? 8.649   -4.996  -2.748  1.00 38.19  ? 391 HOH A O   1 
HETATM 1156 O  O   . HOH M 5 .   ? -8.783  1.798   15.969  1.00 64.25  ? 392 HOH A O   1 
# 
